data_8VRC
#
_entry.id   8VRC
#
_entity_poly.entity_id   1
_entity_poly.type   'polypeptide(L)'
_entity_poly.pdbx_seq_one_letter_code
;TFQPIIFSTACEQEGVANWRNITEALLKQHNVHAPYCRFGKLEGNFALNKDKTSQEVIDQLVQDGLQFGESKVTIKVSEG
EALSKFWELHGRHYNGVMEL
;
_entity_poly.pdbx_strand_id   A
#
# COMPACT_ATOMS: atom_id res chain seq x y z
N THR A 1 -16.06 -9.32 -1.22
CA THR A 1 -15.71 -9.88 -2.52
C THR A 1 -14.82 -8.91 -3.30
N PHE A 2 -14.63 -7.71 -2.76
CA PHE A 2 -13.86 -6.68 -3.44
C PHE A 2 -12.37 -7.03 -3.44
N GLN A 3 -11.75 -6.98 -4.62
CA GLN A 3 -10.32 -7.20 -4.74
C GLN A 3 -9.63 -5.99 -5.36
N PRO A 4 -9.14 -5.08 -4.51
CA PRO A 4 -8.46 -3.86 -4.96
C PRO A 4 -7.05 -4.15 -5.48
N ILE A 5 -6.54 -3.24 -6.30
CA ILE A 5 -5.16 -3.32 -6.76
C ILE A 5 -4.19 -3.19 -5.58
N ILE A 6 -3.19 -4.07 -5.53
CA ILE A 6 -2.33 -4.19 -4.37
C ILE A 6 -0.97 -3.53 -4.62
N PHE A 7 -0.50 -2.76 -3.65
CA PHE A 7 0.85 -2.20 -3.70
C PHE A 7 1.66 -2.64 -2.50
N SER A 8 2.97 -2.82 -2.71
CA SER A 8 3.87 -3.23 -1.63
C SER A 8 4.82 -2.10 -1.28
N THR A 9 5.18 -2.02 0.00
CA THR A 9 6.06 -0.96 0.49
C THR A 9 7.22 -1.54 1.28
N ALA A 10 8.36 -0.84 1.25
CA ALA A 10 9.51 -1.21 2.07
C ALA A 10 10.21 0.02 2.62
N CYS A 11 10.58 -0.04 3.90
CA CYS A 11 11.22 1.10 4.56
C CYS A 11 12.73 0.92 4.63
N GLU A 12 13.44 2.03 4.77
CA GLU A 12 14.89 1.99 4.95
C GLU A 12 15.25 1.74 6.42
N GLN A 13 14.38 2.17 7.32
CA GLN A 13 14.62 2.03 8.74
C GLN A 13 13.34 1.64 9.48
N GLU A 14 13.49 0.95 10.59
CA GLU A 14 12.35 0.57 11.42
C GLU A 14 11.79 1.76 12.18
N GLY A 15 10.48 1.81 12.31
CA GLY A 15 9.85 2.80 13.17
C GLY A 15 9.59 4.11 12.45
N VAL A 16 9.92 4.16 11.17
CA VAL A 16 9.74 5.36 10.37
C VAL A 16 8.29 5.52 9.94
N ALA A 17 7.58 4.39 9.83
CA ALA A 17 6.22 4.39 9.33
C ALA A 17 5.37 3.35 10.03
N ASN A 18 4.06 3.56 10.04
CA ASN A 18 3.11 2.53 10.48
C ASN A 18 1.86 2.53 9.60
N TRP A 19 1.02 1.52 9.78
CA TRP A 19 -0.15 1.34 8.95
C TRP A 19 -1.03 2.59 9.00
N ARG A 20 -1.14 3.20 10.18
CA ARG A 20 -1.92 4.42 10.34
C ARG A 20 -1.23 5.59 9.64
N ASN A 21 0.07 5.74 9.86
CA ASN A 21 0.83 6.82 9.27
C ASN A 21 0.86 6.70 7.74
N ILE A 22 0.98 5.48 7.25
CA ILE A 22 1.02 5.22 5.83
C ILE A 22 -0.29 5.61 5.15
N THR A 23 -1.41 5.27 5.79
CA THR A 23 -2.72 5.61 5.28
C THR A 23 -2.90 7.12 5.20
N GLU A 24 -2.47 7.81 6.25
CA GLU A 24 -2.53 9.28 6.28
C GLU A 24 -1.56 9.88 5.27
N ALA A 25 -0.35 9.33 5.22
CA ALA A 25 0.67 9.82 4.30
C ALA A 25 0.24 9.59 2.85
N LEU A 26 -0.32 8.41 2.57
CA LEU A 26 -0.73 8.06 1.22
C LEU A 26 -1.86 8.95 0.75
N LEU A 27 -2.82 9.23 1.63
CA LEU A 27 -3.96 10.06 1.30
C LEU A 27 -3.52 11.49 1.00
N LYS A 28 -2.77 12.08 1.92
CA LYS A 28 -2.39 13.49 1.82
C LYS A 28 -1.45 13.71 0.64
N GLN A 29 -0.51 12.80 0.47
CA GLN A 29 0.59 13.02 -0.47
C GLN A 29 0.14 12.74 -1.91
N HIS A 30 -0.81 11.82 -2.06
CA HIS A 30 -1.21 11.36 -3.38
C HIS A 30 -2.70 11.63 -3.61
N ASN A 31 -3.39 12.06 -2.56
CA ASN A 31 -4.81 12.37 -2.67
C ASN A 31 -5.61 11.15 -3.10
N VAL A 32 -5.27 9.99 -2.56
CA VAL A 32 -5.98 8.76 -2.83
C VAL A 32 -6.45 8.08 -1.55
N HIS A 33 -7.57 7.38 -1.62
CA HIS A 33 -8.14 6.70 -0.46
C HIS A 33 -7.90 5.20 -0.55
N ALA A 34 -7.25 4.65 0.48
CA ALA A 34 -6.95 3.22 0.51
C ALA A 34 -7.98 2.46 1.35
N PRO A 35 -8.62 1.46 0.74
CA PRO A 35 -9.56 0.58 1.44
C PRO A 35 -8.85 -0.43 2.34
N TYR A 36 -7.56 -0.60 2.12
CA TYR A 36 -6.78 -1.58 2.87
C TYR A 36 -5.35 -1.09 3.09
N CYS A 37 -4.88 -1.19 4.32
CA CYS A 37 -3.49 -0.89 4.65
C CYS A 37 -2.99 -1.77 5.79
N ARG A 38 -1.85 -2.41 5.57
CA ARG A 38 -1.21 -3.21 6.61
C ARG A 38 0.30 -2.96 6.63
N PHE A 39 0.87 -2.89 7.82
CA PHE A 39 2.29 -2.66 7.97
C PHE A 39 2.91 -3.67 8.94
N GLY A 40 4.02 -4.28 8.52
CA GLY A 40 4.76 -5.15 9.41
C GLY A 40 5.85 -4.43 10.18
N LYS A 41 7.02 -5.03 10.28
CA LYS A 41 8.11 -4.46 11.06
C LYS A 41 8.88 -3.43 10.24
N LEU A 42 9.25 -3.80 9.01
CA LEU A 42 10.06 -2.94 8.16
C LEU A 42 9.39 -2.73 6.81
N GLU A 43 8.30 -3.46 6.57
CA GLU A 43 7.63 -3.44 5.28
C GLU A 43 6.12 -3.61 5.45
N GLY A 44 5.37 -3.22 4.42
CA GLY A 44 3.92 -3.29 4.49
C GLY A 44 3.28 -3.23 3.12
N ASN A 45 1.95 -3.26 3.09
CA ASN A 45 1.21 -3.23 1.84
C ASN A 45 0.00 -2.30 1.94
N PHE A 46 -0.48 -1.83 0.79
CA PHE A 46 -1.74 -1.10 0.73
C PHE A 46 -2.43 -1.31 -0.60
N ALA A 47 -3.72 -0.98 -0.66
CA ALA A 47 -4.51 -1.16 -1.87
C ALA A 47 -5.17 0.14 -2.29
N LEU A 48 -5.52 0.24 -3.57
CA LEU A 48 -6.35 1.34 -4.05
C LEU A 48 -7.47 0.80 -4.96
N ASN A 49 -8.58 1.52 -5.00
CA ASN A 49 -9.74 1.10 -5.78
C ASN A 49 -9.47 1.23 -7.28
N LYS A 50 -10.00 0.30 -8.05
CA LYS A 50 -9.83 0.31 -9.50
C LYS A 50 -10.37 1.61 -10.08
N ASP A 51 -11.47 2.11 -9.52
CA ASP A 51 -12.03 3.39 -9.93
C ASP A 51 -11.18 4.55 -9.42
N LYS A 52 -10.50 4.31 -8.29
CA LYS A 52 -9.71 5.36 -7.66
C LYS A 52 -8.21 5.13 -7.92
N THR A 53 -7.91 4.23 -8.85
CA THR A 53 -6.53 4.03 -9.29
C THR A 53 -6.34 4.49 -10.73
N SER A 54 -5.39 5.38 -10.94
CA SER A 54 -5.04 5.83 -12.29
C SER A 54 -3.57 5.51 -12.60
N GLN A 55 -3.25 5.43 -13.89
CA GLN A 55 -1.89 5.19 -14.31
C GLN A 55 -0.94 6.27 -13.77
N GLU A 56 -1.43 7.50 -13.73
CA GLU A 56 -0.62 8.62 -13.26
C GLU A 56 -0.29 8.47 -11.78
N VAL A 57 -1.27 8.00 -11.01
CA VAL A 57 -1.06 7.70 -9.60
C VAL A 57 -0.06 6.57 -9.41
N ILE A 58 -0.20 5.53 -10.22
CA ILE A 58 0.67 4.36 -10.12
C ILE A 58 2.12 4.73 -10.40
N ASP A 59 2.33 5.51 -11.46
CA ASP A 59 3.67 5.98 -11.79
C ASP A 59 4.22 6.88 -10.69
N GLN A 60 3.36 7.73 -10.13
CA GLN A 60 3.76 8.62 -9.06
C GLN A 60 4.16 7.82 -7.81
N LEU A 61 3.38 6.79 -7.49
CA LEU A 61 3.60 6.01 -6.28
C LEU A 61 4.98 5.34 -6.31
N VAL A 62 5.30 4.72 -7.43
CA VAL A 62 6.56 4.00 -7.56
C VAL A 62 7.74 4.97 -7.59
N GLN A 63 7.60 6.05 -8.35
CA GLN A 63 8.70 6.98 -8.55
C GLN A 63 9.03 7.74 -7.27
N ASP A 64 8.00 8.28 -6.64
CA ASP A 64 8.19 9.17 -5.49
C ASP A 64 8.12 8.40 -4.18
N GLY A 65 7.44 7.26 -4.21
CA GLY A 65 7.18 6.52 -2.99
C GLY A 65 6.48 7.37 -1.94
N LEU A 66 6.58 6.96 -0.68
CA LEU A 66 6.03 7.74 0.42
C LEU A 66 7.15 8.35 1.26
N GLN A 67 7.02 9.63 1.59
CA GLN A 67 8.04 10.34 2.35
C GLN A 67 7.68 10.38 3.84
N PHE A 68 8.62 9.96 4.68
CA PHE A 68 8.46 10.09 6.12
C PHE A 68 9.67 10.79 6.75
N GLY A 69 9.64 12.12 6.72
CA GLY A 69 10.76 12.89 7.24
C GLY A 69 12.00 12.76 6.38
N GLU A 70 13.08 12.27 6.97
CA GLU A 70 14.33 12.08 6.24
C GLU A 70 14.43 10.65 5.69
N SER A 71 13.41 9.84 5.96
CA SER A 71 13.36 8.49 5.46
C SER A 71 12.42 8.37 4.26
N LYS A 72 12.77 7.51 3.32
CA LYS A 72 11.94 7.29 2.14
C LYS A 72 11.47 5.85 2.07
N VAL A 73 10.17 5.66 1.79
CA VAL A 73 9.60 4.32 1.67
C VAL A 73 9.21 4.03 0.23
N THR A 74 9.75 2.95 -0.32
CA THR A 74 9.54 2.61 -1.72
C THR A 74 8.22 1.88 -1.93
N ILE A 75 7.67 1.96 -3.13
CA ILE A 75 6.40 1.33 -3.44
C ILE A 75 6.50 0.46 -4.68
N LYS A 76 5.90 -0.73 -4.62
CA LYS A 76 5.91 -1.65 -5.75
C LYS A 76 4.49 -2.06 -6.13
N VAL A 77 4.24 -2.20 -7.43
CA VAL A 77 2.91 -2.50 -7.92
C VAL A 77 2.71 -3.99 -8.09
N SER A 78 1.76 -4.54 -7.34
CA SER A 78 1.39 -5.95 -7.47
C SER A 78 0.20 -6.11 -8.41
N GLU A 79 0.41 -6.86 -9.49
CA GLU A 79 -0.63 -7.04 -10.50
C GLU A 79 -0.52 -8.41 -11.16
N GLY A 80 -1.62 -8.86 -11.75
CA GLY A 80 -1.61 -10.13 -12.47
C GLY A 80 -1.28 -11.30 -11.57
N GLU A 81 -0.21 -12.02 -11.91
CA GLU A 81 0.19 -13.19 -11.14
C GLU A 81 0.55 -12.81 -9.71
N ALA A 82 1.24 -11.67 -9.55
CA ALA A 82 1.63 -11.20 -8.24
C ALA A 82 0.40 -10.90 -7.37
N LEU A 83 -0.64 -10.34 -7.99
CA LEU A 83 -1.87 -10.03 -7.28
C LEU A 83 -2.57 -11.31 -6.80
N SER A 84 -2.59 -12.31 -7.67
CA SER A 84 -3.20 -13.60 -7.33
C SER A 84 -2.46 -14.26 -6.17
N LYS A 85 -1.13 -14.18 -6.20
CA LYS A 85 -0.31 -14.75 -5.15
C LYS A 85 -0.57 -14.04 -3.83
N PHE A 86 -0.71 -12.73 -3.88
CA PHE A 86 -0.97 -11.94 -2.68
C PHE A 86 -2.28 -12.38 -2.01
N TRP A 87 -3.31 -12.58 -2.83
CA TRP A 87 -4.62 -12.96 -2.31
C TRP A 87 -4.57 -14.31 -1.61
N GLU A 88 -3.79 -15.23 -2.16
CA GLU A 88 -3.66 -16.56 -1.58
C GLU A 88 -2.90 -16.51 -0.26
N LEU A 89 -1.78 -15.78 -0.25
CA LEU A 89 -0.88 -15.78 0.90
C LEU A 89 -1.40 -14.86 2.00
N HIS A 90 -1.93 -13.71 1.59
CA HIS A 90 -2.30 -12.67 2.55
C HIS A 90 -3.82 -12.50 2.60
N GLY A 91 -4.54 -13.48 2.07
CA GLY A 91 -5.99 -13.39 2.01
C GLY A 91 -6.61 -13.19 3.38
N ARG A 92 -6.11 -13.93 4.37
CA ARG A 92 -6.65 -13.85 5.72
C ARG A 92 -6.32 -12.50 6.36
N HIS A 93 -5.14 -11.98 6.06
CA HIS A 93 -4.75 -10.65 6.54
C HIS A 93 -5.64 -9.57 5.94
N TYR A 94 -5.89 -9.68 4.64
CA TYR A 94 -6.71 -8.71 3.94
C TYR A 94 -8.13 -8.69 4.51
N ASN A 95 -8.69 -9.87 4.72
CA ASN A 95 -10.04 -9.98 5.26
C ASN A 95 -10.12 -9.40 6.66
N GLY A 96 -9.10 -9.67 7.47
CA GLY A 96 -9.10 -9.20 8.84
C GLY A 96 -9.08 -7.69 8.94
N VAL A 97 -8.27 -7.05 8.10
CA VAL A 97 -8.18 -5.60 8.09
C VAL A 97 -9.47 -4.98 7.57
N MET A 98 -10.03 -5.58 6.53
CA MET A 98 -11.26 -5.07 5.92
C MET A 98 -12.43 -5.17 6.89
N GLU A 99 -12.45 -6.23 7.68
CA GLU A 99 -13.51 -6.43 8.67
C GLU A 99 -13.45 -5.35 9.75
N LEU A 100 -12.24 -5.00 10.17
CA LEU A 100 -12.04 -3.98 11.18
C LEU A 100 -12.53 -2.61 10.69
N THR A 1 -16.23 -9.67 -2.48
CA THR A 1 -15.85 -9.85 -3.86
C THR A 1 -14.83 -8.79 -4.29
N PHE A 2 -14.60 -7.82 -3.42
CA PHE A 2 -13.72 -6.70 -3.74
C PHE A 2 -12.27 -7.14 -3.80
N GLN A 3 -11.63 -6.90 -4.95
CA GLN A 3 -10.21 -7.21 -5.12
C GLN A 3 -9.47 -5.99 -5.67
N PRO A 4 -8.99 -5.12 -4.76
CA PRO A 4 -8.28 -3.89 -5.13
C PRO A 4 -6.86 -4.18 -5.61
N ILE A 5 -6.32 -3.27 -6.41
CA ILE A 5 -4.92 -3.35 -6.82
C ILE A 5 -3.99 -3.18 -5.62
N ILE A 6 -2.99 -4.05 -5.52
CA ILE A 6 -2.14 -4.11 -4.33
C ILE A 6 -0.79 -3.48 -4.60
N PHE A 7 -0.32 -2.68 -3.65
CA PHE A 7 1.03 -2.10 -3.72
C PHE A 7 1.86 -2.51 -2.51
N SER A 8 3.15 -2.70 -2.74
CA SER A 8 4.06 -3.09 -1.67
C SER A 8 4.99 -1.94 -1.30
N THR A 9 5.35 -1.87 -0.01
CA THR A 9 6.20 -0.79 0.48
C THR A 9 7.40 -1.35 1.24
N ALA A 10 8.51 -0.61 1.20
CA ALA A 10 9.69 -0.97 1.98
C ALA A 10 10.36 0.27 2.55
N CYS A 11 10.81 0.18 3.79
CA CYS A 11 11.46 1.29 4.46
C CYS A 11 12.91 0.95 4.80
N GLU A 12 13.72 1.99 5.05
CA GLU A 12 15.12 1.79 5.39
C GLU A 12 15.29 1.62 6.89
N GLN A 13 14.27 2.03 7.65
CA GLN A 13 14.35 2.00 9.11
C GLN A 13 13.12 1.32 9.71
N GLU A 14 13.35 0.35 10.58
CA GLU A 14 12.27 -0.40 11.20
C GLU A 14 11.48 0.47 12.16
N GLY A 15 10.16 0.34 12.14
CA GLY A 15 9.32 1.05 13.08
C GLY A 15 9.14 2.50 12.71
N VAL A 16 9.68 2.90 11.57
CA VAL A 16 9.64 4.29 11.14
C VAL A 16 8.21 4.74 10.89
N ALA A 17 7.34 3.79 10.54
CA ALA A 17 5.94 4.10 10.24
C ALA A 17 5.03 2.93 10.60
N ASN A 18 3.76 3.23 10.81
CA ASN A 18 2.75 2.19 10.95
C ASN A 18 1.60 2.40 9.96
N TRP A 19 0.71 1.42 9.87
CA TRP A 19 -0.33 1.42 8.86
C TRP A 19 -1.23 2.65 9.00
N ARG A 20 -1.40 3.11 10.24
CA ARG A 20 -2.22 4.29 10.52
C ARG A 20 -1.56 5.54 9.93
N ASN A 21 -0.28 5.73 10.21
CA ASN A 21 0.46 6.87 9.69
C ASN A 21 0.56 6.80 8.17
N ILE A 22 0.77 5.59 7.65
CA ILE A 22 0.97 5.40 6.22
C ILE A 22 -0.30 5.76 5.45
N THR A 23 -1.45 5.37 5.98
CA THR A 23 -2.73 5.70 5.34
C THR A 23 -2.94 7.20 5.29
N GLU A 24 -2.60 7.89 6.38
CA GLU A 24 -2.71 9.34 6.43
C GLU A 24 -1.70 10.00 5.49
N ALA A 25 -0.48 9.49 5.51
CA ALA A 25 0.57 10.01 4.63
C ALA A 25 0.22 9.79 3.16
N LEU A 26 -0.27 8.60 2.85
CA LEU A 26 -0.58 8.23 1.47
C LEU A 26 -1.71 9.10 0.93
N LEU A 27 -2.72 9.32 1.75
CA LEU A 27 -3.88 10.12 1.35
C LEU A 27 -3.48 11.57 1.10
N LYS A 28 -2.81 12.17 2.07
CA LYS A 28 -2.50 13.59 2.02
C LYS A 28 -1.54 13.90 0.87
N GLN A 29 -0.53 13.06 0.70
CA GLN A 29 0.56 13.33 -0.22
C GLN A 29 0.14 13.07 -1.67
N HIS A 30 -0.75 12.09 -1.85
CA HIS A 30 -1.07 11.59 -3.18
C HIS A 30 -2.55 11.79 -3.49
N ASN A 31 -3.32 12.15 -2.47
CA ASN A 31 -4.75 12.38 -2.63
C ASN A 31 -5.45 11.10 -3.10
N VAL A 32 -5.06 9.97 -2.53
CA VAL A 32 -5.69 8.70 -2.84
C VAL A 32 -6.19 8.02 -1.58
N HIS A 33 -7.29 7.27 -1.70
CA HIS A 33 -7.87 6.57 -0.57
C HIS A 33 -7.59 5.08 -0.65
N ALA A 34 -6.96 4.53 0.39
CA ALA A 34 -6.61 3.13 0.41
C ALA A 34 -7.56 2.33 1.30
N PRO A 35 -8.36 1.47 0.67
CA PRO A 35 -9.29 0.59 1.39
C PRO A 35 -8.58 -0.37 2.34
N TYR A 36 -7.29 -0.59 2.09
CA TYR A 36 -6.51 -1.54 2.87
C TYR A 36 -5.08 -1.06 3.05
N CYS A 37 -4.60 -1.12 4.29
CA CYS A 37 -3.20 -0.81 4.58
C CYS A 37 -2.67 -1.69 5.71
N ARG A 38 -1.55 -2.35 5.45
CA ARG A 38 -0.89 -3.15 6.48
C ARG A 38 0.62 -2.91 6.47
N PHE A 39 1.21 -2.81 7.66
CA PHE A 39 2.64 -2.58 7.79
C PHE A 39 3.24 -3.45 8.89
N GLY A 40 4.35 -4.11 8.59
CA GLY A 40 5.09 -4.82 9.61
C GLY A 40 6.22 -3.99 10.19
N LYS A 41 7.39 -4.61 10.36
CA LYS A 41 8.54 -3.93 10.91
C LYS A 41 9.32 -3.19 9.83
N LEU A 42 9.58 -3.88 8.72
CA LEU A 42 10.45 -3.34 7.68
C LEU A 42 9.71 -3.28 6.35
N GLU A 43 8.50 -3.83 6.32
CA GLU A 43 7.78 -4.01 5.06
C GLU A 43 6.27 -3.90 5.29
N GLY A 44 5.55 -3.45 4.26
CA GLY A 44 4.11 -3.35 4.35
C GLY A 44 3.45 -3.26 2.99
N ASN A 45 2.13 -3.23 2.98
CA ASN A 45 1.38 -3.16 1.72
C ASN A 45 0.19 -2.21 1.86
N PHE A 46 -0.31 -1.72 0.72
CA PHE A 46 -1.57 -0.99 0.69
C PHE A 46 -2.28 -1.23 -0.65
N ALA A 47 -3.58 -0.95 -0.66
CA ALA A 47 -4.40 -1.20 -1.84
C ALA A 47 -5.15 0.05 -2.27
N LEU A 48 -5.44 0.15 -3.56
CA LEU A 48 -6.30 1.21 -4.08
C LEU A 48 -7.41 0.65 -4.96
N ASN A 49 -8.53 1.34 -5.00
CA ASN A 49 -9.69 0.90 -5.77
C ASN A 49 -9.42 1.04 -7.27
N LYS A 50 -9.89 0.06 -8.05
CA LYS A 50 -9.71 0.08 -9.49
C LYS A 50 -10.33 1.35 -10.10
N ASP A 51 -11.46 1.78 -9.54
CA ASP A 51 -12.09 3.02 -9.96
C ASP A 51 -11.30 4.22 -9.47
N LYS A 52 -10.60 4.06 -8.35
CA LYS A 52 -9.84 5.15 -7.75
C LYS A 52 -8.35 4.97 -7.98
N THR A 53 -8.01 4.06 -8.90
CA THR A 53 -6.63 3.90 -9.34
C THR A 53 -6.47 4.32 -10.79
N SER A 54 -5.54 5.25 -11.04
CA SER A 54 -5.24 5.69 -12.39
C SER A 54 -3.82 5.31 -12.78
N GLN A 55 -3.58 5.19 -14.09
CA GLN A 55 -2.25 4.89 -14.60
C GLN A 55 -1.24 5.92 -14.13
N GLU A 56 -1.65 7.19 -14.14
CA GLU A 56 -0.77 8.28 -13.72
C GLU A 56 -0.44 8.18 -12.23
N VAL A 57 -1.43 7.77 -11.45
CA VAL A 57 -1.23 7.58 -10.02
C VAL A 57 -0.22 6.46 -9.74
N ILE A 58 -0.35 5.36 -10.47
CA ILE A 58 0.51 4.20 -10.27
C ILE A 58 1.96 4.55 -10.55
N ASP A 59 2.21 5.21 -11.66
CA ASP A 59 3.56 5.65 -12.02
C ASP A 59 4.08 6.68 -11.02
N GLN A 60 3.19 7.57 -10.59
CA GLN A 60 3.56 8.61 -9.64
C GLN A 60 3.97 8.00 -8.29
N LEU A 61 3.20 7.01 -7.85
CA LEU A 61 3.44 6.37 -6.56
C LEU A 61 4.81 5.72 -6.53
N VAL A 62 5.14 4.98 -7.59
CA VAL A 62 6.41 4.26 -7.65
C VAL A 62 7.59 5.21 -7.72
N GLN A 63 7.45 6.25 -8.54
CA GLN A 63 8.55 7.18 -8.78
C GLN A 63 8.89 7.96 -7.52
N ASP A 64 7.87 8.50 -6.87
CA ASP A 64 8.07 9.37 -5.72
C ASP A 64 8.03 8.59 -4.42
N GLY A 65 7.49 7.37 -4.48
CA GLY A 65 7.26 6.59 -3.27
C GLY A 65 6.42 7.32 -2.26
N LEU A 66 6.73 7.13 -0.98
CA LEU A 66 6.00 7.79 0.09
C LEU A 66 6.97 8.32 1.15
N GLN A 67 6.85 9.61 1.47
CA GLN A 67 7.83 10.28 2.31
C GLN A 67 7.37 10.33 3.76
N PHE A 68 8.27 9.95 4.67
CA PHE A 68 8.00 10.09 6.10
C PHE A 68 9.13 10.86 6.79
N GLY A 69 9.02 12.18 6.79
CA GLY A 69 10.07 13.01 7.35
C GLY A 69 11.34 12.97 6.52
N GLU A 70 12.44 12.52 7.15
CA GLU A 70 13.71 12.39 6.45
C GLU A 70 13.90 10.99 5.91
N SER A 71 12.92 10.12 6.15
CA SER A 71 12.95 8.77 5.64
C SER A 71 12.06 8.62 4.41
N LYS A 72 12.49 7.78 3.47
CA LYS A 72 11.73 7.56 2.24
C LYS A 72 11.31 6.10 2.12
N VAL A 73 10.04 5.87 1.80
CA VAL A 73 9.53 4.53 1.63
C VAL A 73 9.17 4.25 0.18
N THR A 74 9.73 3.17 -0.37
CA THR A 74 9.54 2.84 -1.77
C THR A 74 8.24 2.10 -1.99
N ILE A 75 7.71 2.19 -3.22
CA ILE A 75 6.44 1.56 -3.54
C ILE A 75 6.59 0.65 -4.76
N LYS A 76 5.99 -0.54 -4.69
CA LYS A 76 6.02 -1.48 -5.80
C LYS A 76 4.61 -1.94 -6.16
N VAL A 77 4.37 -2.13 -7.45
CA VAL A 77 3.04 -2.47 -7.94
C VAL A 77 2.87 -3.98 -8.06
N SER A 78 1.79 -4.49 -7.48
CA SER A 78 1.44 -5.90 -7.63
C SER A 78 0.53 -6.10 -8.83
N GLU A 79 0.92 -7.02 -9.71
CA GLU A 79 0.20 -7.23 -10.96
C GLU A 79 -0.59 -8.54 -10.92
N GLY A 80 -1.39 -8.78 -11.96
CA GLY A 80 -2.32 -9.89 -11.93
C GLY A 80 -1.75 -11.11 -11.26
N GLU A 81 -0.58 -11.55 -11.69
CA GLU A 81 0.05 -12.74 -11.15
C GLU A 81 0.38 -12.57 -9.68
N ALA A 82 0.96 -11.43 -9.33
CA ALA A 82 1.28 -11.10 -7.95
C ALA A 82 0.01 -11.04 -7.10
N LEU A 83 -1.05 -10.48 -7.67
CA LEU A 83 -2.30 -10.30 -6.94
C LEU A 83 -2.91 -11.64 -6.55
N SER A 84 -2.86 -12.59 -7.48
CA SER A 84 -3.39 -13.93 -7.24
C SER A 84 -2.62 -14.61 -6.10
N LYS A 85 -1.31 -14.46 -6.11
CA LYS A 85 -0.47 -14.97 -5.03
C LYS A 85 -0.76 -14.25 -3.71
N PHE A 86 -0.95 -12.94 -3.79
CA PHE A 86 -1.23 -12.13 -2.61
C PHE A 86 -2.53 -12.56 -1.95
N TRP A 87 -3.56 -12.76 -2.77
CA TRP A 87 -4.89 -13.08 -2.27
C TRP A 87 -4.90 -14.42 -1.54
N GLU A 88 -4.15 -15.38 -2.09
CA GLU A 88 -4.06 -16.71 -1.49
C GLU A 88 -3.30 -16.66 -0.17
N LEU A 89 -2.15 -15.99 -0.17
CA LEU A 89 -1.25 -16.02 0.96
C LEU A 89 -1.73 -15.07 2.07
N HIS A 90 -2.21 -13.90 1.66
CA HIS A 90 -2.52 -12.82 2.59
C HIS A 90 -4.02 -12.58 2.66
N GLY A 91 -4.80 -13.53 2.16
CA GLY A 91 -6.24 -13.36 2.12
C GLY A 91 -6.84 -13.10 3.49
N ARG A 92 -6.38 -13.86 4.48
CA ARG A 92 -6.88 -13.71 5.84
C ARG A 92 -6.44 -12.39 6.45
N HIS A 93 -5.21 -11.99 6.13
CA HIS A 93 -4.69 -10.70 6.59
C HIS A 93 -5.49 -9.55 5.99
N TYR A 94 -5.78 -9.65 4.70
CA TYR A 94 -6.50 -8.60 3.99
C TYR A 94 -7.88 -8.39 4.59
N ASN A 95 -8.59 -9.48 4.85
CA ASN A 95 -9.93 -9.42 5.41
C ASN A 95 -9.90 -8.81 6.81
N GLY A 96 -8.92 -9.21 7.61
CA GLY A 96 -8.82 -8.73 8.97
C GLY A 96 -8.54 -7.24 9.02
N VAL A 97 -7.64 -6.78 8.16
CA VAL A 97 -7.28 -5.36 8.12
C VAL A 97 -8.46 -4.51 7.66
N MET A 98 -9.22 -5.03 6.71
CA MET A 98 -10.38 -4.33 6.18
C MET A 98 -11.42 -4.11 7.28
N GLU A 99 -11.57 -5.08 8.16
CA GLU A 99 -12.46 -4.95 9.31
C GLU A 99 -11.90 -3.94 10.31
N LEU A 100 -10.60 -4.00 10.56
CA LEU A 100 -9.96 -3.14 11.54
C LEU A 100 -10.03 -1.68 11.13
N THR A 1 -17.94 -7.32 -4.23
CA THR A 1 -17.47 -7.28 -5.60
C THR A 1 -16.25 -6.36 -5.73
N PHE A 2 -15.69 -5.96 -4.60
CA PHE A 2 -14.58 -5.02 -4.58
C PHE A 2 -13.35 -5.64 -5.24
N GLN A 3 -12.74 -4.90 -6.16
CA GLN A 3 -11.52 -5.35 -6.83
C GLN A 3 -10.36 -4.41 -6.56
N PRO A 4 -9.46 -4.81 -5.66
CA PRO A 4 -8.31 -3.99 -5.26
C PRO A 4 -7.14 -4.12 -6.22
N ILE A 5 -6.30 -3.09 -6.26
CA ILE A 5 -4.92 -3.25 -6.68
C ILE A 5 -3.96 -3.16 -5.49
N ILE A 6 -3.04 -4.10 -5.41
CA ILE A 6 -2.17 -4.21 -4.24
C ILE A 6 -0.81 -3.59 -4.50
N PHE A 7 -0.33 -2.80 -3.53
CA PHE A 7 1.00 -2.21 -3.62
C PHE A 7 1.86 -2.64 -2.44
N SER A 8 3.17 -2.79 -2.69
CA SER A 8 4.10 -3.17 -1.64
C SER A 8 5.04 -2.01 -1.31
N THR A 9 5.42 -1.92 -0.04
CA THR A 9 6.30 -0.85 0.42
C THR A 9 7.50 -1.40 1.18
N ALA A 10 8.62 -0.69 1.12
CA ALA A 10 9.80 -1.04 1.91
C ALA A 10 10.54 0.20 2.38
N CYS A 11 11.05 0.16 3.60
CA CYS A 11 11.80 1.28 4.16
C CYS A 11 13.22 0.87 4.51
N GLU A 12 14.09 1.86 4.71
CA GLU A 12 15.49 1.61 5.05
C GLU A 12 15.66 1.53 6.56
N GLN A 13 14.66 2.02 7.31
CA GLN A 13 14.77 2.10 8.76
C GLN A 13 13.58 1.44 9.43
N GLU A 14 13.86 0.52 10.34
CA GLU A 14 12.81 -0.22 11.04
C GLU A 14 12.04 0.69 11.98
N GLY A 15 10.72 0.55 11.99
CA GLY A 15 9.89 1.29 12.93
C GLY A 15 9.71 2.74 12.52
N VAL A 16 10.24 3.09 11.35
CA VAL A 16 10.19 4.47 10.88
C VAL A 16 8.75 4.91 10.60
N ALA A 17 7.89 3.94 10.31
CA ALA A 17 6.50 4.23 10.01
C ALA A 17 5.58 3.12 10.51
N ASN A 18 4.30 3.43 10.65
CA ASN A 18 3.29 2.40 10.93
C ASN A 18 2.08 2.60 10.02
N TRP A 19 1.17 1.63 10.05
CA TRP A 19 0.05 1.60 9.12
C TRP A 19 -0.83 2.84 9.28
N ARG A 20 -0.89 3.36 10.50
CA ARG A 20 -1.65 4.57 10.78
C ARG A 20 -1.03 5.77 10.09
N ASN A 21 0.28 5.94 10.26
CA ASN A 21 1.01 7.04 9.64
C ASN A 21 1.00 6.90 8.12
N ILE A 22 1.13 5.68 7.64
CA ILE A 22 1.20 5.42 6.20
C ILE A 22 -0.11 5.80 5.52
N THR A 23 -1.23 5.44 6.15
CA THR A 23 -2.54 5.77 5.62
C THR A 23 -2.74 7.27 5.52
N GLU A 24 -2.33 7.98 6.57
CA GLU A 24 -2.41 9.44 6.57
C GLU A 24 -1.45 10.04 5.55
N ALA A 25 -0.24 9.52 5.50
CA ALA A 25 0.77 10.00 4.57
C ALA A 25 0.34 9.76 3.13
N LEU A 26 -0.18 8.56 2.87
CA LEU A 26 -0.59 8.18 1.52
C LEU A 26 -1.75 9.05 1.04
N LEU A 27 -2.70 9.28 1.92
CA LEU A 27 -3.88 10.07 1.58
C LEU A 27 -3.49 11.52 1.26
N LYS A 28 -2.76 12.15 2.17
CA LYS A 28 -2.45 13.57 2.06
C LYS A 28 -1.57 13.85 0.86
N GLN A 29 -0.57 12.99 0.65
CA GLN A 29 0.46 13.25 -0.34
C GLN A 29 -0.03 12.96 -1.75
N HIS A 30 -0.93 11.98 -1.86
CA HIS A 30 -1.35 11.48 -3.16
C HIS A 30 -2.85 11.68 -3.37
N ASN A 31 -3.54 12.09 -2.31
CA ASN A 31 -4.98 12.32 -2.38
C ASN A 31 -5.72 11.05 -2.79
N VAL A 32 -5.30 9.93 -2.23
CA VAL A 32 -5.98 8.65 -2.48
C VAL A 32 -6.41 8.00 -1.17
N HIS A 33 -7.53 7.29 -1.22
CA HIS A 33 -8.06 6.62 -0.04
C HIS A 33 -7.82 5.12 -0.11
N ALA A 34 -7.08 4.59 0.86
CA ALA A 34 -6.78 3.16 0.91
C ALA A 34 -7.72 2.43 1.86
N PRO A 35 -8.41 1.41 1.36
CA PRO A 35 -9.28 0.57 2.17
C PRO A 35 -8.51 -0.42 3.04
N TYR A 36 -7.24 -0.59 2.72
CA TYR A 36 -6.40 -1.58 3.40
C TYR A 36 -4.96 -1.08 3.53
N CYS A 37 -4.45 -1.11 4.75
CA CYS A 37 -3.05 -0.76 5.00
C CYS A 37 -2.46 -1.64 6.10
N ARG A 38 -1.33 -2.27 5.80
CA ARG A 38 -0.61 -3.06 6.78
C ARG A 38 0.89 -2.81 6.72
N PHE A 39 1.53 -2.72 7.88
CA PHE A 39 2.97 -2.49 7.95
C PHE A 39 3.61 -3.41 8.97
N GLY A 40 4.70 -4.07 8.59
CA GLY A 40 5.48 -4.85 9.53
C GLY A 40 6.60 -4.05 10.16
N LYS A 41 7.78 -4.67 10.24
CA LYS A 41 8.94 -4.03 10.86
C LYS A 41 9.67 -3.14 9.86
N LEU A 42 9.92 -3.70 8.67
CA LEU A 42 10.78 -3.03 7.69
C LEU A 42 10.02 -2.82 6.37
N GLU A 43 8.84 -3.42 6.27
CA GLU A 43 8.09 -3.43 5.02
C GLU A 43 6.59 -3.50 5.29
N GLY A 44 5.79 -3.14 4.29
CA GLY A 44 4.35 -3.19 4.43
C GLY A 44 3.63 -3.17 3.09
N ASN A 45 2.31 -3.18 3.13
CA ASN A 45 1.51 -3.19 1.92
C ASN A 45 0.29 -2.27 2.05
N PHE A 46 -0.25 -1.83 0.92
CA PHE A 46 -1.52 -1.13 0.90
C PHE A 46 -2.26 -1.37 -0.41
N ALA A 47 -3.55 -1.08 -0.42
CA ALA A 47 -4.39 -1.35 -1.58
C ALA A 47 -5.11 -0.07 -2.03
N LEU A 48 -5.44 -0.01 -3.31
CA LEU A 48 -6.35 1.02 -3.81
C LEU A 48 -7.37 0.41 -4.78
N ASN A 49 -8.53 1.05 -4.87
CA ASN A 49 -9.61 0.55 -5.72
C ASN A 49 -9.28 0.77 -7.19
N LYS A 50 -9.61 -0.22 -8.02
CA LYS A 50 -9.42 -0.10 -9.46
C LYS A 50 -10.16 1.10 -10.02
N ASP A 51 -11.33 1.37 -9.46
CA ASP A 51 -12.11 2.55 -9.85
C ASP A 51 -11.46 3.83 -9.32
N LYS A 52 -10.78 3.72 -8.20
CA LYS A 52 -10.13 4.87 -7.57
C LYS A 52 -8.62 4.82 -7.76
N THR A 53 -8.17 3.96 -8.66
CA THR A 53 -6.77 3.93 -9.06
C THR A 53 -6.60 4.33 -10.52
N SER A 54 -5.78 5.35 -10.76
CA SER A 54 -5.45 5.76 -12.12
C SER A 54 -4.01 5.40 -12.47
N GLN A 55 -3.76 5.25 -13.77
CA GLN A 55 -2.40 4.96 -14.25
C GLN A 55 -1.42 6.04 -13.79
N GLU A 56 -1.87 7.28 -13.79
CA GLU A 56 -1.03 8.40 -13.38
C GLU A 56 -0.69 8.29 -11.89
N VAL A 57 -1.65 7.83 -11.10
CA VAL A 57 -1.42 7.59 -9.68
C VAL A 57 -0.40 6.48 -9.46
N ILE A 58 -0.54 5.40 -10.24
CA ILE A 58 0.35 4.26 -10.11
C ILE A 58 1.79 4.64 -10.45
N ASP A 59 1.96 5.38 -11.54
CA ASP A 59 3.28 5.86 -11.94
C ASP A 59 3.84 6.81 -10.89
N GLN A 60 2.98 7.66 -10.34
CA GLN A 60 3.39 8.61 -9.31
C GLN A 60 3.86 7.88 -8.05
N LEU A 61 3.10 6.86 -7.66
CA LEU A 61 3.38 6.13 -6.42
C LEU A 61 4.75 5.47 -6.48
N VAL A 62 5.05 4.81 -7.59
CA VAL A 62 6.31 4.10 -7.75
C VAL A 62 7.47 5.08 -7.85
N GLN A 63 7.28 6.14 -8.64
CA GLN A 63 8.36 7.08 -8.90
C GLN A 63 8.72 7.86 -7.65
N ASP A 64 7.71 8.38 -6.96
CA ASP A 64 7.93 9.27 -5.82
C ASP A 64 7.95 8.48 -4.52
N GLY A 65 7.45 7.25 -4.56
CA GLY A 65 7.26 6.48 -3.35
C GLY A 65 6.40 7.20 -2.33
N LEU A 66 6.74 7.05 -1.06
CA LEU A 66 6.03 7.74 0.01
C LEU A 66 7.00 8.31 1.04
N GLN A 67 6.85 9.60 1.32
CA GLN A 67 7.85 10.32 2.11
C GLN A 67 7.43 10.39 3.58
N PHE A 68 8.37 10.05 4.46
CA PHE A 68 8.15 10.21 5.90
C PHE A 68 9.29 11.01 6.53
N GLY A 69 9.16 12.33 6.51
CA GLY A 69 10.23 13.18 7.01
C GLY A 69 11.46 13.15 6.13
N GLU A 70 12.58 12.72 6.70
CA GLU A 70 13.82 12.61 5.94
C GLU A 70 14.01 11.20 5.41
N SER A 71 13.06 10.32 5.72
CA SER A 71 13.09 8.95 5.22
C SER A 71 12.16 8.78 4.01
N LYS A 72 12.59 7.94 3.07
CA LYS A 72 11.80 7.69 1.87
C LYS A 72 11.43 6.21 1.77
N VAL A 73 10.16 5.95 1.49
CA VAL A 73 9.67 4.57 1.38
C VAL A 73 9.31 4.24 -0.07
N THR A 74 9.89 3.15 -0.58
CA THR A 74 9.68 2.76 -1.97
C THR A 74 8.36 2.01 -2.14
N ILE A 75 7.72 2.18 -3.28
CA ILE A 75 6.46 1.52 -3.56
C ILE A 75 6.56 0.62 -4.79
N LYS A 76 5.99 -0.58 -4.70
CA LYS A 76 6.00 -1.52 -5.81
C LYS A 76 4.58 -1.98 -6.15
N VAL A 77 4.30 -2.13 -7.43
CA VAL A 77 2.97 -2.53 -7.89
C VAL A 77 2.86 -4.05 -7.97
N SER A 78 1.82 -4.59 -7.35
CA SER A 78 1.54 -6.02 -7.44
C SER A 78 0.64 -6.32 -8.64
N GLU A 79 1.09 -7.24 -9.49
CA GLU A 79 0.37 -7.57 -10.72
C GLU A 79 -0.26 -8.95 -10.61
N GLY A 80 -1.01 -9.32 -11.64
CA GLY A 80 -1.82 -10.53 -11.58
C GLY A 80 -1.14 -11.64 -10.79
N GLU A 81 0.09 -11.94 -11.17
CA GLU A 81 0.83 -13.04 -10.55
C GLU A 81 1.09 -12.75 -9.07
N ALA A 82 1.55 -11.54 -8.78
CA ALA A 82 1.78 -11.11 -7.41
C ALA A 82 0.49 -11.10 -6.61
N LEU A 83 -0.59 -10.67 -7.25
CA LEU A 83 -1.88 -10.56 -6.58
C LEU A 83 -2.38 -11.93 -6.12
N SER A 84 -2.21 -12.93 -6.98
CA SER A 84 -2.60 -14.30 -6.65
C SER A 84 -1.80 -14.82 -5.45
N LYS A 85 -0.51 -14.51 -5.43
CA LYS A 85 0.34 -14.90 -4.31
C LYS A 85 -0.06 -14.16 -3.04
N PHE A 86 -0.35 -12.88 -3.18
CA PHE A 86 -0.75 -12.06 -2.04
C PHE A 86 -2.04 -12.58 -1.42
N TRP A 87 -3.02 -12.88 -2.26
CA TRP A 87 -4.32 -13.32 -1.80
C TRP A 87 -4.21 -14.66 -1.07
N GLU A 88 -3.34 -15.54 -1.59
CA GLU A 88 -3.16 -16.85 -1.00
C GLU A 88 -2.52 -16.75 0.38
N LEU A 89 -1.47 -15.94 0.49
CA LEU A 89 -0.68 -15.86 1.71
C LEU A 89 -1.37 -14.95 2.73
N HIS A 90 -1.93 -13.85 2.25
CA HIS A 90 -2.44 -12.81 3.13
C HIS A 90 -3.95 -12.66 2.99
N GLY A 91 -4.58 -13.65 2.37
CA GLY A 91 -6.01 -13.57 2.10
C GLY A 91 -6.82 -13.38 3.37
N ARG A 92 -6.48 -14.13 4.41
CA ARG A 92 -7.21 -14.06 5.68
C ARG A 92 -6.98 -12.73 6.36
N HIS A 93 -5.76 -12.21 6.26
CA HIS A 93 -5.43 -10.90 6.81
C HIS A 93 -6.20 -9.81 6.10
N TYR A 94 -6.22 -9.88 4.77
CA TYR A 94 -6.90 -8.87 3.96
C TYR A 94 -8.40 -8.86 4.26
N ASN A 95 -9.00 -10.04 4.31
CA ASN A 95 -10.43 -10.17 4.52
C ASN A 95 -10.83 -9.60 5.88
N GLY A 96 -10.01 -9.88 6.89
CA GLY A 96 -10.31 -9.42 8.24
C GLY A 96 -10.33 -7.91 8.35
N VAL A 97 -9.38 -7.26 7.70
CA VAL A 97 -9.29 -5.81 7.72
C VAL A 97 -10.45 -5.18 6.96
N MET A 98 -10.78 -5.77 5.81
CA MET A 98 -11.85 -5.25 4.97
C MET A 98 -13.20 -5.35 5.68
N GLU A 99 -13.37 -6.40 6.46
CA GLU A 99 -14.60 -6.59 7.23
C GLU A 99 -14.79 -5.47 8.24
N LEU A 100 -13.69 -5.01 8.82
CA LEU A 100 -13.73 -3.96 9.82
C LEU A 100 -14.21 -2.65 9.21
N THR A 1 -16.14 -9.34 -1.41
CA THR A 1 -15.71 -9.80 -2.72
C THR A 1 -14.75 -8.80 -3.37
N PHE A 2 -14.50 -7.70 -2.66
CA PHE A 2 -13.68 -6.62 -3.20
C PHE A 2 -12.22 -7.05 -3.31
N GLN A 3 -11.66 -6.91 -4.51
CA GLN A 3 -10.25 -7.20 -4.74
C GLN A 3 -9.54 -6.01 -5.38
N PRO A 4 -9.02 -5.11 -4.53
CA PRO A 4 -8.34 -3.88 -5.00
C PRO A 4 -6.94 -4.17 -5.52
N ILE A 5 -6.43 -3.27 -6.35
CA ILE A 5 -5.04 -3.34 -6.78
C ILE A 5 -4.10 -3.15 -5.59
N ILE A 6 -3.09 -4.00 -5.51
CA ILE A 6 -2.24 -4.06 -4.32
C ILE A 6 -0.89 -3.42 -4.58
N PHE A 7 -0.43 -2.62 -3.63
CA PHE A 7 0.92 -2.06 -3.68
C PHE A 7 1.73 -2.47 -2.45
N SER A 8 3.03 -2.69 -2.66
CA SER A 8 3.91 -3.10 -1.58
C SER A 8 4.87 -1.97 -1.20
N THR A 9 5.21 -1.88 0.08
CA THR A 9 6.10 -0.85 0.58
C THR A 9 7.28 -1.46 1.33
N ALA A 10 8.43 -0.78 1.26
CA ALA A 10 9.60 -1.21 2.01
C ALA A 10 10.32 -0.01 2.63
N CYS A 11 10.73 -0.16 3.89
CA CYS A 11 11.42 0.91 4.60
C CYS A 11 12.89 0.57 4.80
N GLU A 12 13.71 1.60 4.93
CA GLU A 12 15.12 1.42 5.28
C GLU A 12 15.30 1.41 6.79
N GLN A 13 14.28 1.81 7.51
CA GLN A 13 14.35 1.91 8.97
C GLN A 13 13.16 1.20 9.62
N GLU A 14 13.45 0.45 10.67
CA GLU A 14 12.41 -0.28 11.39
C GLU A 14 11.64 0.65 12.34
N GLY A 15 10.33 0.51 12.36
CA GLY A 15 9.51 1.28 13.28
C GLY A 15 9.31 2.70 12.82
N VAL A 16 9.82 3.02 11.63
CA VAL A 16 9.77 4.37 11.11
C VAL A 16 8.35 4.75 10.69
N ALA A 17 7.55 3.75 10.35
CA ALA A 17 6.21 3.98 9.85
C ALA A 17 5.24 2.91 10.37
N ASN A 18 3.95 3.22 10.32
CA ASN A 18 2.92 2.24 10.58
C ASN A 18 1.70 2.45 9.67
N TRP A 19 0.76 1.52 9.71
CA TRP A 19 -0.35 1.52 8.77
C TRP A 19 -1.18 2.79 8.92
N ARG A 20 -1.26 3.30 10.14
CA ARG A 20 -1.97 4.55 10.40
C ARG A 20 -1.27 5.72 9.72
N ASN A 21 0.04 5.82 9.92
CA ASN A 21 0.83 6.90 9.31
C ASN A 21 0.82 6.78 7.79
N ILE A 22 0.89 5.55 7.29
CA ILE A 22 0.95 5.31 5.86
C ILE A 22 -0.34 5.74 5.17
N THR A 23 -1.47 5.42 5.79
CA THR A 23 -2.77 5.81 5.26
C THR A 23 -2.91 7.33 5.20
N GLU A 24 -2.48 8.00 6.26
CA GLU A 24 -2.52 9.45 6.31
C GLU A 24 -1.52 10.05 5.31
N ALA A 25 -0.32 9.49 5.28
CA ALA A 25 0.71 9.96 4.36
C ALA A 25 0.30 9.75 2.90
N LEU A 26 -0.25 8.58 2.62
CA LEU A 26 -0.64 8.23 1.25
C LEU A 26 -1.77 9.14 0.76
N LEU A 27 -2.74 9.40 1.64
CA LEU A 27 -3.89 10.21 1.28
C LEU A 27 -3.46 11.66 1.01
N LYS A 28 -2.73 12.25 1.94
CA LYS A 28 -2.38 13.66 1.88
C LYS A 28 -1.47 13.94 0.69
N GLN A 29 -0.49 13.06 0.48
CA GLN A 29 0.58 13.31 -0.47
C GLN A 29 0.11 13.04 -1.90
N HIS A 30 -0.81 12.09 -2.04
CA HIS A 30 -1.20 11.60 -3.36
C HIS A 30 -2.69 11.83 -3.60
N ASN A 31 -3.40 12.22 -2.55
CA ASN A 31 -4.83 12.48 -2.65
C ASN A 31 -5.59 11.24 -3.10
N VAL A 32 -5.19 10.08 -2.56
CA VAL A 32 -5.87 8.83 -2.85
C VAL A 32 -6.31 8.13 -1.57
N HIS A 33 -7.40 7.39 -1.65
CA HIS A 33 -7.91 6.65 -0.49
C HIS A 33 -7.63 5.16 -0.63
N ALA A 34 -6.98 4.59 0.38
CA ALA A 34 -6.65 3.17 0.37
C ALA A 34 -7.60 2.37 1.26
N PRO A 35 -8.43 1.52 0.63
CA PRO A 35 -9.37 0.68 1.34
C PRO A 35 -8.69 -0.29 2.29
N TYR A 36 -7.41 -0.54 2.05
CA TYR A 36 -6.65 -1.49 2.84
C TYR A 36 -5.21 -1.02 3.05
N CYS A 37 -4.73 -1.11 4.28
CA CYS A 37 -3.34 -0.83 4.58
C CYS A 37 -2.84 -1.71 5.73
N ARG A 38 -1.70 -2.38 5.51
CA ARG A 38 -1.07 -3.17 6.56
C ARG A 38 0.44 -2.94 6.58
N PHE A 39 1.00 -2.87 7.78
CA PHE A 39 2.44 -2.68 7.94
C PHE A 39 2.97 -3.49 9.11
N GLY A 40 4.09 -4.19 8.87
CA GLY A 40 4.76 -4.89 9.95
C GLY A 40 5.86 -4.06 10.58
N LYS A 41 7.06 -4.61 10.67
CA LYS A 41 8.19 -3.93 11.28
C LYS A 41 8.92 -3.08 10.24
N LEU A 42 9.21 -3.68 9.09
CA LEU A 42 10.04 -3.03 8.08
C LEU A 42 9.34 -3.03 6.72
N GLU A 43 8.20 -3.71 6.66
CA GLU A 43 7.53 -3.94 5.38
C GLU A 43 6.01 -3.86 5.55
N GLY A 44 5.33 -3.44 4.49
CA GLY A 44 3.88 -3.35 4.52
C GLY A 44 3.27 -3.22 3.15
N ASN A 45 1.95 -3.20 3.08
CA ASN A 45 1.24 -3.10 1.81
C ASN A 45 0.07 -2.13 1.92
N PHE A 46 -0.40 -1.63 0.78
CA PHE A 46 -1.65 -0.89 0.71
C PHE A 46 -2.34 -1.11 -0.63
N ALA A 47 -3.65 -0.84 -0.66
CA ALA A 47 -4.45 -1.09 -1.85
C ALA A 47 -5.21 0.16 -2.28
N LEU A 48 -5.49 0.26 -3.57
CA LEU A 48 -6.34 1.32 -4.09
C LEU A 48 -7.47 0.76 -4.96
N ASN A 49 -8.59 1.48 -5.01
CA ASN A 49 -9.74 1.03 -5.78
C ASN A 49 -9.47 1.15 -7.28
N LYS A 50 -9.97 0.18 -8.04
CA LYS A 50 -9.80 0.19 -9.48
C LYS A 50 -10.36 1.46 -10.10
N ASP A 51 -11.49 1.93 -9.55
CA ASP A 51 -12.08 3.19 -9.99
C ASP A 51 -11.26 4.38 -9.49
N LYS A 52 -10.57 4.19 -8.37
CA LYS A 52 -9.79 5.26 -7.76
C LYS A 52 -8.30 5.04 -7.99
N THR A 53 -7.97 4.13 -8.90
CA THR A 53 -6.60 3.96 -9.34
C THR A 53 -6.41 4.43 -10.78
N SER A 54 -5.47 5.36 -10.98
CA SER A 54 -5.17 5.86 -12.31
C SER A 54 -3.75 5.49 -12.71
N GLN A 55 -3.51 5.43 -14.02
CA GLN A 55 -2.18 5.14 -14.54
C GLN A 55 -1.15 6.15 -14.02
N GLU A 56 -1.56 7.42 -13.97
CA GLU A 56 -0.68 8.48 -13.51
C GLU A 56 -0.33 8.30 -12.03
N VAL A 57 -1.31 7.86 -11.25
CA VAL A 57 -1.10 7.59 -9.83
C VAL A 57 -0.11 6.46 -9.63
N ILE A 58 -0.25 5.40 -10.41
CA ILE A 58 0.60 4.22 -10.27
C ILE A 58 2.06 4.57 -10.56
N ASP A 59 2.29 5.29 -11.66
CA ASP A 59 3.63 5.74 -12.01
C ASP A 59 4.17 6.71 -10.96
N GLN A 60 3.30 7.58 -10.46
CA GLN A 60 3.69 8.56 -9.45
C GLN A 60 4.12 7.85 -8.16
N LEU A 61 3.36 6.84 -7.76
CA LEU A 61 3.61 6.15 -6.51
C LEU A 61 4.99 5.48 -6.53
N VAL A 62 5.30 4.81 -7.63
CA VAL A 62 6.56 4.09 -7.77
C VAL A 62 7.73 5.06 -7.84
N GLN A 63 7.57 6.13 -8.62
CA GLN A 63 8.65 7.08 -8.85
C GLN A 63 8.98 7.86 -7.57
N ASP A 64 7.94 8.35 -6.91
CA ASP A 64 8.13 9.23 -5.76
C ASP A 64 8.12 8.44 -4.46
N GLY A 65 7.62 7.21 -4.52
CA GLY A 65 7.39 6.43 -3.32
C GLY A 65 6.51 7.15 -2.32
N LEU A 66 6.80 6.98 -1.03
CA LEU A 66 6.05 7.66 0.01
C LEU A 66 7.00 8.23 1.07
N GLN A 67 6.85 9.52 1.36
CA GLN A 67 7.81 10.24 2.18
C GLN A 67 7.36 10.29 3.63
N PHE A 68 8.25 9.95 4.54
CA PHE A 68 7.98 10.08 5.97
C PHE A 68 9.07 10.89 6.65
N GLY A 69 8.92 12.22 6.63
CA GLY A 69 9.93 13.09 7.20
C GLY A 69 11.23 13.08 6.40
N GLU A 70 12.31 12.67 7.06
CA GLU A 70 13.61 12.59 6.39
C GLU A 70 13.87 11.18 5.87
N SER A 71 12.89 10.30 6.06
CA SER A 71 13.00 8.93 5.57
C SER A 71 12.11 8.73 4.35
N LYS A 72 12.51 7.80 3.48
CA LYS A 72 11.77 7.53 2.25
C LYS A 72 11.37 6.05 2.18
N VAL A 73 10.11 5.80 1.83
CA VAL A 73 9.61 4.44 1.70
C VAL A 73 9.25 4.12 0.26
N THR A 74 9.81 3.03 -0.26
CA THR A 74 9.65 2.67 -1.66
C THR A 74 8.32 1.95 -1.88
N ILE A 75 7.82 2.03 -3.11
CA ILE A 75 6.54 1.41 -3.44
C ILE A 75 6.68 0.47 -4.64
N LYS A 76 6.03 -0.68 -4.57
CA LYS A 76 6.04 -1.64 -5.68
C LYS A 76 4.60 -2.02 -6.06
N VAL A 77 4.37 -2.17 -7.36
CA VAL A 77 3.03 -2.45 -7.86
C VAL A 77 2.80 -3.95 -8.03
N SER A 78 1.72 -4.45 -7.44
CA SER A 78 1.33 -5.85 -7.63
C SER A 78 0.40 -6.00 -8.82
N GLU A 79 0.76 -6.89 -9.73
CA GLU A 79 0.01 -7.06 -10.97
C GLU A 79 -0.78 -8.37 -10.95
N GLY A 80 -1.59 -8.58 -11.99
CA GLY A 80 -2.51 -9.70 -11.98
C GLY A 80 -1.92 -10.94 -11.35
N GLU A 81 -0.75 -11.35 -11.83
CA GLU A 81 -0.09 -12.55 -11.32
C GLU A 81 0.28 -12.39 -9.85
N ALA A 82 0.84 -11.24 -9.51
CA ALA A 82 1.20 -10.94 -8.13
C ALA A 82 -0.03 -10.92 -7.24
N LEU A 83 -1.13 -10.37 -7.77
CA LEU A 83 -2.36 -10.21 -7.00
C LEU A 83 -2.93 -11.58 -6.61
N SER A 84 -2.90 -12.52 -7.55
CA SER A 84 -3.38 -13.87 -7.30
C SER A 84 -2.57 -14.54 -6.20
N LYS A 85 -1.25 -14.36 -6.25
CA LYS A 85 -0.36 -14.86 -5.21
C LYS A 85 -0.62 -14.17 -3.89
N PHE A 86 -0.83 -12.86 -3.94
CA PHE A 86 -1.08 -12.06 -2.74
C PHE A 86 -2.36 -12.53 -2.05
N TRP A 87 -3.41 -12.73 -2.84
CA TRP A 87 -4.72 -13.08 -2.30
C TRP A 87 -4.66 -14.43 -1.59
N GLU A 88 -3.91 -15.37 -2.16
CA GLU A 88 -3.78 -16.70 -1.58
C GLU A 88 -2.98 -16.64 -0.29
N LEU A 89 -1.86 -15.95 -0.31
CA LEU A 89 -0.91 -15.97 0.80
C LEU A 89 -1.36 -15.03 1.91
N HIS A 90 -1.88 -13.87 1.52
CA HIS A 90 -2.17 -12.81 2.48
C HIS A 90 -3.67 -12.57 2.58
N GLY A 91 -4.45 -13.52 2.07
CA GLY A 91 -5.90 -13.36 2.07
C GLY A 91 -6.46 -13.14 3.45
N ARG A 92 -5.95 -13.87 4.43
CA ARG A 92 -6.43 -13.76 5.80
C ARG A 92 -6.07 -12.41 6.40
N HIS A 93 -4.89 -11.91 6.06
CA HIS A 93 -4.45 -10.59 6.50
C HIS A 93 -5.35 -9.51 5.91
N TYR A 94 -5.64 -9.61 4.62
CA TYR A 94 -6.47 -8.63 3.94
C TYR A 94 -7.87 -8.57 4.56
N ASN A 95 -8.45 -9.74 4.79
CA ASN A 95 -9.80 -9.82 5.35
C ASN A 95 -9.83 -9.22 6.76
N GLY A 96 -8.80 -9.52 7.55
CA GLY A 96 -8.76 -9.05 8.92
C GLY A 96 -8.68 -7.54 9.02
N VAL A 97 -7.87 -6.93 8.15
CA VAL A 97 -7.73 -5.48 8.12
C VAL A 97 -9.00 -4.81 7.64
N MET A 98 -9.64 -5.40 6.64
CA MET A 98 -10.87 -4.86 6.09
C MET A 98 -11.99 -4.89 7.11
N GLU A 99 -12.00 -5.93 7.94
CA GLU A 99 -12.99 -6.05 9.01
C GLU A 99 -12.83 -4.94 10.03
N LEU A 100 -11.58 -4.60 10.33
CA LEU A 100 -11.28 -3.51 11.26
C LEU A 100 -11.83 -2.19 10.74
N THR A 1 -16.25 -9.18 -2.56
CA THR A 1 -15.76 -9.82 -3.78
C THR A 1 -14.69 -8.97 -4.46
N PHE A 2 -14.64 -7.69 -4.09
CA PHE A 2 -13.76 -6.74 -4.77
C PHE A 2 -12.30 -7.02 -4.44
N GLN A 3 -11.47 -7.03 -5.47
CA GLN A 3 -10.03 -7.20 -5.28
C GLN A 3 -9.26 -5.99 -5.80
N PRO A 4 -8.88 -5.10 -4.88
CA PRO A 4 -8.15 -3.86 -5.24
C PRO A 4 -6.70 -4.14 -5.62
N ILE A 5 -6.12 -3.23 -6.40
CA ILE A 5 -4.72 -3.33 -6.78
C ILE A 5 -3.81 -3.27 -5.56
N ILE A 6 -2.83 -4.17 -5.51
CA ILE A 6 -1.99 -4.32 -4.33
C ILE A 6 -0.63 -3.66 -4.54
N PHE A 7 -0.18 -2.91 -3.55
CA PHE A 7 1.15 -2.31 -3.59
C PHE A 7 2.02 -2.78 -2.42
N SER A 8 3.32 -2.88 -2.67
CA SER A 8 4.25 -3.26 -1.61
C SER A 8 5.16 -2.10 -1.24
N THR A 9 5.54 -2.04 0.03
CA THR A 9 6.41 -0.97 0.52
C THR A 9 7.62 -1.53 1.23
N ALA A 10 8.73 -0.79 1.19
CA ALA A 10 9.91 -1.13 1.95
C ALA A 10 10.61 0.12 2.48
N CYS A 11 11.08 0.06 3.72
CA CYS A 11 11.76 1.20 4.34
C CYS A 11 13.26 0.93 4.46
N GLU A 12 14.04 2.01 4.49
CA GLU A 12 15.47 1.91 4.75
C GLU A 12 15.76 1.92 6.25
N GLN A 13 14.75 2.28 7.03
CA GLN A 13 14.90 2.38 8.48
C GLN A 13 13.80 1.63 9.20
N GLU A 14 14.17 0.90 10.25
CA GLU A 14 13.19 0.12 11.02
C GLU A 14 12.43 1.02 11.99
N GLY A 15 11.12 0.83 12.07
CA GLY A 15 10.32 1.56 13.02
C GLY A 15 10.02 2.97 12.57
N VAL A 16 10.46 3.31 11.36
CA VAL A 16 10.31 4.67 10.85
C VAL A 16 8.87 4.94 10.42
N ALA A 17 8.16 3.88 10.06
CA ALA A 17 6.79 4.00 9.59
C ALA A 17 5.91 2.87 10.11
N ASN A 18 4.61 3.10 10.14
CA ASN A 18 3.64 2.04 10.42
C ASN A 18 2.38 2.21 9.58
N TRP A 19 1.50 1.22 9.63
CA TRP A 19 0.35 1.18 8.74
C TRP A 19 -0.56 2.38 8.95
N ARG A 20 -0.61 2.85 10.19
CA ARG A 20 -1.39 4.05 10.52
C ARG A 20 -0.80 5.29 9.84
N ASN A 21 0.51 5.46 9.98
CA ASN A 21 1.20 6.59 9.38
C ASN A 21 1.14 6.51 7.86
N ILE A 22 1.26 5.30 7.32
CA ILE A 22 1.27 5.10 5.88
C ILE A 22 -0.07 5.48 5.26
N THR A 23 -1.15 5.07 5.93
CA THR A 23 -2.50 5.39 5.45
C THR A 23 -2.73 6.90 5.44
N GLU A 24 -2.31 7.57 6.50
CA GLU A 24 -2.44 9.02 6.58
C GLU A 24 -1.52 9.71 5.58
N ALA A 25 -0.29 9.22 5.48
CA ALA A 25 0.69 9.79 4.56
C ALA A 25 0.24 9.61 3.11
N LEU A 26 -0.22 8.41 2.78
CA LEU A 26 -0.63 8.09 1.42
C LEU A 26 -1.84 8.91 1.00
N LEU A 27 -2.80 9.05 1.92
CA LEU A 27 -4.02 9.78 1.63
C LEU A 27 -3.72 11.25 1.39
N LYS A 28 -3.00 11.87 2.32
CA LYS A 28 -2.76 13.32 2.28
C LYS A 28 -1.91 13.69 1.08
N GLN A 29 -0.87 12.89 0.82
CA GLN A 29 0.14 13.25 -0.16
C GLN A 29 -0.36 13.01 -1.58
N HIS A 30 -1.21 12.00 -1.74
CA HIS A 30 -1.61 11.55 -3.06
C HIS A 30 -3.13 11.68 -3.24
N ASN A 31 -3.82 11.98 -2.15
CA ASN A 31 -5.27 12.14 -2.19
C ASN A 31 -5.95 10.85 -2.65
N VAL A 32 -5.47 9.73 -2.15
CA VAL A 32 -6.07 8.43 -2.46
C VAL A 32 -6.45 7.68 -1.19
N HIS A 33 -7.51 6.89 -1.27
CA HIS A 33 -7.98 6.12 -0.13
C HIS A 33 -7.61 4.65 -0.27
N ALA A 34 -6.95 4.10 0.76
CA ALA A 34 -6.53 2.71 0.74
C ALA A 34 -7.46 1.85 1.59
N PRO A 35 -8.22 0.96 0.92
CA PRO A 35 -9.14 0.04 1.59
C PRO A 35 -8.41 -0.91 2.54
N TYR A 36 -7.11 -1.07 2.32
CA TYR A 36 -6.31 -1.98 3.13
C TYR A 36 -4.88 -1.45 3.29
N CYS A 37 -4.40 -1.45 4.52
CA CYS A 37 -3.00 -1.12 4.80
C CYS A 37 -2.48 -1.89 6.01
N ARG A 38 -1.36 -2.58 5.82
CA ARG A 38 -0.69 -3.25 6.92
C ARG A 38 0.84 -3.15 6.77
N PHE A 39 1.53 -2.92 7.88
CA PHE A 39 2.98 -2.75 7.86
C PHE A 39 3.64 -3.67 8.87
N GLY A 40 4.69 -4.36 8.44
CA GLY A 40 5.46 -5.19 9.35
C GLY A 40 6.57 -4.41 10.05
N LYS A 41 7.75 -5.03 10.13
CA LYS A 41 8.87 -4.41 10.84
C LYS A 41 9.60 -3.42 9.97
N LEU A 42 9.93 -3.83 8.75
CA LEU A 42 10.71 -3.01 7.83
C LEU A 42 9.99 -2.84 6.50
N GLU A 43 8.89 -3.58 6.32
CA GLU A 43 8.17 -3.59 5.05
C GLU A 43 6.68 -3.81 5.28
N GLY A 44 5.89 -3.44 4.28
CA GLY A 44 4.44 -3.56 4.41
C GLY A 44 3.74 -3.51 3.06
N ASN A 45 2.41 -3.59 3.09
CA ASN A 45 1.62 -3.59 1.86
C ASN A 45 0.36 -2.73 2.04
N PHE A 46 -0.18 -2.26 0.92
CA PHE A 46 -1.47 -1.56 0.93
C PHE A 46 -2.18 -1.73 -0.41
N ALA A 47 -3.48 -1.42 -0.43
CA ALA A 47 -4.28 -1.54 -1.63
C ALA A 47 -4.97 -0.23 -1.96
N LEU A 48 -5.26 -0.02 -3.24
CA LEU A 48 -6.06 1.11 -3.68
C LEU A 48 -7.23 0.65 -4.55
N ASN A 49 -8.32 1.41 -4.52
CA ASN A 49 -9.52 1.06 -5.28
C ASN A 49 -9.33 1.33 -6.77
N LYS A 50 -9.69 0.36 -7.60
CA LYS A 50 -9.52 0.48 -9.03
C LYS A 50 -10.25 1.72 -9.57
N ASP A 51 -11.39 2.02 -8.98
CA ASP A 51 -12.14 3.23 -9.32
C ASP A 51 -11.42 4.48 -8.81
N LYS A 52 -10.66 4.32 -7.72
CA LYS A 52 -9.92 5.42 -7.13
C LYS A 52 -8.43 5.30 -7.44
N THR A 53 -8.09 4.42 -8.37
CA THR A 53 -6.72 4.29 -8.83
C THR A 53 -6.60 4.67 -10.30
N SER A 54 -5.69 5.61 -10.59
CA SER A 54 -5.40 6.00 -11.96
C SER A 54 -3.98 5.59 -12.35
N GLN A 55 -3.77 5.35 -13.64
CA GLN A 55 -2.44 5.00 -14.14
C GLN A 55 -1.43 6.10 -13.83
N GLU A 56 -1.87 7.35 -13.95
CA GLU A 56 -1.00 8.48 -13.68
C GLU A 56 -0.59 8.53 -12.21
N VAL A 57 -1.53 8.17 -11.34
CA VAL A 57 -1.24 8.08 -9.91
C VAL A 57 -0.22 6.98 -9.62
N ILE A 58 -0.38 5.84 -10.27
CA ILE A 58 0.50 4.71 -10.06
C ILE A 58 1.93 5.05 -10.47
N ASP A 59 2.08 5.66 -11.63
CA ASP A 59 3.40 6.05 -12.13
C ASP A 59 4.06 7.05 -11.20
N GLN A 60 3.30 8.04 -10.77
CA GLN A 60 3.79 9.03 -9.80
C GLN A 60 4.10 8.37 -8.46
N LEU A 61 3.22 7.48 -8.02
CA LEU A 61 3.33 6.86 -6.71
C LEU A 61 4.61 6.05 -6.59
N VAL A 62 4.89 5.24 -7.61
CA VAL A 62 6.06 4.39 -7.63
C VAL A 62 7.34 5.22 -7.71
N GLN A 63 7.33 6.24 -8.57
CA GLN A 63 8.50 7.05 -8.82
C GLN A 63 8.88 7.85 -7.57
N ASP A 64 7.88 8.47 -6.95
CA ASP A 64 8.11 9.33 -5.79
C ASP A 64 8.02 8.54 -4.49
N GLY A 65 7.46 7.33 -4.58
CA GLY A 65 7.21 6.55 -3.38
C GLY A 65 6.34 7.30 -2.38
N LEU A 66 6.65 7.14 -1.10
CA LEU A 66 5.94 7.84 -0.04
C LEU A 66 6.91 8.44 0.97
N GLN A 67 6.72 9.71 1.28
CA GLN A 67 7.71 10.46 2.06
C GLN A 67 7.31 10.49 3.54
N PHE A 68 8.27 10.18 4.40
CA PHE A 68 8.06 10.30 5.84
C PHE A 68 9.16 11.15 6.48
N GLY A 69 8.95 12.46 6.46
CA GLY A 69 9.97 13.38 6.96
C GLY A 69 11.21 13.41 6.09
N GLU A 70 12.34 13.05 6.69
CA GLU A 70 13.61 13.02 5.95
C GLU A 70 13.89 11.61 5.43
N SER A 71 12.96 10.69 5.69
CA SER A 71 13.09 9.32 5.21
C SER A 71 12.17 9.05 4.02
N LYS A 72 12.56 8.11 3.17
CA LYS A 72 11.78 7.78 1.99
C LYS A 72 11.43 6.30 1.95
N VAL A 73 10.17 6.00 1.65
CA VAL A 73 9.72 4.62 1.55
C VAL A 73 9.34 4.26 0.12
N THR A 74 9.94 3.18 -0.39
CA THR A 74 9.74 2.80 -1.78
C THR A 74 8.45 2.01 -1.97
N ILE A 75 7.87 2.09 -3.16
CA ILE A 75 6.61 1.43 -3.44
C ILE A 75 6.71 0.56 -4.70
N LYS A 76 6.12 -0.63 -4.63
CA LYS A 76 6.09 -1.53 -5.77
C LYS A 76 4.67 -1.99 -6.07
N VAL A 77 4.35 -2.12 -7.35
CA VAL A 77 3.01 -2.49 -7.77
C VAL A 77 2.90 -4.00 -8.00
N SER A 78 2.02 -4.64 -7.24
CA SER A 78 1.82 -6.08 -7.36
C SER A 78 0.69 -6.39 -8.34
N GLU A 79 1.00 -7.16 -9.38
CA GLU A 79 0.02 -7.50 -10.39
C GLU A 79 0.16 -8.97 -10.81
N GLY A 80 -0.88 -9.49 -11.46
CA GLY A 80 -0.80 -10.81 -12.04
C GLY A 80 -0.53 -11.89 -11.02
N GLU A 81 0.57 -12.62 -11.20
CA GLU A 81 0.92 -13.72 -10.31
C GLU A 81 1.16 -13.21 -8.89
N ALA A 82 1.83 -12.07 -8.79
CA ALA A 82 2.12 -11.47 -7.49
C ALA A 82 0.83 -11.12 -6.76
N LEU A 83 -0.15 -10.62 -7.50
CA LEU A 83 -1.45 -10.27 -6.92
C LEU A 83 -2.17 -11.50 -6.42
N SER A 84 -2.12 -12.58 -7.20
CA SER A 84 -2.77 -13.83 -6.83
C SER A 84 -2.14 -14.41 -5.56
N LYS A 85 -0.82 -14.35 -5.48
CA LYS A 85 -0.09 -14.87 -4.33
C LYS A 85 -0.46 -14.09 -3.06
N PHE A 86 -0.57 -12.78 -3.20
CA PHE A 86 -0.94 -11.92 -2.07
C PHE A 86 -2.30 -12.30 -1.51
N TRP A 87 -3.26 -12.53 -2.41
CA TRP A 87 -4.62 -12.86 -2.01
C TRP A 87 -4.66 -14.17 -1.23
N GLU A 88 -3.84 -15.13 -1.65
CA GLU A 88 -3.79 -16.43 -1.00
C GLU A 88 -3.20 -16.31 0.40
N LEU A 89 -2.10 -15.58 0.52
CA LEU A 89 -1.37 -15.49 1.77
C LEU A 89 -2.05 -14.53 2.74
N HIS A 90 -2.53 -13.41 2.21
CA HIS A 90 -3.02 -12.31 3.04
C HIS A 90 -4.53 -12.14 2.87
N GLY A 91 -5.17 -13.12 2.27
CA GLY A 91 -6.59 -13.03 1.99
C GLY A 91 -7.41 -12.81 3.25
N ARG A 92 -7.05 -13.51 4.32
CA ARG A 92 -7.79 -13.40 5.58
C ARG A 92 -7.60 -12.02 6.21
N HIS A 93 -6.39 -11.48 6.08
CA HIS A 93 -6.10 -10.13 6.58
C HIS A 93 -6.93 -9.09 5.83
N TYR A 94 -6.99 -9.21 4.51
CA TYR A 94 -7.74 -8.26 3.70
C TYR A 94 -9.21 -8.29 4.04
N ASN A 95 -9.77 -9.50 4.17
CA ASN A 95 -11.19 -9.65 4.46
C ASN A 95 -11.53 -9.04 5.82
N GLY A 96 -10.66 -9.27 6.80
CA GLY A 96 -10.91 -8.74 8.13
C GLY A 96 -10.93 -7.23 8.17
N VAL A 97 -10.01 -6.61 7.45
CA VAL A 97 -9.91 -5.15 7.41
C VAL A 97 -11.13 -4.54 6.72
N MET A 98 -11.54 -5.16 5.62
CA MET A 98 -12.68 -4.67 4.85
C MET A 98 -13.97 -4.75 5.67
N GLU A 99 -14.09 -5.81 6.46
CA GLU A 99 -15.25 -5.97 7.33
C GLU A 99 -15.29 -4.89 8.41
N LEU A 100 -14.12 -4.58 8.97
CA LEU A 100 -14.01 -3.56 10.01
C LEU A 100 -14.40 -2.19 9.46
N THR A 1 -17.63 -8.60 -5.14
CA THR A 1 -17.41 -8.28 -6.54
C THR A 1 -16.24 -7.32 -6.72
N PHE A 2 -15.58 -6.99 -5.61
CA PHE A 2 -14.56 -5.96 -5.62
C PHE A 2 -13.20 -6.54 -6.02
N GLN A 3 -12.55 -5.90 -6.98
CA GLN A 3 -11.20 -6.27 -7.37
C GLN A 3 -10.22 -5.13 -7.11
N PRO A 4 -9.49 -5.22 -5.99
CA PRO A 4 -8.54 -4.19 -5.58
C PRO A 4 -7.23 -4.27 -6.36
N ILE A 5 -6.54 -3.13 -6.47
CA ILE A 5 -5.15 -3.12 -6.90
C ILE A 5 -4.20 -3.04 -5.71
N ILE A 6 -3.23 -3.94 -5.68
CA ILE A 6 -2.37 -4.10 -4.51
C ILE A 6 -1.00 -3.48 -4.75
N PHE A 7 -0.51 -2.75 -3.75
CA PHE A 7 0.84 -2.18 -3.81
C PHE A 7 1.68 -2.68 -2.63
N SER A 8 2.99 -2.82 -2.87
CA SER A 8 3.91 -3.24 -1.82
C SER A 8 4.85 -2.10 -1.46
N THR A 9 5.27 -2.07 -0.19
CA THR A 9 6.18 -1.04 0.28
C THR A 9 7.37 -1.65 1.00
N ALA A 10 8.50 -0.95 0.97
CA ALA A 10 9.68 -1.37 1.70
C ALA A 10 10.44 -0.17 2.28
N CYS A 11 10.93 -0.32 3.50
CA CYS A 11 11.64 0.77 4.16
C CYS A 11 13.13 0.45 4.27
N GLU A 12 13.95 1.50 4.32
CA GLU A 12 15.38 1.34 4.57
C GLU A 12 15.66 1.33 6.07
N GLN A 13 14.68 1.76 6.86
CA GLN A 13 14.85 1.86 8.31
C GLN A 13 13.65 1.26 9.03
N GLU A 14 13.90 0.61 10.15
CA GLU A 14 12.83 0.00 10.94
C GLU A 14 12.27 1.00 11.94
N GLY A 15 10.96 0.97 12.14
CA GLY A 15 10.34 1.71 13.21
C GLY A 15 10.03 3.15 12.83
N VAL A 16 10.33 3.50 11.58
CA VAL A 16 10.11 4.85 11.09
C VAL A 16 8.70 5.01 10.53
N ALA A 17 8.07 3.88 10.20
CA ALA A 17 6.76 3.90 9.55
C ALA A 17 5.76 3.03 10.30
N ASN A 18 4.49 3.35 10.15
CA ASN A 18 3.42 2.48 10.67
C ASN A 18 2.22 2.48 9.73
N TRP A 19 1.42 1.42 9.80
CA TRP A 19 0.26 1.28 8.93
C TRP A 19 -0.70 2.45 9.11
N ARG A 20 -0.77 2.97 10.33
CA ARG A 20 -1.55 4.18 10.60
C ARG A 20 -0.94 5.38 9.90
N ASN A 21 0.37 5.53 10.03
CA ASN A 21 1.08 6.65 9.40
C ASN A 21 1.00 6.55 7.88
N ILE A 22 1.08 5.34 7.36
CA ILE A 22 1.08 5.11 5.93
C ILE A 22 -0.26 5.53 5.32
N THR A 23 -1.34 5.18 5.99
CA THR A 23 -2.68 5.52 5.53
C THR A 23 -2.86 7.04 5.48
N GLU A 24 -2.41 7.72 6.53
CA GLU A 24 -2.48 9.18 6.58
C GLU A 24 -1.54 9.80 5.57
N ALA A 25 -0.32 9.27 5.48
CA ALA A 25 0.68 9.79 4.55
C ALA A 25 0.23 9.58 3.11
N LEU A 26 -0.30 8.40 2.82
CA LEU A 26 -0.71 8.06 1.46
C LEU A 26 -1.87 8.94 1.01
N LEU A 27 -2.82 9.18 1.91
CA LEU A 27 -3.99 10.00 1.60
C LEU A 27 -3.59 11.44 1.33
N LYS A 28 -2.85 12.02 2.25
CA LYS A 28 -2.53 13.44 2.20
C LYS A 28 -1.63 13.76 1.01
N GLN A 29 -0.64 12.90 0.78
CA GLN A 29 0.41 13.17 -0.19
C GLN A 29 -0.08 12.93 -1.61
N HIS A 30 -0.99 11.97 -1.76
CA HIS A 30 -1.39 11.51 -3.08
C HIS A 30 -2.89 11.73 -3.31
N ASN A 31 -3.59 12.11 -2.23
CA ASN A 31 -5.02 12.37 -2.31
C ASN A 31 -5.77 11.12 -2.77
N VAL A 32 -5.38 9.97 -2.24
CA VAL A 32 -6.06 8.72 -2.54
C VAL A 32 -6.51 8.02 -1.26
N HIS A 33 -7.62 7.30 -1.35
CA HIS A 33 -8.16 6.59 -0.19
C HIS A 33 -7.93 5.09 -0.31
N ALA A 34 -7.24 4.51 0.67
CA ALA A 34 -6.93 3.08 0.67
C ALA A 34 -7.92 2.32 1.55
N PRO A 35 -8.58 1.31 0.95
CA PRO A 35 -9.48 0.42 1.67
C PRO A 35 -8.73 -0.57 2.56
N TYR A 36 -7.43 -0.71 2.31
CA TYR A 36 -6.62 -1.68 3.04
C TYR A 36 -5.19 -1.16 3.23
N CYS A 37 -4.68 -1.28 4.45
CA CYS A 37 -3.29 -0.95 4.74
C CYS A 37 -2.72 -1.89 5.79
N ARG A 38 -1.56 -2.48 5.47
CA ARG A 38 -0.85 -3.32 6.43
C ARG A 38 0.64 -3.00 6.42
N PHE A 39 1.25 -2.99 7.61
CA PHE A 39 2.68 -2.74 7.73
C PHE A 39 3.33 -3.75 8.66
N GLY A 40 4.44 -4.35 8.21
CA GLY A 40 5.24 -5.18 9.08
C GLY A 40 6.36 -4.41 9.75
N LYS A 41 7.53 -5.03 9.87
CA LYS A 41 8.67 -4.40 10.53
C LYS A 41 9.44 -3.51 9.56
N LEU A 42 9.76 -4.06 8.40
CA LEU A 42 10.59 -3.34 7.42
C LEU A 42 9.83 -3.12 6.12
N GLU A 43 8.67 -3.77 6.00
CA GLU A 43 7.91 -3.75 4.75
C GLU A 43 6.42 -3.84 5.01
N GLY A 44 5.62 -3.44 4.03
CA GLY A 44 4.18 -3.48 4.18
C GLY A 44 3.45 -3.44 2.85
N ASN A 45 2.12 -3.41 2.90
CA ASN A 45 1.32 -3.38 1.68
C ASN A 45 0.13 -2.43 1.85
N PHE A 46 -0.40 -1.96 0.73
CA PHE A 46 -1.65 -1.22 0.72
C PHE A 46 -2.39 -1.38 -0.60
N ALA A 47 -3.68 -1.07 -0.61
CA ALA A 47 -4.51 -1.23 -1.79
C ALA A 47 -5.19 0.08 -2.17
N LEU A 48 -5.55 0.21 -3.43
CA LEU A 48 -6.40 1.32 -3.88
C LEU A 48 -7.53 0.82 -4.76
N ASN A 49 -8.64 1.56 -4.77
CA ASN A 49 -9.81 1.15 -5.54
C ASN A 49 -9.61 1.40 -7.03
N LYS A 50 -10.14 0.50 -7.85
CA LYS A 50 -10.06 0.65 -9.30
C LYS A 50 -10.70 1.96 -9.76
N ASP A 51 -11.77 2.36 -9.08
CA ASP A 51 -12.41 3.64 -9.34
C ASP A 51 -11.56 4.79 -8.81
N LYS A 52 -10.79 4.51 -7.76
CA LYS A 52 -9.99 5.54 -7.10
C LYS A 52 -8.51 5.36 -7.42
N THR A 53 -8.22 4.51 -8.41
CA THR A 53 -6.86 4.37 -8.91
C THR A 53 -6.74 4.84 -10.35
N SER A 54 -5.80 5.75 -10.59
CA SER A 54 -5.50 6.19 -11.94
C SER A 54 -4.08 5.78 -12.35
N GLN A 55 -3.86 5.67 -13.66
CA GLN A 55 -2.54 5.33 -14.17
C GLN A 55 -1.49 6.35 -13.71
N GLU A 56 -1.89 7.61 -13.66
CA GLU A 56 -0.99 8.68 -13.23
C GLU A 56 -0.62 8.51 -11.76
N VAL A 57 -1.59 8.06 -10.96
CA VAL A 57 -1.34 7.78 -9.55
C VAL A 57 -0.35 6.63 -9.39
N ILE A 58 -0.54 5.58 -10.18
CA ILE A 58 0.32 4.40 -10.10
C ILE A 58 1.77 4.75 -10.44
N ASP A 59 1.95 5.50 -11.52
CA ASP A 59 3.28 5.97 -11.91
C ASP A 59 3.87 6.88 -10.84
N GLN A 60 3.03 7.74 -10.27
CA GLN A 60 3.48 8.66 -9.24
C GLN A 60 3.92 7.90 -7.99
N LEU A 61 3.16 6.88 -7.61
CA LEU A 61 3.41 6.14 -6.38
C LEU A 61 4.77 5.45 -6.45
N VAL A 62 5.04 4.79 -7.57
CA VAL A 62 6.29 4.06 -7.75
C VAL A 62 7.48 5.02 -7.83
N GLN A 63 7.32 6.09 -8.59
CA GLN A 63 8.41 7.02 -8.84
C GLN A 63 8.78 7.77 -7.56
N ASP A 64 7.78 8.30 -6.88
CA ASP A 64 8.00 9.17 -5.73
C ASP A 64 8.00 8.37 -4.43
N GLY A 65 7.47 7.16 -4.50
CA GLY A 65 7.27 6.38 -3.29
C GLY A 65 6.40 7.10 -2.27
N LEU A 66 6.72 6.92 -0.99
CA LEU A 66 6.00 7.59 0.09
C LEU A 66 6.97 8.16 1.11
N GLN A 67 6.81 9.45 1.41
CA GLN A 67 7.80 10.17 2.21
C GLN A 67 7.40 10.20 3.67
N PHE A 68 8.33 9.86 4.55
CA PHE A 68 8.12 9.98 5.99
C PHE A 68 9.24 10.78 6.65
N GLY A 69 9.08 12.10 6.66
CA GLY A 69 10.11 12.96 7.20
C GLY A 69 11.37 12.97 6.34
N GLU A 70 12.49 12.57 6.93
CA GLU A 70 13.75 12.52 6.21
C GLU A 70 13.99 11.12 5.64
N SER A 71 13.04 10.22 5.86
CA SER A 71 13.13 8.86 5.34
C SER A 71 12.22 8.68 4.14
N LYS A 72 12.58 7.74 3.27
CA LYS A 72 11.79 7.47 2.07
C LYS A 72 11.41 5.99 2.00
N VAL A 73 10.14 5.74 1.71
CA VAL A 73 9.64 4.37 1.57
C VAL A 73 9.24 4.08 0.13
N THR A 74 9.79 3.02 -0.43
CA THR A 74 9.57 2.70 -1.84
C THR A 74 8.25 1.97 -2.04
N ILE A 75 7.69 2.11 -3.24
CA ILE A 75 6.41 1.47 -3.56
C ILE A 75 6.54 0.60 -4.80
N LYS A 76 5.93 -0.58 -4.75
CA LYS A 76 5.93 -1.49 -5.90
C LYS A 76 4.51 -1.94 -6.24
N VAL A 77 4.23 -2.05 -7.53
CA VAL A 77 2.91 -2.50 -7.99
C VAL A 77 2.83 -4.02 -8.03
N SER A 78 1.82 -4.57 -7.37
CA SER A 78 1.59 -6.01 -7.37
C SER A 78 0.69 -6.42 -8.54
N GLU A 79 1.17 -7.35 -9.36
CA GLU A 79 0.45 -7.78 -10.55
C GLU A 79 -0.08 -9.20 -10.38
N GLY A 80 -0.79 -9.69 -11.39
CA GLY A 80 -1.48 -10.95 -11.28
C GLY A 80 -0.71 -11.96 -10.44
N GLU A 81 0.54 -12.17 -10.78
CA GLU A 81 1.36 -13.17 -10.09
C GLU A 81 1.56 -12.79 -8.63
N ALA A 82 1.89 -11.52 -8.39
CA ALA A 82 2.05 -11.02 -7.03
C ALA A 82 0.74 -11.10 -6.26
N LEU A 83 -0.36 -10.82 -6.94
CA LEU A 83 -1.68 -10.80 -6.30
C LEU A 83 -2.05 -12.19 -5.77
N SER A 84 -1.76 -13.21 -6.58
CA SER A 84 -2.04 -14.59 -6.18
C SER A 84 -1.25 -14.97 -4.93
N LYS A 85 0.02 -14.55 -4.90
CA LYS A 85 0.86 -14.76 -3.72
C LYS A 85 0.35 -13.95 -2.54
N PHE A 86 -0.06 -12.72 -2.80
CA PHE A 86 -0.56 -11.84 -1.76
C PHE A 86 -1.81 -12.42 -1.11
N TRP A 87 -2.74 -12.89 -1.95
CA TRP A 87 -4.02 -13.38 -1.46
C TRP A 87 -3.83 -14.63 -0.59
N GLU A 88 -2.88 -15.48 -0.98
CA GLU A 88 -2.60 -16.70 -0.25
C GLU A 88 -1.99 -16.40 1.11
N LEU A 89 -1.00 -15.50 1.13
CA LEU A 89 -0.24 -15.23 2.33
C LEU A 89 -0.98 -14.26 3.25
N HIS A 90 -1.60 -13.25 2.66
CA HIS A 90 -2.15 -12.14 3.41
C HIS A 90 -3.67 -12.09 3.28
N GLY A 91 -4.24 -13.16 2.74
CA GLY A 91 -5.68 -13.19 2.50
C GLY A 91 -6.48 -12.95 3.76
N ARG A 92 -6.06 -13.59 4.85
CA ARG A 92 -6.78 -13.46 6.12
C ARG A 92 -6.64 -12.06 6.70
N HIS A 93 -5.46 -11.47 6.51
CA HIS A 93 -5.22 -10.09 6.97
C HIS A 93 -6.11 -9.11 6.21
N TYR A 94 -6.18 -9.28 4.89
CA TYR A 94 -6.98 -8.39 4.06
C TYR A 94 -8.46 -8.47 4.43
N ASN A 95 -8.94 -9.69 4.63
CA ASN A 95 -10.35 -9.90 4.98
C ASN A 95 -10.69 -9.22 6.29
N GLY A 96 -9.80 -9.33 7.27
CA GLY A 96 -10.04 -8.75 8.57
C GLY A 96 -10.13 -7.24 8.51
N VAL A 97 -9.26 -6.62 7.72
CA VAL A 97 -9.25 -5.17 7.57
C VAL A 97 -10.50 -4.67 6.86
N MET A 98 -10.89 -5.40 5.82
CA MET A 98 -12.06 -5.02 5.02
C MET A 98 -13.34 -5.09 5.86
N GLU A 99 -13.40 -6.06 6.76
CA GLU A 99 -14.54 -6.22 7.64
C GLU A 99 -14.68 -5.02 8.58
N LEU A 100 -13.54 -4.51 9.04
CA LEU A 100 -13.54 -3.34 9.91
C LEU A 100 -13.97 -2.09 9.15
N THR A 1 -17.56 -7.00 -3.10
CA THR A 1 -16.96 -7.25 -4.42
C THR A 1 -15.69 -6.44 -4.60
N PHE A 2 -15.12 -5.98 -3.48
CA PHE A 2 -13.93 -5.14 -3.53
C PHE A 2 -12.77 -5.87 -4.19
N GLN A 3 -12.16 -5.22 -5.17
CA GLN A 3 -10.98 -5.76 -5.83
C GLN A 3 -9.79 -4.81 -5.69
N PRO A 4 -8.84 -5.18 -4.81
CA PRO A 4 -7.68 -4.35 -4.49
C PRO A 4 -6.57 -4.49 -5.53
N ILE A 5 -5.75 -3.46 -5.67
CA ILE A 5 -4.39 -3.61 -6.18
C ILE A 5 -3.38 -3.57 -5.04
N ILE A 6 -2.45 -4.53 -5.05
CA ILE A 6 -1.55 -4.74 -3.93
C ILE A 6 -0.23 -3.99 -4.14
N PHE A 7 0.17 -3.21 -3.13
CA PHE A 7 1.44 -2.49 -3.19
C PHE A 7 2.34 -2.90 -2.02
N SER A 8 3.64 -2.89 -2.26
CA SER A 8 4.61 -3.18 -1.22
C SER A 8 5.48 -1.96 -0.91
N THR A 9 5.90 -1.85 0.34
CA THR A 9 6.75 -0.73 0.76
C THR A 9 8.00 -1.21 1.46
N ALA A 10 9.08 -0.44 1.34
CA ALA A 10 10.30 -0.72 2.09
C ALA A 10 11.00 0.57 2.49
N CYS A 11 11.56 0.59 3.69
CA CYS A 11 12.26 1.77 4.18
C CYS A 11 13.71 1.45 4.49
N GLU A 12 14.54 2.48 4.63
CA GLU A 12 15.95 2.30 4.95
C GLU A 12 16.17 2.30 6.45
N GLN A 13 15.18 2.78 7.20
CA GLN A 13 15.32 2.95 8.64
C GLN A 13 14.17 2.28 9.37
N GLU A 14 14.50 1.40 10.32
CA GLU A 14 13.49 0.66 11.07
C GLU A 14 12.71 1.58 12.00
N GLY A 15 11.40 1.39 12.04
CA GLY A 15 10.57 2.14 12.97
C GLY A 15 10.30 3.55 12.49
N VAL A 16 10.80 3.87 11.29
CA VAL A 16 10.66 5.22 10.75
C VAL A 16 9.20 5.56 10.47
N ALA A 17 8.40 4.53 10.20
CA ALA A 17 7.00 4.73 9.86
C ALA A 17 6.15 3.54 10.35
N ASN A 18 4.85 3.76 10.45
CA ASN A 18 3.91 2.69 10.73
C ASN A 18 2.66 2.81 9.86
N TRP A 19 1.81 1.79 9.91
CA TRP A 19 0.68 1.69 9.01
C TRP A 19 -0.27 2.89 9.18
N ARG A 20 -0.34 3.40 10.40
CA ARG A 20 -1.16 4.57 10.69
C ARG A 20 -0.60 5.80 9.99
N ASN A 21 0.70 6.02 10.13
CA ASN A 21 1.37 7.15 9.49
C ASN A 21 1.33 7.01 7.97
N ILE A 22 1.50 5.80 7.50
CA ILE A 22 1.54 5.54 6.06
C ILE A 22 0.20 5.85 5.40
N THR A 23 -0.88 5.43 6.06
CA THR A 23 -2.23 5.68 5.56
C THR A 23 -2.51 7.19 5.48
N GLU A 24 -2.12 7.91 6.52
CA GLU A 24 -2.28 9.36 6.55
C GLU A 24 -1.37 10.03 5.51
N ALA A 25 -0.13 9.56 5.45
CA ALA A 25 0.83 10.12 4.50
C ALA A 25 0.40 9.86 3.06
N LEU A 26 -0.06 8.64 2.79
CA LEU A 26 -0.45 8.26 1.44
C LEU A 26 -1.66 9.06 0.98
N LEU A 27 -2.62 9.26 1.89
CA LEU A 27 -3.83 9.99 1.56
C LEU A 27 -3.52 11.45 1.25
N LYS A 28 -2.79 12.11 2.14
CA LYS A 28 -2.55 13.54 2.05
C LYS A 28 -1.69 13.86 0.82
N GLN A 29 -0.67 13.05 0.59
CA GLN A 29 0.34 13.36 -0.40
C GLN A 29 -0.16 13.02 -1.81
N HIS A 30 -1.00 12.00 -1.90
CA HIS A 30 -1.39 11.43 -3.19
C HIS A 30 -2.89 11.53 -3.39
N ASN A 31 -3.61 11.92 -2.35
CA ASN A 31 -5.05 12.09 -2.42
C ASN A 31 -5.73 10.77 -2.79
N VAL A 32 -5.26 9.68 -2.19
CA VAL A 32 -5.88 8.38 -2.37
C VAL A 32 -6.26 7.76 -1.02
N HIS A 33 -7.38 7.04 -0.99
CA HIS A 33 -7.88 6.45 0.24
C HIS A 33 -7.52 4.96 0.30
N ALA A 34 -6.72 4.59 1.30
CA ALA A 34 -6.31 3.20 1.49
C ALA A 34 -7.16 2.53 2.57
N PRO A 35 -7.94 1.51 2.17
CA PRO A 35 -8.81 0.76 3.08
C PRO A 35 -8.05 -0.23 3.94
N TYR A 36 -6.83 -0.56 3.52
CA TYR A 36 -6.04 -1.57 4.19
C TYR A 36 -4.55 -1.24 4.11
N CYS A 37 -3.91 -1.15 5.28
CA CYS A 37 -2.48 -0.93 5.35
C CYS A 37 -1.87 -1.65 6.55
N ARG A 38 -0.78 -2.38 6.31
CA ARG A 38 -0.02 -3.00 7.38
C ARG A 38 1.47 -2.77 7.20
N PHE A 39 2.16 -2.52 8.31
CA PHE A 39 3.60 -2.25 8.26
C PHE A 39 4.33 -3.04 9.35
N GLY A 40 5.43 -3.69 8.95
CA GLY A 40 6.26 -4.38 9.92
C GLY A 40 7.36 -3.48 10.47
N LYS A 41 8.56 -4.02 10.59
CA LYS A 41 9.68 -3.29 11.17
C LYS A 41 10.36 -2.43 10.10
N LEU A 42 10.64 -3.03 8.95
CA LEU A 42 11.43 -2.36 7.93
C LEU A 42 10.65 -2.29 6.61
N GLU A 43 9.51 -2.97 6.57
CA GLU A 43 8.74 -3.08 5.33
C GLU A 43 7.25 -3.27 5.63
N GLY A 44 6.41 -3.01 4.63
CA GLY A 44 4.98 -3.16 4.81
C GLY A 44 4.24 -3.22 3.49
N ASN A 45 2.92 -3.33 3.57
CA ASN A 45 2.09 -3.43 2.36
C ASN A 45 0.81 -2.61 2.52
N PHE A 46 0.21 -2.25 1.39
CA PHE A 46 -1.10 -1.61 1.39
C PHE A 46 -1.85 -1.88 0.09
N ALA A 47 -3.15 -1.61 0.09
CA ALA A 47 -3.98 -1.86 -1.08
C ALA A 47 -4.77 -0.61 -1.46
N LEU A 48 -5.05 -0.47 -2.76
CA LEU A 48 -5.97 0.55 -3.23
C LEU A 48 -7.01 -0.05 -4.17
N ASN A 49 -8.19 0.57 -4.22
CA ASN A 49 -9.29 0.07 -5.04
C ASN A 49 -9.00 0.27 -6.53
N LYS A 50 -9.28 -0.76 -7.32
CA LYS A 50 -9.14 -0.67 -8.76
C LYS A 50 -9.97 0.48 -9.32
N ASP A 51 -11.14 0.71 -8.72
CA ASP A 51 -11.99 1.84 -9.09
C ASP A 51 -11.36 3.16 -8.65
N LYS A 52 -10.63 3.11 -7.53
CA LYS A 52 -10.04 4.32 -6.96
C LYS A 52 -8.53 4.35 -7.21
N THR A 53 -8.07 3.49 -8.11
CA THR A 53 -6.69 3.54 -8.55
C THR A 53 -6.59 3.87 -10.04
N SER A 54 -5.83 4.91 -10.36
CA SER A 54 -5.62 5.30 -11.76
C SER A 54 -4.21 4.96 -12.21
N GLN A 55 -4.04 4.74 -13.51
CA GLN A 55 -2.74 4.45 -14.08
C GLN A 55 -1.74 5.56 -13.77
N GLU A 56 -2.20 6.81 -13.87
CA GLU A 56 -1.35 7.96 -13.61
C GLU A 56 -0.91 8.00 -12.14
N VAL A 57 -1.82 7.61 -11.26
CA VAL A 57 -1.50 7.55 -9.83
C VAL A 57 -0.44 6.50 -9.55
N ILE A 58 -0.56 5.35 -10.19
CA ILE A 58 0.37 4.25 -9.95
C ILE A 58 1.78 4.63 -10.36
N ASP A 59 1.93 5.19 -11.56
CA ASP A 59 3.22 5.62 -12.05
C ASP A 59 3.80 6.74 -11.18
N GLN A 60 2.95 7.69 -10.81
CA GLN A 60 3.36 8.78 -9.93
C GLN A 60 3.76 8.25 -8.55
N LEU A 61 2.96 7.32 -8.04
CA LEU A 61 3.17 6.81 -6.69
C LEU A 61 4.52 6.11 -6.56
N VAL A 62 4.84 5.27 -7.56
CA VAL A 62 6.08 4.52 -7.55
C VAL A 62 7.28 5.45 -7.71
N GLN A 63 7.17 6.41 -8.61
CA GLN A 63 8.28 7.30 -8.93
C GLN A 63 8.65 8.15 -7.72
N ASP A 64 7.64 8.71 -7.06
CA ASP A 64 7.88 9.62 -5.94
C ASP A 64 7.88 8.85 -4.62
N GLY A 65 7.40 7.61 -4.67
CA GLY A 65 7.25 6.83 -3.45
C GLY A 65 6.40 7.54 -2.41
N LEU A 66 6.79 7.42 -1.15
CA LEU A 66 6.09 8.11 -0.07
C LEU A 66 7.08 8.76 0.90
N GLN A 67 6.88 10.05 1.17
CA GLN A 67 7.86 10.84 1.90
C GLN A 67 7.52 10.89 3.39
N PHE A 68 8.50 10.62 4.23
CA PHE A 68 8.34 10.77 5.67
C PHE A 68 9.46 11.63 6.25
N GLY A 69 9.29 12.95 6.18
CA GLY A 69 10.32 13.86 6.64
C GLY A 69 11.55 13.84 5.76
N GLU A 70 12.69 13.49 6.36
CA GLU A 70 13.94 13.40 5.61
C GLU A 70 14.19 11.97 5.14
N SER A 71 13.26 11.07 5.47
CA SER A 71 13.36 9.69 5.03
C SER A 71 12.39 9.42 3.87
N LYS A 72 12.79 8.53 2.97
CA LYS A 72 11.96 8.17 1.82
C LYS A 72 11.64 6.69 1.82
N VAL A 73 10.37 6.35 1.60
CA VAL A 73 9.95 4.96 1.54
C VAL A 73 9.58 4.55 0.11
N THR A 74 10.19 3.48 -0.37
CA THR A 74 9.99 3.04 -1.75
C THR A 74 8.71 2.22 -1.87
N ILE A 75 8.10 2.25 -3.05
CA ILE A 75 6.85 1.55 -3.29
C ILE A 75 6.94 0.63 -4.50
N LYS A 76 6.42 -0.57 -4.37
CA LYS A 76 6.41 -1.53 -5.47
C LYS A 76 4.99 -2.02 -5.75
N VAL A 77 4.67 -2.18 -7.04
CA VAL A 77 3.33 -2.55 -7.45
C VAL A 77 3.24 -4.05 -7.75
N SER A 78 2.37 -4.74 -7.04
CA SER A 78 2.14 -6.17 -7.28
C SER A 78 1.04 -6.38 -8.32
N GLU A 79 1.37 -7.10 -9.38
CA GLU A 79 0.44 -7.31 -10.48
C GLU A 79 0.45 -8.77 -10.93
N GLY A 80 -0.63 -9.19 -11.60
CA GLY A 80 -0.62 -10.47 -12.27
C GLY A 80 -0.43 -11.62 -11.30
N GLU A 81 0.65 -12.38 -11.49
CA GLU A 81 0.93 -13.54 -10.66
C GLU A 81 1.09 -13.14 -9.19
N ALA A 82 1.70 -11.98 -8.97
CA ALA A 82 1.93 -11.50 -7.61
C ALA A 82 0.62 -11.28 -6.88
N LEU A 83 -0.38 -10.76 -7.59
CA LEU A 83 -1.70 -10.57 -7.01
C LEU A 83 -2.35 -11.90 -6.66
N SER A 84 -2.20 -12.88 -7.55
CA SER A 84 -2.82 -14.18 -7.36
C SER A 84 -2.27 -14.86 -6.12
N LYS A 85 -0.96 -14.76 -5.92
CA LYS A 85 -0.31 -15.35 -4.75
C LYS A 85 -0.76 -14.66 -3.48
N PHE A 86 -0.84 -13.33 -3.51
CA PHE A 86 -1.26 -12.55 -2.35
C PHE A 86 -2.70 -12.88 -1.97
N TRP A 87 -3.57 -12.93 -2.97
CA TRP A 87 -4.99 -13.17 -2.74
C TRP A 87 -5.22 -14.55 -2.14
N GLU A 88 -4.42 -15.53 -2.60
CA GLU A 88 -4.55 -16.90 -2.12
C GLU A 88 -4.18 -17.00 -0.65
N LEU A 89 -3.07 -16.37 -0.27
CA LEU A 89 -2.57 -16.46 1.10
C LEU A 89 -3.36 -15.53 2.02
N HIS A 90 -3.71 -14.36 1.52
CA HIS A 90 -4.24 -13.28 2.36
C HIS A 90 -5.68 -12.95 1.99
N GLY A 91 -6.23 -13.74 1.08
CA GLY A 91 -7.58 -13.48 0.60
C GLY A 91 -8.60 -13.48 1.72
N ARG A 92 -8.50 -14.47 2.60
CA ARG A 92 -9.43 -14.59 3.72
C ARG A 92 -9.23 -13.46 4.72
N HIS A 93 -7.97 -13.05 4.90
CA HIS A 93 -7.65 -11.94 5.80
C HIS A 93 -8.25 -10.64 5.28
N TYR A 94 -8.11 -10.38 3.99
CA TYR A 94 -8.64 -9.17 3.38
C TYR A 94 -10.16 -9.13 3.49
N ASN A 95 -10.79 -10.27 3.25
CA ASN A 95 -12.25 -10.38 3.34
C ASN A 95 -12.72 -10.00 4.75
N GLY A 96 -11.97 -10.45 5.76
CA GLY A 96 -12.27 -10.07 7.13
C GLY A 96 -12.18 -8.58 7.35
N VAL A 97 -11.18 -7.95 6.74
CA VAL A 97 -11.02 -6.50 6.83
C VAL A 97 -12.21 -5.78 6.19
N MET A 98 -12.67 -6.31 5.07
CA MET A 98 -13.81 -5.72 4.36
C MET A 98 -15.07 -5.77 5.21
N GLU A 99 -15.21 -6.84 5.98
CA GLU A 99 -16.36 -6.98 6.89
C GLU A 99 -16.32 -5.92 7.97
N LEU A 100 -15.13 -5.61 8.46
CA LEU A 100 -14.96 -4.56 9.47
C LEU A 100 -15.31 -3.19 8.91
N THR A 1 -18.11 -7.22 -5.01
CA THR A 1 -17.41 -7.28 -6.30
C THR A 1 -16.16 -6.42 -6.29
N PHE A 2 -15.72 -6.04 -5.09
CA PHE A 2 -14.58 -5.13 -4.96
C PHE A 2 -13.32 -5.75 -5.55
N GLN A 3 -12.66 -4.99 -6.41
CA GLN A 3 -11.40 -5.43 -7.01
C GLN A 3 -10.30 -4.40 -6.79
N PRO A 4 -9.48 -4.62 -5.76
CA PRO A 4 -8.36 -3.72 -5.43
C PRO A 4 -7.12 -4.01 -6.26
N ILE A 5 -6.27 -3.00 -6.41
CA ILE A 5 -4.88 -3.23 -6.77
C ILE A 5 -3.97 -3.15 -5.55
N ILE A 6 -3.07 -4.12 -5.44
CA ILE A 6 -2.23 -4.25 -4.26
C ILE A 6 -0.84 -3.63 -4.49
N PHE A 7 -0.38 -2.84 -3.52
CA PHE A 7 0.94 -2.25 -3.59
C PHE A 7 1.80 -2.68 -2.39
N SER A 8 3.10 -2.82 -2.63
CA SER A 8 4.03 -3.18 -1.57
C SER A 8 4.96 -2.02 -1.25
N THR A 9 5.34 -1.90 0.02
CA THR A 9 6.22 -0.83 0.46
C THR A 9 7.39 -1.36 1.26
N ALA A 10 8.52 -0.67 1.19
CA ALA A 10 9.67 -0.98 2.03
C ALA A 10 10.36 0.30 2.51
N CYS A 11 10.73 0.33 3.79
CA CYS A 11 11.32 1.51 4.39
C CYS A 11 12.84 1.41 4.42
N GLU A 12 13.51 2.54 4.52
CA GLU A 12 14.97 2.58 4.64
C GLU A 12 15.39 2.37 6.09
N GLN A 13 14.47 2.62 7.02
CA GLN A 13 14.77 2.54 8.44
C GLN A 13 13.70 1.76 9.19
N GLU A 14 14.12 0.94 10.14
CA GLU A 14 13.21 0.10 10.91
C GLU A 14 12.42 0.95 11.90
N GLY A 15 11.11 0.71 11.96
CA GLY A 15 10.28 1.38 12.95
C GLY A 15 9.99 2.82 12.59
N VAL A 16 10.45 3.23 11.41
CA VAL A 16 10.32 4.62 10.98
C VAL A 16 8.87 4.96 10.66
N ALA A 17 8.10 3.95 10.29
CA ALA A 17 6.71 4.14 9.88
C ALA A 17 5.81 3.05 10.44
N ASN A 18 4.51 3.33 10.48
CA ASN A 18 3.51 2.30 10.78
C ASN A 18 2.27 2.49 9.93
N TRP A 19 1.36 1.52 10.00
CA TRP A 19 0.22 1.47 9.10
C TRP A 19 -0.66 2.71 9.27
N ARG A 20 -0.70 3.23 10.49
CA ARG A 20 -1.45 4.45 10.79
C ARG A 20 -0.83 5.65 10.07
N ASN A 21 0.48 5.80 10.21
CA ASN A 21 1.19 6.90 9.58
C ASN A 21 1.13 6.77 8.06
N ILE A 22 1.24 5.55 7.56
CA ILE A 22 1.26 5.30 6.13
C ILE A 22 -0.08 5.68 5.49
N THR A 23 -1.18 5.33 6.16
CA THR A 23 -2.51 5.65 5.69
C THR A 23 -2.71 7.16 5.61
N GLU A 24 -2.27 7.87 6.65
CA GLU A 24 -2.35 9.32 6.67
C GLU A 24 -1.42 9.94 5.63
N ALA A 25 -0.20 9.41 5.55
CA ALA A 25 0.79 9.91 4.61
C ALA A 25 0.35 9.67 3.17
N LEU A 26 -0.18 8.48 2.91
CA LEU A 26 -0.61 8.12 1.57
C LEU A 26 -1.76 8.98 1.10
N LEU A 27 -2.72 9.23 2.00
CA LEU A 27 -3.90 10.02 1.67
C LEU A 27 -3.51 11.46 1.36
N LYS A 28 -2.76 12.09 2.28
CA LYS A 28 -2.45 13.50 2.18
C LYS A 28 -1.57 13.78 0.97
N GLN A 29 -0.57 12.93 0.75
CA GLN A 29 0.46 13.19 -0.24
C GLN A 29 -0.04 12.90 -1.65
N HIS A 30 -0.94 11.93 -1.76
CA HIS A 30 -1.35 11.43 -3.06
C HIS A 30 -2.85 11.65 -3.27
N ASN A 31 -3.54 12.05 -2.21
CA ASN A 31 -4.97 12.31 -2.28
C ASN A 31 -5.73 11.05 -2.69
N VAL A 32 -5.32 9.91 -2.15
CA VAL A 32 -6.01 8.65 -2.40
C VAL A 32 -6.44 7.99 -1.10
N HIS A 33 -7.57 7.29 -1.14
CA HIS A 33 -8.11 6.61 0.04
C HIS A 33 -7.87 5.11 -0.05
N ALA A 34 -7.12 4.58 0.92
CA ALA A 34 -6.82 3.15 0.95
C ALA A 34 -7.77 2.41 1.89
N PRO A 35 -8.44 1.37 1.36
CA PRO A 35 -9.32 0.52 2.16
C PRO A 35 -8.55 -0.44 3.06
N TYR A 36 -7.27 -0.62 2.76
CA TYR A 36 -6.45 -1.60 3.47
C TYR A 36 -5.01 -1.11 3.60
N CYS A 37 -4.49 -1.15 4.82
CA CYS A 37 -3.08 -0.83 5.05
C CYS A 37 -2.49 -1.72 6.15
N ARG A 38 -1.37 -2.34 5.86
CA ARG A 38 -0.66 -3.14 6.85
C ARG A 38 0.84 -2.86 6.81
N PHE A 39 1.46 -2.80 7.98
CA PHE A 39 2.90 -2.60 8.07
C PHE A 39 3.51 -3.54 9.10
N GLY A 40 4.61 -4.19 8.72
CA GLY A 40 5.37 -5.00 9.66
C GLY A 40 6.46 -4.21 10.36
N LYS A 41 7.68 -4.74 10.35
CA LYS A 41 8.80 -4.10 11.02
C LYS A 41 9.46 -3.07 10.10
N LEU A 42 9.74 -3.48 8.87
CA LEU A 42 10.50 -2.64 7.94
C LEU A 42 9.75 -2.48 6.62
N GLU A 43 8.66 -3.23 6.47
CA GLU A 43 7.94 -3.29 5.20
C GLU A 43 6.45 -3.43 5.43
N GLY A 44 5.66 -3.08 4.41
CA GLY A 44 4.21 -3.16 4.53
C GLY A 44 3.51 -3.13 3.19
N ASN A 45 2.19 -3.17 3.21
CA ASN A 45 1.41 -3.18 1.97
C ASN A 45 0.20 -2.26 2.09
N PHE A 46 -0.32 -1.83 0.94
CA PHE A 46 -1.59 -1.13 0.89
C PHE A 46 -2.31 -1.37 -0.42
N ALA A 47 -3.60 -1.06 -0.46
CA ALA A 47 -4.42 -1.33 -1.64
C ALA A 47 -5.15 -0.06 -2.09
N LEU A 48 -5.45 0.01 -3.38
CA LEU A 48 -6.36 1.02 -3.90
C LEU A 48 -7.34 0.42 -4.90
N ASN A 49 -8.52 1.01 -4.99
CA ASN A 49 -9.57 0.48 -5.86
C ASN A 49 -9.23 0.72 -7.33
N LYS A 50 -9.50 -0.27 -8.17
CA LYS A 50 -9.28 -0.16 -9.60
C LYS A 50 -10.04 1.03 -10.18
N ASP A 51 -11.24 1.28 -9.64
CA ASP A 51 -12.04 2.42 -10.06
C ASP A 51 -11.45 3.72 -9.52
N LYS A 52 -10.78 3.63 -8.38
CA LYS A 52 -10.18 4.80 -7.75
C LYS A 52 -8.67 4.80 -7.92
N THR A 53 -8.17 3.94 -8.81
CA THR A 53 -6.76 3.94 -9.17
C THR A 53 -6.57 4.29 -10.64
N SER A 54 -5.78 5.33 -10.90
CA SER A 54 -5.43 5.70 -12.27
C SER A 54 -3.98 5.33 -12.57
N GLN A 55 -3.66 5.23 -13.86
CA GLN A 55 -2.29 4.97 -14.29
C GLN A 55 -1.35 6.05 -13.76
N GLU A 56 -1.83 7.30 -13.73
CA GLU A 56 -1.02 8.42 -13.26
C GLU A 56 -0.69 8.27 -11.78
N VAL A 57 -1.67 7.78 -11.01
CA VAL A 57 -1.44 7.50 -9.60
C VAL A 57 -0.43 6.38 -9.41
N ILE A 58 -0.56 5.33 -10.21
CA ILE A 58 0.34 4.18 -10.10
C ILE A 58 1.77 4.57 -10.42
N ASP A 59 1.95 5.33 -11.49
CA ASP A 59 3.28 5.82 -11.87
C ASP A 59 3.83 6.75 -10.80
N GLN A 60 2.97 7.60 -10.24
CA GLN A 60 3.37 8.54 -9.21
C GLN A 60 3.82 7.80 -7.95
N LEU A 61 3.08 6.77 -7.57
CA LEU A 61 3.35 6.04 -6.35
C LEU A 61 4.72 5.38 -6.40
N VAL A 62 5.02 4.73 -7.52
CA VAL A 62 6.29 4.04 -7.69
C VAL A 62 7.46 5.01 -7.78
N GLN A 63 7.27 6.07 -8.55
CA GLN A 63 8.34 7.02 -8.83
C GLN A 63 8.70 7.80 -7.56
N ASP A 64 7.68 8.32 -6.89
CA ASP A 64 7.89 9.21 -5.75
C ASP A 64 7.91 8.42 -4.44
N GLY A 65 7.40 7.19 -4.49
CA GLY A 65 7.21 6.42 -3.27
C GLY A 65 6.37 7.15 -2.25
N LEU A 66 6.72 7.02 -0.98
CA LEU A 66 6.03 7.72 0.09
C LEU A 66 7.02 8.31 1.09
N GLN A 67 6.88 9.60 1.35
CA GLN A 67 7.90 10.34 2.10
C GLN A 67 7.55 10.40 3.59
N PHE A 68 8.52 10.07 4.44
CA PHE A 68 8.34 10.23 5.88
C PHE A 68 9.50 11.04 6.48
N GLY A 69 9.37 12.36 6.45
CA GLY A 69 10.43 13.22 6.94
C GLY A 69 11.65 13.19 6.04
N GLU A 70 12.78 12.78 6.61
CA GLU A 70 14.02 12.68 5.86
C GLU A 70 14.23 11.27 5.32
N SER A 71 13.26 10.39 5.58
CA SER A 71 13.31 9.02 5.09
C SER A 71 12.35 8.82 3.92
N LYS A 72 12.69 7.89 3.04
CA LYS A 72 11.86 7.62 1.87
C LYS A 72 11.45 6.15 1.84
N VAL A 73 10.17 5.92 1.51
CA VAL A 73 9.66 4.55 1.41
C VAL A 73 9.30 4.21 -0.03
N THR A 74 9.87 3.12 -0.53
CA THR A 74 9.68 2.72 -1.92
C THR A 74 8.41 1.91 -2.10
N ILE A 75 7.70 2.17 -3.19
CA ILE A 75 6.43 1.48 -3.45
C ILE A 75 6.54 0.60 -4.70
N LYS A 76 5.98 -0.59 -4.61
CA LYS A 76 5.99 -1.53 -5.74
C LYS A 76 4.58 -1.99 -6.07
N VAL A 77 4.30 -2.14 -7.36
CA VAL A 77 2.98 -2.55 -7.81
C VAL A 77 2.88 -4.07 -7.91
N SER A 78 1.84 -4.64 -7.29
CA SER A 78 1.57 -6.06 -7.38
C SER A 78 0.69 -6.36 -8.59
N GLU A 79 1.16 -7.27 -9.45
CA GLU A 79 0.46 -7.60 -10.69
C GLU A 79 -0.17 -8.98 -10.60
N GLY A 80 -0.89 -9.36 -11.65
CA GLY A 80 -1.69 -10.57 -11.61
C GLY A 80 -1.01 -11.67 -10.82
N GLU A 81 0.23 -11.98 -11.18
CA GLU A 81 0.98 -13.05 -10.55
C GLU A 81 1.20 -12.77 -9.07
N ALA A 82 1.64 -11.54 -8.76
CA ALA A 82 1.85 -11.13 -7.38
C ALA A 82 0.54 -11.14 -6.61
N LEU A 83 -0.55 -10.73 -7.26
CA LEU A 83 -1.85 -10.65 -6.60
C LEU A 83 -2.34 -12.03 -6.19
N SER A 84 -2.15 -13.02 -7.06
CA SER A 84 -2.55 -14.38 -6.77
C SER A 84 -1.80 -14.93 -5.55
N LYS A 85 -0.50 -14.63 -5.49
CA LYS A 85 0.31 -15.02 -4.34
C LYS A 85 -0.14 -14.28 -3.09
N PHE A 86 -0.44 -12.99 -3.23
CA PHE A 86 -0.89 -12.17 -2.11
C PHE A 86 -2.21 -12.71 -1.55
N TRP A 87 -3.15 -13.02 -2.43
CA TRP A 87 -4.47 -13.46 -2.02
C TRP A 87 -4.40 -14.80 -1.29
N GLU A 88 -3.51 -15.67 -1.76
CA GLU A 88 -3.35 -16.99 -1.14
C GLU A 88 -2.76 -16.87 0.25
N LEU A 89 -1.70 -16.07 0.38
CA LEU A 89 -0.96 -15.99 1.63
C LEU A 89 -1.63 -15.03 2.61
N HIS A 90 -2.12 -13.91 2.09
CA HIS A 90 -2.58 -12.81 2.94
C HIS A 90 -4.07 -12.58 2.78
N GLY A 91 -4.74 -13.51 2.09
CA GLY A 91 -6.15 -13.35 1.79
C GLY A 91 -6.99 -13.20 3.05
N ARG A 92 -6.70 -14.01 4.05
CA ARG A 92 -7.45 -13.97 5.31
C ARG A 92 -7.17 -12.68 6.07
N HIS A 93 -5.92 -12.23 6.01
CA HIS A 93 -5.54 -10.97 6.66
C HIS A 93 -6.26 -9.79 6.01
N TYR A 94 -6.28 -9.76 4.68
CA TYR A 94 -6.90 -8.67 3.96
C TYR A 94 -8.40 -8.58 4.27
N ASN A 95 -9.07 -9.73 4.23
CA ASN A 95 -10.50 -9.78 4.50
C ASN A 95 -10.81 -9.35 5.93
N GLY A 96 -9.98 -9.81 6.87
CA GLY A 96 -10.22 -9.52 8.27
C GLY A 96 -10.16 -8.04 8.58
N VAL A 97 -9.20 -7.36 7.99
CA VAL A 97 -9.04 -5.92 8.21
C VAL A 97 -10.21 -5.14 7.62
N MET A 98 -10.64 -5.54 6.42
CA MET A 98 -11.75 -4.88 5.75
C MET A 98 -13.05 -5.09 6.53
N GLU A 99 -13.22 -6.28 7.09
CA GLU A 99 -14.41 -6.59 7.88
C GLU A 99 -14.44 -5.75 9.16
N LEU A 100 -13.27 -5.57 9.77
CA LEU A 100 -13.17 -4.83 11.02
C LEU A 100 -13.35 -3.34 10.78
N THR A 1 -16.07 -9.51 -2.52
CA THR A 1 -15.77 -9.91 -3.89
C THR A 1 -14.77 -8.96 -4.54
N PHE A 2 -14.61 -7.78 -3.95
CA PHE A 2 -13.75 -6.76 -4.51
C PHE A 2 -12.28 -7.06 -4.24
N GLN A 3 -11.46 -7.00 -5.29
CA GLN A 3 -10.03 -7.20 -5.16
C GLN A 3 -9.27 -5.99 -5.67
N PRO A 4 -8.84 -5.11 -4.75
CA PRO A 4 -8.12 -3.88 -5.09
C PRO A 4 -6.68 -4.15 -5.53
N ILE A 5 -6.12 -3.22 -6.29
CA ILE A 5 -4.72 -3.32 -6.68
C ILE A 5 -3.80 -3.20 -5.47
N ILE A 6 -2.81 -4.07 -5.41
CA ILE A 6 -1.95 -4.17 -4.24
C ILE A 6 -0.59 -3.52 -4.50
N PHE A 7 -0.10 -2.76 -3.52
CA PHE A 7 1.25 -2.18 -3.61
C PHE A 7 2.11 -2.65 -2.44
N SER A 8 3.40 -2.81 -2.70
CA SER A 8 4.34 -3.23 -1.68
C SER A 8 5.24 -2.07 -1.24
N THR A 9 5.61 -2.06 0.03
CA THR A 9 6.43 -0.99 0.58
C THR A 9 7.71 -1.53 1.21
N ALA A 10 8.79 -0.77 1.13
CA ALA A 10 10.04 -1.13 1.80
C ALA A 10 10.74 0.11 2.34
N CYS A 11 11.41 -0.05 3.48
CA CYS A 11 12.17 1.04 4.07
C CYS A 11 13.55 0.57 4.52
N GLU A 12 14.47 1.50 4.67
CA GLU A 12 15.84 1.18 5.07
C GLU A 12 15.98 1.14 6.59
N GLN A 13 15.04 1.78 7.28
CA GLN A 13 15.10 1.90 8.72
C GLN A 13 13.75 1.51 9.35
N GLU A 14 13.82 0.77 10.46
CA GLU A 14 12.61 0.34 11.16
C GLU A 14 12.03 1.49 11.99
N GLY A 15 10.71 1.55 12.05
CA GLY A 15 10.06 2.48 12.97
C GLY A 15 9.81 3.82 12.32
N VAL A 16 10.19 3.97 11.06
CA VAL A 16 10.01 5.21 10.33
C VAL A 16 8.56 5.40 9.91
N ALA A 17 7.84 4.28 9.75
CA ALA A 17 6.47 4.32 9.27
C ALA A 17 5.67 3.14 9.82
N ASN A 18 4.35 3.30 9.88
CA ASN A 18 3.45 2.19 10.18
C ASN A 18 2.15 2.32 9.38
N TRP A 19 1.30 1.31 9.50
CA TRP A 19 0.12 1.21 8.66
C TRP A 19 -0.77 2.43 8.82
N ARG A 20 -0.86 2.93 10.05
CA ARG A 20 -1.68 4.11 10.34
C ARG A 20 -1.09 5.35 9.71
N ASN A 21 0.21 5.55 9.89
CA ASN A 21 0.89 6.71 9.32
C ASN A 21 0.87 6.66 7.80
N ILE A 22 1.04 5.47 7.25
CA ILE A 22 1.08 5.29 5.80
C ILE A 22 -0.26 5.65 5.16
N THR A 23 -1.34 5.22 5.79
CA THR A 23 -2.68 5.52 5.30
C THR A 23 -2.95 7.02 5.29
N GLU A 24 -2.55 7.70 6.36
CA GLU A 24 -2.71 9.14 6.47
C GLU A 24 -1.80 9.86 5.48
N ALA A 25 -0.55 9.42 5.42
CA ALA A 25 0.43 10.03 4.52
C ALA A 25 0.03 9.82 3.06
N LEU A 26 -0.38 8.61 2.73
CA LEU A 26 -0.74 8.27 1.35
C LEU A 26 -1.97 9.05 0.90
N LEU A 27 -2.96 9.16 1.80
CA LEU A 27 -4.19 9.87 1.49
C LEU A 27 -3.91 11.35 1.24
N LYS A 28 -3.22 11.98 2.17
CA LYS A 28 -3.00 13.42 2.13
C LYS A 28 -2.13 13.80 0.94
N GLN A 29 -1.10 13.01 0.68
CA GLN A 29 -0.08 13.38 -0.30
C GLN A 29 -0.57 13.11 -1.71
N HIS A 30 -1.39 12.07 -1.87
CA HIS A 30 -1.79 11.60 -3.19
C HIS A 30 -3.30 11.70 -3.39
N ASN A 31 -4.01 12.02 -2.30
CA ASN A 31 -5.46 12.15 -2.36
C ASN A 31 -6.10 10.84 -2.79
N VAL A 32 -5.60 9.73 -2.27
CA VAL A 32 -6.17 8.42 -2.56
C VAL A 32 -6.55 7.69 -1.28
N HIS A 33 -7.60 6.88 -1.36
CA HIS A 33 -8.07 6.12 -0.20
C HIS A 33 -7.67 4.65 -0.31
N ALA A 34 -7.02 4.13 0.73
CA ALA A 34 -6.57 2.75 0.74
C ALA A 34 -7.49 1.87 1.58
N PRO A 35 -8.23 0.98 0.91
CA PRO A 35 -9.14 0.05 1.58
C PRO A 35 -8.41 -0.88 2.56
N TYR A 36 -7.12 -1.07 2.33
CA TYR A 36 -6.33 -1.97 3.16
C TYR A 36 -4.90 -1.47 3.28
N CYS A 37 -4.38 -1.44 4.50
CA CYS A 37 -2.98 -1.10 4.74
C CYS A 37 -2.44 -1.86 5.94
N ARG A 38 -1.33 -2.56 5.74
CA ARG A 38 -0.61 -3.19 6.83
C ARG A 38 0.91 -3.07 6.63
N PHE A 39 1.62 -2.74 7.70
CA PHE A 39 3.05 -2.52 7.62
C PHE A 39 3.79 -3.28 8.73
N GLY A 40 4.84 -3.99 8.34
CA GLY A 40 5.68 -4.66 9.32
C GLY A 40 6.83 -3.78 9.80
N LYS A 41 7.98 -4.39 10.04
CA LYS A 41 9.14 -3.68 10.54
C LYS A 41 9.88 -2.97 9.40
N LEU A 42 10.16 -3.71 8.34
CA LEU A 42 10.92 -3.19 7.22
C LEU A 42 10.11 -3.25 5.93
N GLU A 43 8.96 -3.91 5.99
CA GLU A 43 8.18 -4.20 4.79
C GLU A 43 6.69 -4.15 5.09
N GLY A 44 5.91 -3.76 4.08
CA GLY A 44 4.46 -3.72 4.24
C GLY A 44 3.73 -3.66 2.91
N ASN A 45 2.41 -3.66 2.97
CA ASN A 45 1.60 -3.61 1.75
C ASN A 45 0.36 -2.75 1.97
N PHE A 46 -0.19 -2.24 0.87
CA PHE A 46 -1.48 -1.54 0.91
C PHE A 46 -2.21 -1.67 -0.42
N ALA A 47 -3.50 -1.36 -0.41
CA ALA A 47 -4.32 -1.48 -1.61
C ALA A 47 -4.97 -0.15 -1.97
N LEU A 48 -5.25 0.05 -3.25
CA LEU A 48 -6.07 1.17 -3.70
C LEU A 48 -7.21 0.70 -4.60
N ASN A 49 -8.31 1.45 -4.58
CA ASN A 49 -9.49 1.06 -5.35
C ASN A 49 -9.27 1.26 -6.84
N LYS A 50 -9.73 0.30 -7.63
CA LYS A 50 -9.58 0.37 -9.08
C LYS A 50 -10.23 1.64 -9.64
N ASP A 51 -11.35 2.04 -9.05
CA ASP A 51 -12.03 3.27 -9.43
C ASP A 51 -11.25 4.48 -8.94
N LYS A 52 -10.54 4.32 -7.83
CA LYS A 52 -9.78 5.40 -7.23
C LYS A 52 -8.28 5.22 -7.48
N THR A 53 -7.95 4.34 -8.40
CA THR A 53 -6.56 4.18 -8.85
C THR A 53 -6.42 4.59 -10.31
N SER A 54 -5.51 5.52 -10.57
CA SER A 54 -5.22 5.95 -11.94
C SER A 54 -3.78 5.60 -12.31
N GLN A 55 -3.55 5.37 -13.61
CA GLN A 55 -2.21 5.07 -14.10
C GLN A 55 -1.23 6.19 -13.76
N GLU A 56 -1.70 7.43 -13.88
CA GLU A 56 -0.87 8.59 -13.60
C GLU A 56 -0.48 8.63 -12.12
N VAL A 57 -1.41 8.24 -11.26
CA VAL A 57 -1.14 8.15 -9.83
C VAL A 57 -0.10 7.08 -9.53
N ILE A 58 -0.23 5.93 -10.20
CA ILE A 58 0.67 4.82 -9.99
C ILE A 58 2.10 5.19 -10.38
N ASP A 59 2.24 5.82 -11.54
CA ASP A 59 3.56 6.22 -12.03
C ASP A 59 4.21 7.24 -11.09
N GLN A 60 3.42 8.21 -10.64
CA GLN A 60 3.88 9.18 -9.66
C GLN A 60 4.19 8.51 -8.32
N LEU A 61 3.30 7.62 -7.90
CA LEU A 61 3.42 6.99 -6.59
C LEU A 61 4.70 6.17 -6.48
N VAL A 62 4.95 5.37 -7.51
CA VAL A 62 6.13 4.50 -7.51
C VAL A 62 7.42 5.32 -7.60
N GLN A 63 7.41 6.33 -8.46
CA GLN A 63 8.61 7.14 -8.69
C GLN A 63 8.99 7.92 -7.44
N ASP A 64 8.00 8.54 -6.80
CA ASP A 64 8.25 9.38 -5.64
C ASP A 64 8.14 8.57 -4.36
N GLY A 65 7.56 7.38 -4.46
CA GLY A 65 7.31 6.57 -3.28
C GLY A 65 6.47 7.30 -2.25
N LEU A 66 6.80 7.12 -0.98
CA LEU A 66 6.11 7.79 0.11
C LEU A 66 7.10 8.32 1.15
N GLN A 67 7.03 9.61 1.44
CA GLN A 67 8.04 10.28 2.24
C GLN A 67 7.59 10.39 3.70
N PHE A 68 8.46 9.99 4.61
CA PHE A 68 8.21 10.18 6.04
C PHE A 68 9.36 10.94 6.70
N GLY A 69 9.29 12.27 6.66
CA GLY A 69 10.37 13.09 7.17
C GLY A 69 11.62 12.97 6.32
N GLU A 70 12.71 12.52 6.93
CA GLU A 70 13.97 12.34 6.21
C GLU A 70 14.11 10.91 5.70
N SER A 71 13.12 10.09 5.99
CA SER A 71 13.10 8.71 5.51
C SER A 71 12.20 8.57 4.29
N LYS A 72 12.60 7.70 3.37
CA LYS A 72 11.84 7.48 2.15
C LYS A 72 11.43 6.01 2.03
N VAL A 73 10.17 5.78 1.68
CA VAL A 73 9.66 4.41 1.52
C VAL A 73 9.39 4.10 0.05
N THR A 74 9.98 3.01 -0.43
CA THR A 74 9.84 2.62 -1.82
C THR A 74 8.57 1.82 -2.05
N ILE A 75 7.89 2.10 -3.15
CA ILE A 75 6.61 1.45 -3.45
C ILE A 75 6.70 0.63 -4.72
N LYS A 76 6.13 -0.58 -4.67
CA LYS A 76 6.13 -1.46 -5.84
C LYS A 76 4.71 -1.93 -6.16
N VAL A 77 4.40 -2.04 -7.45
CA VAL A 77 3.07 -2.43 -7.89
C VAL A 77 2.96 -3.95 -7.99
N SER A 78 1.94 -4.52 -7.36
CA SER A 78 1.64 -5.94 -7.47
C SER A 78 0.71 -6.20 -8.64
N GLU A 79 1.09 -7.14 -9.50
CA GLU A 79 0.33 -7.41 -10.72
C GLU A 79 -0.41 -8.74 -10.60
N GLY A 80 -1.19 -9.07 -11.63
CA GLY A 80 -2.08 -10.21 -11.55
C GLY A 80 -1.46 -11.38 -10.80
N GLU A 81 -0.27 -11.76 -11.22
CA GLU A 81 0.41 -12.91 -10.62
C GLU A 81 0.70 -12.66 -9.14
N ALA A 82 1.23 -11.47 -8.84
CA ALA A 82 1.49 -11.08 -7.47
C ALA A 82 0.21 -11.02 -6.65
N LEU A 83 -0.86 -10.55 -7.26
CA LEU A 83 -2.13 -10.39 -6.57
C LEU A 83 -2.69 -11.74 -6.13
N SER A 84 -2.59 -12.72 -7.01
CA SER A 84 -3.06 -14.07 -6.70
C SER A 84 -2.30 -14.66 -5.51
N LYS A 85 -0.99 -14.46 -5.50
CA LYS A 85 -0.15 -14.91 -4.40
C LYS A 85 -0.49 -14.14 -3.12
N PHE A 86 -0.69 -12.83 -3.26
CA PHE A 86 -1.01 -11.99 -2.11
C PHE A 86 -2.33 -12.41 -1.48
N TRP A 87 -3.34 -12.63 -2.31
CA TRP A 87 -4.68 -12.95 -1.83
C TRP A 87 -4.68 -14.26 -1.07
N GLU A 88 -3.90 -15.22 -1.53
CA GLU A 88 -3.80 -16.53 -0.87
C GLU A 88 -3.14 -16.41 0.49
N LEU A 89 -2.02 -15.69 0.53
CA LEU A 89 -1.21 -15.61 1.74
C LEU A 89 -1.82 -14.65 2.75
N HIS A 90 -2.34 -13.53 2.26
CA HIS A 90 -2.78 -12.45 3.13
C HIS A 90 -4.30 -12.28 3.04
N GLY A 91 -4.98 -13.28 2.48
CA GLY A 91 -6.41 -13.19 2.28
C GLY A 91 -7.16 -12.94 3.57
N ARG A 92 -6.75 -13.62 4.64
CA ARG A 92 -7.44 -13.51 5.92
C ARG A 92 -7.28 -12.11 6.51
N HIS A 93 -6.09 -11.53 6.33
CA HIS A 93 -5.84 -10.16 6.78
C HIS A 93 -6.71 -9.17 6.02
N TYR A 94 -6.77 -9.34 4.70
CA TYR A 94 -7.57 -8.45 3.86
C TYR A 94 -9.05 -8.54 4.22
N ASN A 95 -9.54 -9.77 4.38
CA ASN A 95 -10.96 -10.00 4.67
C ASN A 95 -11.34 -9.35 6.00
N GLY A 96 -10.46 -9.47 6.99
CA GLY A 96 -10.75 -8.92 8.31
C GLY A 96 -10.90 -7.41 8.28
N VAL A 97 -10.03 -6.75 7.52
CA VAL A 97 -10.03 -5.29 7.44
C VAL A 97 -11.30 -4.80 6.73
N MET A 98 -11.65 -5.47 5.64
CA MET A 98 -12.80 -5.08 4.84
C MET A 98 -14.10 -5.27 5.63
N GLU A 99 -14.13 -6.32 6.44
CA GLU A 99 -15.30 -6.61 7.27
C GLU A 99 -15.50 -5.52 8.32
N LEU A 100 -14.40 -5.04 8.89
CA LEU A 100 -14.44 -3.98 9.88
C LEU A 100 -15.00 -2.70 9.29
N THR A 1 -17.77 -7.60 -4.38
CA THR A 1 -17.77 -7.03 -5.72
C THR A 1 -16.58 -6.09 -5.92
N PHE A 2 -15.82 -5.88 -4.86
CA PHE A 2 -14.68 -4.96 -4.90
C PHE A 2 -13.41 -5.69 -5.37
N GLN A 3 -12.75 -5.13 -6.36
CA GLN A 3 -11.46 -5.64 -6.81
C GLN A 3 -10.37 -4.59 -6.66
N PRO A 4 -9.53 -4.74 -5.63
CA PRO A 4 -8.46 -3.79 -5.34
C PRO A 4 -7.22 -4.02 -6.22
N ILE A 5 -6.41 -2.98 -6.38
CA ILE A 5 -5.03 -3.15 -6.78
C ILE A 5 -4.09 -3.10 -5.57
N ILE A 6 -3.19 -4.07 -5.51
CA ILE A 6 -2.34 -4.24 -4.33
C ILE A 6 -0.96 -3.63 -4.56
N PHE A 7 -0.47 -2.90 -3.56
CA PHE A 7 0.87 -2.32 -3.62
C PHE A 7 1.71 -2.78 -2.43
N SER A 8 3.01 -2.91 -2.67
CA SER A 8 3.95 -3.30 -1.61
C SER A 8 4.89 -2.15 -1.28
N THR A 9 5.26 -2.04 -0.01
CA THR A 9 6.14 -0.96 0.44
C THR A 9 7.29 -1.52 1.28
N ALA A 10 8.41 -0.80 1.28
CA ALA A 10 9.54 -1.13 2.15
C ALA A 10 10.19 0.13 2.69
N CYS A 11 10.51 0.12 3.98
CA CYS A 11 11.08 1.29 4.63
C CYS A 11 12.60 1.16 4.75
N GLU A 12 13.27 2.30 4.98
CA GLU A 12 14.71 2.29 5.17
C GLU A 12 15.06 2.01 6.63
N GLN A 13 14.12 2.30 7.52
CA GLN A 13 14.38 2.18 8.96
C GLN A 13 13.22 1.45 9.65
N GLU A 14 13.56 0.60 10.61
CA GLU A 14 12.55 -0.16 11.34
C GLU A 14 11.77 0.74 12.30
N GLY A 15 10.46 0.56 12.33
CA GLY A 15 9.64 1.30 13.27
C GLY A 15 9.41 2.74 12.84
N VAL A 16 9.92 3.08 11.66
CA VAL A 16 9.83 4.46 11.16
C VAL A 16 8.40 4.83 10.83
N ALA A 17 7.60 3.82 10.51
CA ALA A 17 6.20 4.05 10.13
C ALA A 17 5.31 2.91 10.60
N ASN A 18 4.02 3.19 10.72
CA ASN A 18 3.03 2.14 10.92
C ASN A 18 1.85 2.32 9.97
N TRP A 19 0.96 1.32 9.94
CA TRP A 19 -0.11 1.29 8.95
C TRP A 19 -1.01 2.51 9.09
N ARG A 20 -1.17 2.98 10.31
CA ARG A 20 -1.96 4.18 10.57
C ARG A 20 -1.31 5.42 9.96
N ASN A 21 -0.02 5.59 10.22
CA ASN A 21 0.73 6.71 9.68
C ASN A 21 0.80 6.64 8.16
N ILE A 22 0.98 5.43 7.63
CA ILE A 22 1.12 5.22 6.20
C ILE A 22 -0.16 5.61 5.47
N THR A 23 -1.30 5.23 6.03
CA THR A 23 -2.59 5.57 5.44
C THR A 23 -2.79 7.08 5.39
N GLU A 24 -2.43 7.75 6.47
CA GLU A 24 -2.52 9.21 6.53
C GLU A 24 -1.53 9.85 5.56
N ALA A 25 -0.30 9.33 5.55
CA ALA A 25 0.73 9.85 4.66
C ALA A 25 0.35 9.64 3.20
N LEU A 26 -0.18 8.46 2.89
CA LEU A 26 -0.54 8.12 1.52
C LEU A 26 -1.66 9.01 1.00
N LEU A 27 -2.64 9.27 1.85
CA LEU A 27 -3.79 10.10 1.48
C LEU A 27 -3.35 11.54 1.24
N LYS A 28 -2.64 12.12 2.20
CA LYS A 28 -2.31 13.54 2.17
C LYS A 28 -1.38 13.85 1.00
N GLN A 29 -0.39 12.98 0.81
CA GLN A 29 0.70 13.26 -0.13
C GLN A 29 0.24 13.02 -1.57
N HIS A 30 -0.67 12.07 -1.74
CA HIS A 30 -1.04 11.60 -3.08
C HIS A 30 -2.52 11.85 -3.36
N ASN A 31 -3.26 12.22 -2.32
CA ASN A 31 -4.69 12.47 -2.45
C ASN A 31 -5.42 11.22 -2.93
N VAL A 32 -5.03 10.08 -2.39
CA VAL A 32 -5.70 8.81 -2.70
C VAL A 32 -6.21 8.13 -1.42
N HIS A 33 -7.34 7.45 -1.53
CA HIS A 33 -7.93 6.76 -0.39
C HIS A 33 -7.68 5.26 -0.47
N ALA A 34 -7.00 4.72 0.54
CA ALA A 34 -6.70 3.30 0.59
C ALA A 34 -7.67 2.56 1.50
N PRO A 35 -8.38 1.56 0.94
CA PRO A 35 -9.30 0.73 1.71
C PRO A 35 -8.57 -0.27 2.61
N TYR A 36 -7.29 -0.46 2.35
CA TYR A 36 -6.50 -1.45 3.08
C TYR A 36 -5.07 -0.97 3.27
N CYS A 37 -4.58 -1.07 4.50
CA CYS A 37 -3.17 -0.79 4.79
C CYS A 37 -2.66 -1.68 5.92
N ARG A 38 -1.55 -2.36 5.67
CA ARG A 38 -0.92 -3.19 6.69
C ARG A 38 0.59 -2.99 6.70
N PHE A 39 1.18 -2.93 7.89
CA PHE A 39 2.62 -2.75 8.04
C PHE A 39 3.19 -3.71 9.07
N GLY A 40 4.29 -4.36 8.73
CA GLY A 40 5.01 -5.17 9.69
C GLY A 40 6.08 -4.39 10.43
N LYS A 41 7.30 -4.92 10.45
CA LYS A 41 8.40 -4.29 11.16
C LYS A 41 9.10 -3.26 10.27
N LEU A 42 9.43 -3.68 9.05
CA LEU A 42 10.22 -2.85 8.16
C LEU A 42 9.54 -2.69 6.81
N GLU A 43 8.45 -3.44 6.61
CA GLU A 43 7.78 -3.47 5.31
C GLU A 43 6.26 -3.64 5.49
N GLY A 44 5.51 -3.28 4.46
CA GLY A 44 4.06 -3.36 4.54
C GLY A 44 3.41 -3.28 3.18
N ASN A 45 2.08 -3.35 3.15
CA ASN A 45 1.33 -3.32 1.90
C ASN A 45 0.13 -2.38 2.01
N PHE A 46 -0.36 -1.91 0.86
CA PHE A 46 -1.61 -1.15 0.82
C PHE A 46 -2.31 -1.36 -0.51
N ALA A 47 -3.59 -0.99 -0.56
CA ALA A 47 -4.39 -1.17 -1.76
C ALA A 47 -5.04 0.15 -2.18
N LEU A 48 -5.38 0.27 -3.46
CA LEU A 48 -6.22 1.35 -3.94
C LEU A 48 -7.38 0.82 -4.77
N ASN A 49 -8.45 1.61 -4.85
CA ASN A 49 -9.66 1.17 -5.55
C ASN A 49 -9.45 1.18 -7.06
N LYS A 50 -9.59 0.01 -7.67
CA LYS A 50 -9.24 -0.16 -9.09
C LYS A 50 -10.01 0.81 -9.96
N ASP A 51 -11.29 0.97 -9.67
CA ASP A 51 -12.14 1.91 -10.41
C ASP A 51 -11.70 3.35 -10.16
N LYS A 52 -11.18 3.61 -8.96
CA LYS A 52 -10.71 4.93 -8.60
C LYS A 52 -9.18 4.96 -8.56
N THR A 53 -8.56 4.03 -9.26
CA THR A 53 -7.11 4.07 -9.48
C THR A 53 -6.78 4.33 -10.94
N SER A 54 -6.00 5.37 -11.19
CA SER A 54 -5.56 5.68 -12.55
C SER A 54 -4.10 5.27 -12.76
N GLN A 55 -3.76 4.96 -14.01
CA GLN A 55 -2.39 4.60 -14.36
C GLN A 55 -1.42 5.73 -13.98
N GLU A 56 -1.86 6.97 -14.18
CA GLU A 56 -1.03 8.13 -13.87
C GLU A 56 -0.74 8.21 -12.38
N VAL A 57 -1.74 7.85 -11.57
CA VAL A 57 -1.56 7.79 -10.13
C VAL A 57 -0.56 6.71 -9.74
N ILE A 58 -0.68 5.55 -10.37
CA ILE A 58 0.20 4.43 -10.07
C ILE A 58 1.65 4.76 -10.39
N ASP A 59 1.88 5.36 -11.56
CA ASP A 59 3.21 5.78 -11.96
C ASP A 59 3.77 6.82 -11.01
N GLN A 60 2.91 7.75 -10.57
CA GLN A 60 3.32 8.81 -9.66
C GLN A 60 3.75 8.23 -8.32
N LEU A 61 2.97 7.29 -7.81
CA LEU A 61 3.24 6.69 -6.51
C LEU A 61 4.58 5.96 -6.51
N VAL A 62 4.82 5.17 -7.55
CA VAL A 62 6.03 4.37 -7.65
C VAL A 62 7.26 5.26 -7.80
N GLN A 63 7.15 6.29 -8.63
CA GLN A 63 8.28 7.16 -8.93
C GLN A 63 8.70 7.94 -7.69
N ASP A 64 7.72 8.52 -7.00
CA ASP A 64 8.00 9.38 -5.86
C ASP A 64 7.98 8.58 -4.56
N GLY A 65 7.42 7.38 -4.62
CA GLY A 65 7.25 6.58 -3.42
C GLY A 65 6.43 7.30 -2.35
N LEU A 66 6.75 7.06 -1.09
CA LEU A 66 6.06 7.71 0.01
C LEU A 66 7.05 8.21 1.05
N GLN A 67 6.94 9.50 1.40
CA GLN A 67 7.96 10.16 2.21
C GLN A 67 7.56 10.18 3.67
N PHE A 68 8.48 9.80 4.55
CA PHE A 68 8.28 9.92 5.99
C PHE A 68 9.43 10.66 6.64
N GLY A 69 9.33 11.98 6.70
CA GLY A 69 10.41 12.79 7.24
C GLY A 69 11.64 12.78 6.36
N GLU A 70 12.75 12.31 6.91
CA GLU A 70 14.00 12.22 6.16
C GLU A 70 14.18 10.84 5.56
N SER A 71 13.21 9.96 5.81
CA SER A 71 13.24 8.61 5.27
C SER A 71 12.30 8.48 4.09
N LYS A 72 12.66 7.64 3.12
CA LYS A 72 11.84 7.42 1.94
C LYS A 72 11.40 5.97 1.84
N VAL A 73 10.12 5.76 1.61
CA VAL A 73 9.56 4.41 1.52
C VAL A 73 9.18 4.06 0.08
N THR A 74 9.72 2.95 -0.42
CA THR A 74 9.52 2.58 -1.81
C THR A 74 8.16 1.93 -2.02
N ILE A 75 7.58 2.14 -3.20
CA ILE A 75 6.30 1.54 -3.54
C ILE A 75 6.43 0.61 -4.75
N LYS A 76 5.81 -0.56 -4.65
CA LYS A 76 5.83 -1.52 -5.74
C LYS A 76 4.42 -1.99 -6.10
N VAL A 77 4.16 -2.14 -7.39
CA VAL A 77 2.83 -2.53 -7.86
C VAL A 77 2.73 -4.05 -7.99
N SER A 78 1.70 -4.62 -7.36
CA SER A 78 1.42 -6.04 -7.48
C SER A 78 0.51 -6.33 -8.67
N GLU A 79 0.94 -7.22 -9.54
CA GLU A 79 0.20 -7.51 -10.76
C GLU A 79 -0.43 -8.90 -10.69
N GLY A 80 -1.18 -9.26 -11.73
CA GLY A 80 -1.97 -10.48 -11.69
C GLY A 80 -1.28 -11.60 -10.96
N GLU A 81 -0.04 -11.89 -11.36
CA GLU A 81 0.72 -12.98 -10.76
C GLU A 81 0.98 -12.73 -9.28
N ALA A 82 1.41 -11.51 -8.97
CA ALA A 82 1.66 -11.11 -7.59
C ALA A 82 0.37 -11.17 -6.77
N LEU A 83 -0.73 -10.75 -7.38
CA LEU A 83 -2.01 -10.69 -6.69
C LEU A 83 -2.47 -12.07 -6.27
N SER A 84 -2.30 -13.06 -7.16
CA SER A 84 -2.67 -14.44 -6.87
C SER A 84 -1.87 -14.97 -5.69
N LYS A 85 -0.57 -14.66 -5.67
CA LYS A 85 0.28 -15.04 -4.55
C LYS A 85 -0.13 -14.31 -3.28
N PHE A 86 -0.45 -13.02 -3.42
CA PHE A 86 -0.85 -12.20 -2.28
C PHE A 86 -2.11 -12.75 -1.63
N TRP A 87 -3.10 -13.07 -2.46
CA TRP A 87 -4.40 -13.51 -1.96
C TRP A 87 -4.27 -14.86 -1.24
N GLU A 88 -3.42 -15.73 -1.77
CA GLU A 88 -3.23 -17.05 -1.18
C GLU A 88 -2.53 -16.95 0.18
N LEU A 89 -1.45 -16.17 0.21
CA LEU A 89 -0.59 -16.11 1.39
C LEU A 89 -1.14 -15.12 2.41
N HIS A 90 -1.63 -13.98 1.92
CA HIS A 90 -1.96 -12.85 2.78
C HIS A 90 -3.47 -12.58 2.75
N GLY A 91 -4.22 -13.51 2.17
CA GLY A 91 -5.65 -13.33 2.03
C GLY A 91 -6.34 -13.08 3.36
N ARG A 92 -5.95 -13.87 4.37
CA ARG A 92 -6.54 -13.75 5.70
C ARG A 92 -6.17 -12.42 6.35
N HIS A 93 -4.94 -11.97 6.11
CA HIS A 93 -4.48 -10.69 6.63
C HIS A 93 -5.28 -9.55 6.03
N TYR A 94 -5.50 -9.59 4.72
CA TYR A 94 -6.23 -8.54 4.03
C TYR A 94 -7.66 -8.44 4.55
N ASN A 95 -8.31 -9.60 4.70
CA ASN A 95 -9.69 -9.63 5.18
C ASN A 95 -9.79 -9.06 6.59
N GLY A 96 -8.84 -9.42 7.45
CA GLY A 96 -8.88 -8.99 8.83
C GLY A 96 -8.75 -7.48 8.97
N VAL A 97 -7.86 -6.89 8.19
CA VAL A 97 -7.62 -5.45 8.26
C VAL A 97 -8.84 -4.67 7.79
N MET A 98 -9.45 -5.12 6.70
CA MET A 98 -10.62 -4.46 6.15
C MET A 98 -11.80 -4.55 7.11
N GLU A 99 -11.92 -5.70 7.77
CA GLU A 99 -13.00 -5.91 8.73
C GLU A 99 -12.84 -4.98 9.93
N LEU A 100 -11.61 -4.80 10.39
CA LEU A 100 -11.33 -3.95 11.55
C LEU A 100 -11.66 -2.50 11.23
N THR A 1 -16.15 -9.23 -2.11
CA THR A 1 -15.79 -9.75 -3.42
C THR A 1 -14.80 -8.84 -4.13
N PHE A 2 -14.66 -7.62 -3.62
CA PHE A 2 -13.80 -6.62 -4.25
C PHE A 2 -12.32 -6.96 -4.03
N GLN A 3 -11.56 -6.94 -5.12
CA GLN A 3 -10.12 -7.16 -5.04
C GLN A 3 -9.35 -5.97 -5.61
N PRO A 4 -8.88 -5.08 -4.72
CA PRO A 4 -8.16 -3.87 -5.12
C PRO A 4 -6.74 -4.17 -5.58
N ILE A 5 -6.18 -3.25 -6.36
CA ILE A 5 -4.77 -3.34 -6.75
C ILE A 5 -3.86 -3.20 -5.54
N ILE A 6 -2.86 -4.08 -5.45
CA ILE A 6 -2.02 -4.15 -4.27
C ILE A 6 -0.64 -3.53 -4.52
N PHE A 7 -0.15 -2.76 -3.56
CA PHE A 7 1.18 -2.18 -3.65
C PHE A 7 2.04 -2.64 -2.46
N SER A 8 3.34 -2.80 -2.72
CA SER A 8 4.27 -3.20 -1.66
C SER A 8 5.20 -2.05 -1.29
N THR A 9 5.58 -1.99 -0.03
CA THR A 9 6.43 -0.92 0.47
C THR A 9 7.67 -1.48 1.16
N ALA A 10 8.78 -0.73 1.10
CA ALA A 10 9.98 -1.08 1.82
C ALA A 10 10.69 0.18 2.35
N CYS A 11 11.22 0.08 3.55
CA CYS A 11 11.91 1.21 4.16
C CYS A 11 13.33 0.82 4.56
N GLU A 12 14.18 1.82 4.79
CA GLU A 12 15.57 1.58 5.18
C GLU A 12 15.70 1.51 6.70
N GLN A 13 14.68 1.99 7.39
CA GLN A 13 14.74 2.10 8.85
C GLN A 13 13.54 1.42 9.50
N GLU A 14 13.81 0.52 10.43
CA GLU A 14 12.75 -0.23 11.10
C GLU A 14 11.95 0.68 12.03
N GLY A 15 10.63 0.51 11.99
CA GLY A 15 9.77 1.26 12.90
C GLY A 15 9.57 2.69 12.47
N VAL A 16 10.13 3.04 11.31
CA VAL A 16 10.08 4.42 10.83
C VAL A 16 8.65 4.83 10.51
N ALA A 17 7.81 3.85 10.19
CA ALA A 17 6.41 4.11 9.87
C ALA A 17 5.52 2.95 10.30
N ASN A 18 4.23 3.25 10.50
CA ASN A 18 3.24 2.21 10.71
C ASN A 18 2.04 2.39 9.78
N TRP A 19 1.15 1.40 9.76
CA TRP A 19 0.07 1.38 8.80
C TRP A 19 -0.84 2.59 8.97
N ARG A 20 -0.96 3.06 10.20
CA ARG A 20 -1.76 4.24 10.50
C ARG A 20 -1.15 5.49 9.86
N ASN A 21 0.15 5.68 10.07
CA ASN A 21 0.87 6.82 9.52
C ASN A 21 0.90 6.73 7.99
N ILE A 22 1.08 5.52 7.47
CA ILE A 22 1.19 5.32 6.03
C ILE A 22 -0.11 5.68 5.32
N THR A 23 -1.23 5.28 5.91
CA THR A 23 -2.54 5.58 5.35
C THR A 23 -2.77 7.09 5.32
N GLU A 24 -2.39 7.77 6.39
CA GLU A 24 -2.52 9.22 6.45
C GLU A 24 -1.56 9.90 5.47
N ALA A 25 -0.33 9.40 5.42
CA ALA A 25 0.67 9.96 4.52
C ALA A 25 0.27 9.77 3.06
N LEU A 26 -0.20 8.57 2.73
CA LEU A 26 -0.57 8.24 1.36
C LEU A 26 -1.77 9.07 0.91
N LEU A 27 -2.74 9.23 1.80
CA LEU A 27 -3.95 9.98 1.48
C LEU A 27 -3.63 11.45 1.23
N LYS A 28 -2.92 12.07 2.17
CA LYS A 28 -2.67 13.50 2.13
C LYS A 28 -1.78 13.86 0.93
N GLN A 29 -0.76 13.04 0.71
CA GLN A 29 0.29 13.37 -0.26
C GLN A 29 -0.19 13.13 -1.68
N HIS A 30 -1.05 12.13 -1.85
CA HIS A 30 -1.44 11.67 -3.18
C HIS A 30 -2.95 11.81 -3.39
N ASN A 31 -3.66 12.14 -2.31
CA ASN A 31 -5.11 12.31 -2.38
C ASN A 31 -5.79 11.02 -2.84
N VAL A 32 -5.32 9.89 -2.32
CA VAL A 32 -5.92 8.60 -2.63
C VAL A 32 -6.32 7.87 -1.35
N HIS A 33 -7.39 7.09 -1.43
CA HIS A 33 -7.88 6.34 -0.28
C HIS A 33 -7.52 4.86 -0.40
N ALA A 34 -6.88 4.33 0.65
CA ALA A 34 -6.46 2.93 0.66
C ALA A 34 -7.41 2.10 1.51
N PRO A 35 -8.17 1.21 0.85
CA PRO A 35 -9.10 0.30 1.52
C PRO A 35 -8.39 -0.63 2.50
N TYR A 36 -7.10 -0.85 2.27
CA TYR A 36 -6.33 -1.78 3.09
C TYR A 36 -4.89 -1.30 3.24
N CYS A 37 -4.40 -1.30 4.47
CA CYS A 37 -3.00 -0.98 4.73
C CYS A 37 -2.47 -1.81 5.91
N ARG A 38 -1.35 -2.49 5.69
CA ARG A 38 -0.67 -3.21 6.76
C ARG A 38 0.84 -3.05 6.65
N PHE A 39 1.49 -2.83 7.79
CA PHE A 39 2.93 -2.61 7.82
C PHE A 39 3.59 -3.46 8.90
N GLY A 40 4.69 -4.12 8.53
CA GLY A 40 5.48 -4.84 9.51
C GLY A 40 6.60 -4.01 10.08
N LYS A 41 7.77 -4.62 10.24
CA LYS A 41 8.90 -3.94 10.85
C LYS A 41 9.68 -3.11 9.84
N LEU A 42 9.99 -3.72 8.69
CA LEU A 42 10.84 -3.09 7.69
C LEU A 42 10.10 -2.96 6.36
N GLU A 43 8.89 -3.52 6.30
CA GLU A 43 8.16 -3.62 5.05
C GLU A 43 6.66 -3.68 5.30
N GLY A 44 5.88 -3.43 4.25
CA GLY A 44 4.43 -3.49 4.37
C GLY A 44 3.74 -3.42 3.02
N ASN A 45 2.42 -3.46 3.04
CA ASN A 45 1.63 -3.43 1.82
C ASN A 45 0.39 -2.54 1.99
N PHE A 46 -0.14 -2.06 0.88
CA PHE A 46 -1.41 -1.34 0.89
C PHE A 46 -2.15 -1.51 -0.45
N ALA A 47 -3.43 -1.18 -0.45
CA ALA A 47 -4.26 -1.35 -1.64
C ALA A 47 -4.93 -0.04 -2.02
N LEU A 48 -5.22 0.12 -3.31
CA LEU A 48 -6.03 1.24 -3.78
C LEU A 48 -7.18 0.75 -4.67
N ASN A 49 -8.27 1.50 -4.66
CA ASN A 49 -9.47 1.11 -5.41
C ASN A 49 -9.24 1.27 -6.91
N LYS A 50 -9.73 0.30 -7.68
CA LYS A 50 -9.60 0.35 -9.13
C LYS A 50 -10.25 1.61 -9.71
N ASP A 51 -11.36 2.02 -9.10
CA ASP A 51 -12.02 3.25 -9.49
C ASP A 51 -11.22 4.47 -9.03
N LYS A 52 -10.50 4.32 -7.93
CA LYS A 52 -9.72 5.41 -7.36
C LYS A 52 -8.23 5.22 -7.63
N THR A 53 -7.91 4.31 -8.55
CA THR A 53 -6.55 4.15 -9.02
C THR A 53 -6.42 4.54 -10.49
N SER A 54 -5.52 5.48 -10.78
CA SER A 54 -5.27 5.90 -12.15
C SER A 54 -3.86 5.53 -12.59
N GLN A 55 -3.67 5.37 -13.90
CA GLN A 55 -2.36 5.06 -14.45
C GLN A 55 -1.34 6.13 -14.06
N GLU A 56 -1.76 7.39 -14.13
CA GLU A 56 -0.88 8.51 -13.80
C GLU A 56 -0.48 8.48 -12.33
N VAL A 57 -1.43 8.10 -11.49
CA VAL A 57 -1.17 7.98 -10.05
C VAL A 57 -0.14 6.90 -9.77
N ILE A 58 -0.29 5.76 -10.45
CA ILE A 58 0.59 4.62 -10.22
C ILE A 58 2.03 4.96 -10.57
N ASP A 59 2.22 5.57 -11.73
CA ASP A 59 3.56 5.94 -12.19
C ASP A 59 4.18 6.98 -11.27
N GLN A 60 3.39 7.97 -10.87
CA GLN A 60 3.84 8.99 -9.93
C GLN A 60 4.13 8.37 -8.56
N LEU A 61 3.25 7.49 -8.12
CA LEU A 61 3.35 6.91 -6.79
C LEU A 61 4.64 6.10 -6.64
N VAL A 62 4.93 5.27 -7.64
CA VAL A 62 6.11 4.43 -7.63
C VAL A 62 7.39 5.26 -7.70
N GLN A 63 7.38 6.26 -8.58
CA GLN A 63 8.56 7.09 -8.81
C GLN A 63 8.91 7.89 -7.56
N ASP A 64 7.90 8.51 -6.95
CA ASP A 64 8.13 9.38 -5.80
C ASP A 64 8.04 8.60 -4.50
N GLY A 65 7.49 7.38 -4.57
CA GLY A 65 7.25 6.61 -3.38
C GLY A 65 6.38 7.33 -2.38
N LEU A 66 6.71 7.20 -1.09
CA LEU A 66 5.98 7.90 -0.04
C LEU A 66 6.96 8.48 0.99
N GLN A 67 6.75 9.75 1.31
CA GLN A 67 7.71 10.50 2.12
C GLN A 67 7.33 10.48 3.59
N PHE A 68 8.29 10.15 4.44
CA PHE A 68 8.10 10.25 5.88
C PHE A 68 9.23 11.03 6.54
N GLY A 69 9.10 12.35 6.54
CA GLY A 69 10.15 13.21 7.07
C GLY A 69 11.41 13.18 6.22
N GLU A 70 12.52 12.75 6.83
CA GLU A 70 13.78 12.66 6.11
C GLU A 70 14.00 11.25 5.58
N SER A 71 13.04 10.37 5.83
CA SER A 71 13.09 9.00 5.33
C SER A 71 12.18 8.83 4.13
N LYS A 72 12.59 7.97 3.19
CA LYS A 72 11.81 7.70 2.00
C LYS A 72 11.45 6.23 1.90
N VAL A 73 10.17 5.96 1.61
CA VAL A 73 9.70 4.58 1.48
C VAL A 73 9.35 4.25 0.03
N THR A 74 9.94 3.18 -0.48
CA THR A 74 9.75 2.80 -1.88
C THR A 74 8.45 2.02 -2.06
N ILE A 75 7.88 2.11 -3.26
CA ILE A 75 6.60 1.46 -3.54
C ILE A 75 6.70 0.59 -4.78
N LYS A 76 6.12 -0.61 -4.71
CA LYS A 76 6.11 -1.52 -5.85
C LYS A 76 4.68 -1.97 -6.17
N VAL A 77 4.39 -2.10 -7.46
CA VAL A 77 3.05 -2.48 -7.91
C VAL A 77 2.91 -3.99 -8.03
N SER A 78 1.88 -4.53 -7.40
CA SER A 78 1.57 -5.96 -7.52
C SER A 78 0.64 -6.20 -8.71
N GLU A 79 1.04 -7.12 -9.58
CA GLU A 79 0.29 -7.40 -10.80
C GLU A 79 -0.45 -8.73 -10.71
N GLY A 80 -1.23 -9.05 -11.73
CA GLY A 80 -2.11 -10.20 -11.66
C GLY A 80 -1.49 -11.36 -10.91
N GLU A 81 -0.28 -11.75 -11.31
CA GLU A 81 0.40 -12.89 -10.71
C GLU A 81 0.68 -12.63 -9.24
N ALA A 82 1.21 -11.45 -8.94
CA ALA A 82 1.50 -11.05 -7.57
C ALA A 82 0.21 -11.00 -6.74
N LEU A 83 -0.86 -10.52 -7.35
CA LEU A 83 -2.12 -10.35 -6.66
C LEU A 83 -2.68 -11.70 -6.21
N SER A 84 -2.59 -12.69 -7.09
CA SER A 84 -3.06 -14.03 -6.78
C SER A 84 -2.29 -14.63 -5.60
N LYS A 85 -0.97 -14.42 -5.60
CA LYS A 85 -0.13 -14.86 -4.51
C LYS A 85 -0.46 -14.10 -3.22
N PHE A 86 -0.67 -12.79 -3.35
CA PHE A 86 -1.00 -11.96 -2.21
C PHE A 86 -2.32 -12.39 -1.57
N TRP A 87 -3.32 -12.63 -2.41
CA TRP A 87 -4.65 -12.97 -1.93
C TRP A 87 -4.64 -14.29 -1.16
N GLU A 88 -3.83 -15.24 -1.64
CA GLU A 88 -3.73 -16.54 -1.00
C GLU A 88 -3.05 -16.42 0.36
N LEU A 89 -1.94 -15.70 0.40
CA LEU A 89 -1.12 -15.62 1.60
C LEU A 89 -1.73 -14.67 2.63
N HIS A 90 -2.26 -13.56 2.15
CA HIS A 90 -2.71 -12.49 3.03
C HIS A 90 -4.22 -12.34 2.96
N GLY A 91 -4.90 -13.33 2.40
CA GLY A 91 -6.33 -13.26 2.20
C GLY A 91 -7.08 -13.03 3.51
N ARG A 92 -6.65 -13.73 4.56
CA ARG A 92 -7.32 -13.65 5.85
C ARG A 92 -7.15 -12.27 6.47
N HIS A 93 -5.97 -11.68 6.29
CA HIS A 93 -5.71 -10.33 6.76
C HIS A 93 -6.59 -9.33 6.03
N TYR A 94 -6.67 -9.45 4.72
CA TYR A 94 -7.48 -8.55 3.90
C TYR A 94 -8.96 -8.65 4.28
N ASN A 95 -9.44 -9.89 4.43
CA ASN A 95 -10.85 -10.12 4.75
C ASN A 95 -11.19 -9.52 6.11
N GLY A 96 -10.29 -9.66 7.07
CA GLY A 96 -10.53 -9.15 8.41
C GLY A 96 -10.71 -7.66 8.44
N VAL A 97 -9.89 -6.96 7.66
CA VAL A 97 -9.97 -5.50 7.60
C VAL A 97 -11.27 -5.05 6.94
N MET A 98 -11.66 -5.73 5.87
CA MET A 98 -12.90 -5.42 5.17
C MET A 98 -14.12 -5.71 6.04
N GLU A 99 -14.02 -6.76 6.85
CA GLU A 99 -15.11 -7.14 7.74
C GLU A 99 -15.40 -6.04 8.76
N LEU A 100 -14.35 -5.39 9.22
CA LEU A 100 -14.48 -4.32 10.21
C LEU A 100 -15.29 -3.16 9.65
N THR A 1 -15.65 -9.63 -0.97
CA THR A 1 -15.61 -9.77 -2.42
C THR A 1 -14.77 -8.67 -3.06
N PHE A 2 -14.38 -7.67 -2.25
CA PHE A 2 -13.63 -6.54 -2.74
C PHE A 2 -12.16 -6.92 -2.97
N GLN A 3 -11.69 -6.71 -4.20
CA GLN A 3 -10.31 -7.01 -4.56
C GLN A 3 -9.64 -5.80 -5.18
N PRO A 4 -9.09 -4.91 -4.33
CA PRO A 4 -8.36 -3.73 -4.79
C PRO A 4 -6.95 -4.08 -5.28
N ILE A 5 -6.39 -3.20 -6.10
CA ILE A 5 -4.98 -3.32 -6.49
C ILE A 5 -4.06 -3.17 -5.28
N ILE A 6 -3.09 -4.08 -5.17
CA ILE A 6 -2.27 -4.17 -3.97
C ILE A 6 -0.89 -3.56 -4.19
N PHE A 7 -0.46 -2.75 -3.24
CA PHE A 7 0.88 -2.16 -3.29
C PHE A 7 1.71 -2.61 -2.09
N SER A 8 3.01 -2.76 -2.30
CA SER A 8 3.93 -3.13 -1.22
C SER A 8 4.88 -1.97 -0.91
N THR A 9 5.25 -1.86 0.37
CA THR A 9 6.18 -0.82 0.80
C THR A 9 7.32 -1.41 1.62
N ALA A 10 8.47 -0.75 1.59
CA ALA A 10 9.60 -1.14 2.42
C ALA A 10 10.36 0.08 2.93
N CYS A 11 10.77 0.03 4.19
CA CYS A 11 11.50 1.13 4.80
C CYS A 11 12.97 0.77 4.97
N GLU A 12 13.83 1.79 4.99
CA GLU A 12 15.24 1.60 5.29
C GLU A 12 15.50 1.70 6.78
N GLN A 13 14.54 2.27 7.51
CA GLN A 13 14.70 2.50 8.94
C GLN A 13 13.44 2.08 9.69
N GLU A 14 13.62 1.56 10.89
CA GLU A 14 12.50 1.18 11.75
C GLU A 14 11.99 2.37 12.55
N GLY A 15 10.69 2.41 12.78
CA GLY A 15 10.12 3.37 13.70
C GLY A 15 9.86 4.73 13.06
N VAL A 16 10.13 4.81 11.76
CA VAL A 16 9.96 6.07 11.02
C VAL A 16 8.55 6.16 10.43
N ALA A 17 7.89 5.02 10.31
CA ALA A 17 6.56 4.96 9.70
C ALA A 17 5.66 3.98 10.43
N ASN A 18 4.35 4.20 10.33
CA ASN A 18 3.37 3.22 10.80
C ASN A 18 2.13 3.24 9.92
N TRP A 19 1.26 2.25 10.12
CA TRP A 19 0.08 2.10 9.27
C TRP A 19 -0.79 3.35 9.31
N ARG A 20 -0.87 3.97 10.49
CA ARG A 20 -1.62 5.21 10.63
C ARG A 20 -0.94 6.36 9.88
N ASN A 21 0.37 6.48 10.06
CA ASN A 21 1.14 7.52 9.39
C ASN A 21 1.11 7.33 7.88
N ILE A 22 1.18 6.07 7.45
CA ILE A 22 1.23 5.74 6.03
C ILE A 22 -0.07 6.15 5.34
N THR A 23 -1.20 5.87 5.99
CA THR A 23 -2.50 6.23 5.45
C THR A 23 -2.63 7.75 5.30
N GLU A 24 -2.20 8.48 6.32
CA GLU A 24 -2.25 9.93 6.29
C GLU A 24 -1.27 10.49 5.26
N ALA A 25 -0.06 9.93 5.24
CA ALA A 25 0.97 10.37 4.31
C ALA A 25 0.55 10.08 2.86
N LEU A 26 0.01 8.89 2.64
CA LEU A 26 -0.38 8.47 1.30
C LEU A 26 -1.51 9.35 0.76
N LEU A 27 -2.48 9.65 1.61
CA LEU A 27 -3.62 10.47 1.23
C LEU A 27 -3.19 11.89 0.87
N LYS A 28 -2.44 12.52 1.77
CA LYS A 28 -2.10 13.92 1.63
C LYS A 28 -1.18 14.14 0.42
N GLN A 29 -0.20 13.24 0.26
CA GLN A 29 0.86 13.44 -0.71
C GLN A 29 0.38 13.12 -2.12
N HIS A 30 -0.54 12.16 -2.22
CA HIS A 30 -0.95 11.62 -3.51
C HIS A 30 -2.43 11.87 -3.76
N ASN A 31 -3.13 12.33 -2.73
CA ASN A 31 -4.56 12.61 -2.84
C ASN A 31 -5.34 11.36 -3.22
N VAL A 32 -4.97 10.23 -2.62
CA VAL A 32 -5.68 8.98 -2.83
C VAL A 32 -6.17 8.39 -1.52
N HIS A 33 -7.32 7.75 -1.56
CA HIS A 33 -7.91 7.15 -0.36
C HIS A 33 -7.72 5.63 -0.37
N ALA A 34 -7.01 5.12 0.65
CA ALA A 34 -6.74 3.70 0.74
C ALA A 34 -7.72 3.02 1.68
N PRO A 35 -8.42 1.98 1.17
CA PRO A 35 -9.34 1.17 1.97
C PRO A 35 -8.61 0.21 2.89
N TYR A 36 -7.32 0.01 2.65
CA TYR A 36 -6.55 -1.00 3.35
C TYR A 36 -5.10 -0.53 3.56
N CYS A 37 -4.64 -0.62 4.81
CA CYS A 37 -3.25 -0.29 5.12
C CYS A 37 -2.69 -1.25 6.16
N ARG A 38 -1.49 -1.77 5.90
CA ARG A 38 -0.82 -2.66 6.83
C ARG A 38 0.63 -2.24 7.03
N PHE A 39 1.12 -2.37 8.26
CA PHE A 39 2.52 -2.11 8.55
C PHE A 39 3.10 -3.21 9.44
N GLY A 40 4.26 -3.74 9.03
CA GLY A 40 4.97 -4.68 9.87
C GLY A 40 6.10 -4.03 10.64
N LYS A 41 7.24 -4.71 10.72
CA LYS A 41 8.38 -4.22 11.49
C LYS A 41 9.18 -3.21 10.68
N LEU A 42 9.52 -3.58 9.45
CA LEU A 42 10.35 -2.71 8.61
C LEU A 42 9.67 -2.50 7.24
N GLU A 43 8.54 -3.15 7.04
CA GLU A 43 7.84 -3.10 5.76
C GLU A 43 6.33 -3.10 5.96
N GLY A 44 5.60 -2.67 4.93
CA GLY A 44 4.16 -2.58 5.03
C GLY A 44 3.48 -2.67 3.68
N ASN A 45 2.16 -2.56 3.68
CA ASN A 45 1.38 -2.68 2.46
C ASN A 45 0.22 -1.68 2.44
N PHE A 46 -0.28 -1.38 1.24
CA PHE A 46 -1.53 -0.65 1.10
C PHE A 46 -2.21 -0.98 -0.22
N ALA A 47 -3.50 -0.68 -0.30
CA ALA A 47 -4.28 -0.98 -1.50
C ALA A 47 -5.04 0.26 -1.97
N LEU A 48 -5.38 0.29 -3.26
CA LEU A 48 -6.25 1.31 -3.80
C LEU A 48 -7.33 0.71 -4.69
N ASN A 49 -8.48 1.38 -4.78
CA ASN A 49 -9.60 0.87 -5.55
C ASN A 49 -9.30 0.94 -7.04
N LYS A 50 -9.75 -0.07 -7.78
CA LYS A 50 -9.56 -0.11 -9.22
C LYS A 50 -10.16 1.12 -9.89
N ASP A 51 -11.30 1.58 -9.37
CA ASP A 51 -11.93 2.79 -9.86
C ASP A 51 -11.16 4.02 -9.41
N LYS A 52 -10.48 3.91 -8.27
CA LYS A 52 -9.75 5.03 -7.69
C LYS A 52 -8.25 4.85 -7.88
N THR A 53 -7.88 3.92 -8.75
CA THR A 53 -6.48 3.76 -9.15
C THR A 53 -6.29 4.10 -10.63
N SER A 54 -5.39 5.04 -10.91
CA SER A 54 -5.08 5.41 -12.28
C SER A 54 -3.65 4.97 -12.65
N GLN A 55 -3.40 4.81 -13.94
CA GLN A 55 -2.08 4.47 -14.43
C GLN A 55 -1.04 5.49 -13.97
N GLU A 56 -1.43 6.76 -14.00
CA GLU A 56 -0.53 7.84 -13.60
C GLU A 56 -0.22 7.75 -12.11
N VAL A 57 -1.22 7.37 -11.32
CA VAL A 57 -1.04 7.20 -9.89
C VAL A 57 -0.07 6.07 -9.58
N ILE A 58 -0.21 4.96 -10.30
CA ILE A 58 0.62 3.80 -10.07
C ILE A 58 2.10 4.11 -10.36
N ASP A 59 2.34 4.75 -11.50
CA ASP A 59 3.70 5.15 -11.86
C ASP A 59 4.24 6.18 -10.87
N GLN A 60 3.39 7.09 -10.44
CA GLN A 60 3.79 8.13 -9.49
C GLN A 60 4.18 7.51 -8.15
N LEU A 61 3.37 6.55 -7.69
CA LEU A 61 3.59 5.93 -6.38
C LEU A 61 4.93 5.20 -6.34
N VAL A 62 5.20 4.41 -7.38
CA VAL A 62 6.42 3.63 -7.44
C VAL A 62 7.65 4.52 -7.59
N GLN A 63 7.54 5.51 -8.47
CA GLN A 63 8.68 6.38 -8.79
C GLN A 63 9.05 7.24 -7.59
N ASP A 64 8.05 7.86 -6.99
CA ASP A 64 8.27 8.84 -5.92
C ASP A 64 8.26 8.16 -4.55
N GLY A 65 7.71 6.95 -4.50
CA GLY A 65 7.53 6.27 -3.23
C GLY A 65 6.67 7.08 -2.28
N LEU A 66 6.98 6.98 -0.99
CA LEU A 66 6.25 7.73 0.03
C LEU A 66 7.21 8.36 1.04
N GLN A 67 7.09 9.66 1.24
CA GLN A 67 8.07 10.41 2.00
C GLN A 67 7.64 10.56 3.47
N PHE A 68 8.56 10.25 4.37
CA PHE A 68 8.32 10.47 5.80
C PHE A 68 9.45 11.29 6.42
N GLY A 69 9.31 12.62 6.32
CA GLY A 69 10.37 13.51 6.81
C GLY A 69 11.63 13.42 5.97
N GLU A 70 12.73 13.02 6.61
CA GLU A 70 14.00 12.89 5.91
C GLU A 70 14.22 11.45 5.44
N SER A 71 13.23 10.59 5.71
CA SER A 71 13.29 9.21 5.29
C SER A 71 12.37 8.95 4.09
N LYS A 72 12.74 7.96 3.29
CA LYS A 72 11.96 7.63 2.09
C LYS A 72 11.55 6.16 2.11
N VAL A 73 10.29 5.90 1.80
CA VAL A 73 9.77 4.54 1.75
C VAL A 73 9.40 4.14 0.33
N THR A 74 9.96 3.03 -0.14
CA THR A 74 9.76 2.60 -1.51
C THR A 74 8.40 1.92 -1.69
N ILE A 75 7.81 2.08 -2.87
CA ILE A 75 6.53 1.47 -3.18
C ILE A 75 6.64 0.52 -4.38
N LYS A 76 5.96 -0.62 -4.28
CA LYS A 76 5.87 -1.54 -5.42
C LYS A 76 4.43 -1.91 -5.70
N VAL A 77 4.08 -1.99 -6.98
CA VAL A 77 2.71 -2.29 -7.38
C VAL A 77 2.55 -3.76 -7.75
N SER A 78 1.51 -4.38 -7.21
CA SER A 78 1.17 -5.76 -7.57
C SER A 78 0.23 -5.79 -8.77
N GLU A 79 0.60 -6.56 -9.78
CA GLU A 79 -0.17 -6.62 -11.02
C GLU A 79 -0.96 -7.93 -11.10
N GLY A 80 -1.78 -8.05 -12.14
CA GLY A 80 -2.71 -9.16 -12.23
C GLY A 80 -2.13 -10.45 -11.71
N GLU A 81 -0.94 -10.81 -12.21
CA GLU A 81 -0.30 -12.06 -11.83
C GLU A 81 0.04 -12.07 -10.34
N ALA A 82 0.64 -10.99 -9.88
CA ALA A 82 0.99 -10.86 -8.47
C ALA A 82 -0.27 -10.88 -7.60
N LEU A 83 -1.32 -10.23 -8.06
CA LEU A 83 -2.55 -10.13 -7.30
C LEU A 83 -3.19 -11.51 -7.10
N SER A 84 -3.19 -12.31 -8.16
CA SER A 84 -3.75 -13.65 -8.09
C SER A 84 -3.02 -14.51 -7.08
N LYS A 85 -1.69 -14.40 -7.07
CA LYS A 85 -0.87 -15.10 -6.09
C LYS A 85 -1.13 -14.58 -4.68
N PHE A 86 -1.24 -13.26 -4.56
CA PHE A 86 -1.50 -12.63 -3.27
C PHE A 86 -2.85 -13.09 -2.69
N TRP A 87 -3.88 -13.09 -3.54
CA TRP A 87 -5.23 -13.40 -3.11
C TRP A 87 -5.32 -14.85 -2.65
N GLU A 88 -4.60 -15.74 -3.35
CA GLU A 88 -4.62 -17.16 -3.02
C GLU A 88 -3.93 -17.41 -1.68
N LEU A 89 -2.76 -16.80 -1.49
CA LEU A 89 -1.94 -17.08 -0.32
C LEU A 89 -2.42 -16.28 0.89
N HIS A 90 -2.78 -15.02 0.65
CA HIS A 90 -3.04 -14.08 1.73
C HIS A 90 -4.50 -13.65 1.75
N GLY A 91 -5.32 -14.33 0.95
CA GLY A 91 -6.72 -13.95 0.82
C GLY A 91 -7.45 -13.95 2.15
N ARG A 92 -7.22 -14.98 2.96
CA ARG A 92 -7.88 -15.11 4.24
C ARG A 92 -7.41 -14.03 5.22
N HIS A 93 -6.12 -13.71 5.15
CA HIS A 93 -5.57 -12.64 5.98
C HIS A 93 -6.18 -11.30 5.62
N TYR A 94 -6.25 -11.01 4.33
CA TYR A 94 -6.75 -9.73 3.86
C TYR A 94 -8.20 -9.52 4.26
N ASN A 95 -9.01 -10.56 4.08
CA ASN A 95 -10.43 -10.49 4.42
C ASN A 95 -10.61 -10.29 5.93
N GLY A 96 -9.82 -11.00 6.71
CA GLY A 96 -9.93 -10.92 8.16
C GLY A 96 -9.62 -9.54 8.68
N VAL A 97 -8.60 -8.90 8.12
CA VAL A 97 -8.22 -7.55 8.53
C VAL A 97 -9.31 -6.55 8.17
N MET A 98 -9.90 -6.70 6.99
CA MET A 98 -10.97 -5.83 6.54
C MET A 98 -12.20 -5.96 7.44
N GLU A 99 -12.46 -7.18 7.90
CA GLU A 99 -13.58 -7.43 8.80
C GLU A 99 -13.36 -6.74 10.14
N LEU A 100 -12.11 -6.74 10.61
CA LEU A 100 -11.79 -6.15 11.90
C LEU A 100 -11.87 -4.62 11.84
N THR A 1 -16.26 -9.13 -2.01
CA THR A 1 -15.88 -9.64 -3.31
C THR A 1 -14.85 -8.74 -3.99
N PHE A 2 -14.66 -7.56 -3.43
CA PHE A 2 -13.78 -6.56 -4.03
C PHE A 2 -12.32 -6.97 -3.89
N GLN A 3 -11.58 -6.93 -4.99
CA GLN A 3 -10.14 -7.17 -4.97
C GLN A 3 -9.38 -5.98 -5.55
N PRO A 4 -8.94 -5.07 -4.66
CA PRO A 4 -8.22 -3.86 -5.07
C PRO A 4 -6.80 -4.14 -5.53
N ILE A 5 -6.25 -3.23 -6.32
CA ILE A 5 -4.84 -3.31 -6.71
C ILE A 5 -3.93 -3.16 -5.51
N ILE A 6 -2.93 -4.04 -5.41
CA ILE A 6 -2.08 -4.12 -4.23
C ILE A 6 -0.72 -3.50 -4.49
N PHE A 7 -0.23 -2.73 -3.51
CA PHE A 7 1.12 -2.17 -3.58
C PHE A 7 1.96 -2.64 -2.40
N SER A 8 3.25 -2.82 -2.63
CA SER A 8 4.17 -3.24 -1.58
C SER A 8 5.12 -2.10 -1.19
N THR A 9 5.48 -2.05 0.08
CA THR A 9 6.37 -1.01 0.58
C THR A 9 7.57 -1.61 1.31
N ALA A 10 8.69 -0.91 1.26
CA ALA A 10 9.87 -1.31 2.04
C ALA A 10 10.62 -0.08 2.56
N CYS A 11 11.07 -0.16 3.81
CA CYS A 11 11.81 0.95 4.42
C CYS A 11 13.29 0.60 4.54
N GLU A 12 14.13 1.64 4.56
CA GLU A 12 15.55 1.46 4.82
C GLU A 12 15.83 1.49 6.32
N GLN A 13 14.89 2.04 7.08
CA GLN A 13 15.05 2.17 8.53
C GLN A 13 13.78 1.74 9.26
N GLU A 14 13.96 1.12 10.42
CA GLU A 14 12.83 0.66 11.22
C GLU A 14 12.23 1.82 12.02
N GLY A 15 10.91 1.78 12.19
CA GLY A 15 10.26 2.70 13.11
C GLY A 15 9.93 4.03 12.46
N VAL A 16 10.24 4.14 11.17
CA VAL A 16 9.99 5.38 10.44
C VAL A 16 8.53 5.49 10.00
N ALA A 17 7.88 4.35 9.86
CA ALA A 17 6.53 4.31 9.31
C ALA A 17 5.71 3.19 9.95
N ASN A 18 4.40 3.36 10.00
CA ASN A 18 3.49 2.26 10.31
C ASN A 18 2.20 2.39 9.51
N TRP A 19 1.35 1.37 9.62
CA TRP A 19 0.17 1.27 8.75
C TRP A 19 -0.75 2.46 8.94
N ARG A 20 -0.80 2.97 10.17
CA ARG A 20 -1.58 4.17 10.47
C ARG A 20 -0.99 5.39 9.77
N ASN A 21 0.32 5.56 9.90
CA ASN A 21 1.00 6.70 9.29
C ASN A 21 0.95 6.60 7.76
N ILE A 22 1.07 5.39 7.25
CA ILE A 22 1.11 5.17 5.81
C ILE A 22 -0.21 5.56 5.16
N THR A 23 -1.31 5.19 5.80
CA THR A 23 -2.64 5.54 5.31
C THR A 23 -2.84 7.05 5.27
N GLU A 24 -2.40 7.73 6.34
CA GLU A 24 -2.52 9.19 6.42
C GLU A 24 -1.58 9.86 5.42
N ALA A 25 -0.35 9.37 5.35
CA ALA A 25 0.64 9.93 4.45
C ALA A 25 0.23 9.74 3.00
N LEU A 26 -0.23 8.54 2.67
CA LEU A 26 -0.60 8.21 1.30
C LEU A 26 -1.80 9.05 0.84
N LEU A 27 -2.77 9.22 1.72
CA LEU A 27 -3.96 9.99 1.41
C LEU A 27 -3.61 11.46 1.17
N LYS A 28 -2.89 12.05 2.11
CA LYS A 28 -2.60 13.48 2.05
C LYS A 28 -1.70 13.81 0.87
N GLN A 29 -0.71 12.97 0.63
CA GLN A 29 0.35 13.28 -0.33
C GLN A 29 -0.14 13.04 -1.76
N HIS A 30 -1.02 12.07 -1.93
CA HIS A 30 -1.43 11.61 -3.25
C HIS A 30 -2.92 11.78 -3.46
N ASN A 31 -3.63 12.12 -2.38
CA ASN A 31 -5.06 12.32 -2.44
C ASN A 31 -5.78 11.05 -2.90
N VAL A 32 -5.33 9.91 -2.38
CA VAL A 32 -5.96 8.63 -2.68
C VAL A 32 -6.35 7.90 -1.41
N HIS A 33 -7.43 7.13 -1.48
CA HIS A 33 -7.91 6.37 -0.33
C HIS A 33 -7.56 4.89 -0.46
N ALA A 34 -6.91 4.35 0.56
CA ALA A 34 -6.52 2.95 0.57
C ALA A 34 -7.47 2.11 1.42
N PRO A 35 -8.26 1.24 0.76
CA PRO A 35 -9.21 0.36 1.45
C PRO A 35 -8.52 -0.59 2.42
N TYR A 36 -7.23 -0.83 2.20
CA TYR A 36 -6.48 -1.77 3.02
C TYR A 36 -5.04 -1.31 3.19
N CYS A 37 -4.55 -1.34 4.43
CA CYS A 37 -3.15 -1.02 4.72
C CYS A 37 -2.64 -1.86 5.88
N ARG A 38 -1.50 -2.52 5.67
CA ARG A 38 -0.84 -3.26 6.74
C ARG A 38 0.67 -3.07 6.68
N PHE A 39 1.28 -2.92 7.85
CA PHE A 39 2.73 -2.72 7.93
C PHE A 39 3.35 -3.66 8.95
N GLY A 40 4.44 -4.31 8.58
CA GLY A 40 5.19 -5.12 9.52
C GLY A 40 6.27 -4.35 10.24
N LYS A 41 7.46 -4.93 10.33
CA LYS A 41 8.57 -4.32 11.06
C LYS A 41 9.30 -3.32 10.19
N LEU A 42 9.65 -3.73 8.97
CA LEU A 42 10.44 -2.89 8.07
C LEU A 42 9.76 -2.77 6.71
N GLU A 43 8.69 -3.52 6.52
CA GLU A 43 7.99 -3.56 5.23
C GLU A 43 6.50 -3.77 5.43
N GLY A 44 5.73 -3.42 4.40
CA GLY A 44 4.29 -3.53 4.48
C GLY A 44 3.61 -3.43 3.14
N ASN A 45 2.28 -3.51 3.13
CA ASN A 45 1.52 -3.45 1.89
C ASN A 45 0.28 -2.56 2.05
N PHE A 46 -0.23 -2.07 0.94
CA PHE A 46 -1.50 -1.34 0.94
C PHE A 46 -2.21 -1.50 -0.40
N ALA A 47 -3.50 -1.16 -0.42
CA ALA A 47 -4.31 -1.31 -1.61
C ALA A 47 -4.97 0.02 -2.00
N LEU A 48 -5.24 0.19 -3.29
CA LEU A 48 -6.04 1.31 -3.76
C LEU A 48 -7.19 0.83 -4.63
N ASN A 49 -8.29 1.59 -4.63
CA ASN A 49 -9.49 1.21 -5.36
C ASN A 49 -9.28 1.36 -6.87
N LYS A 50 -9.81 0.40 -7.63
CA LYS A 50 -9.69 0.43 -9.08
C LYS A 50 -10.31 1.71 -9.65
N ASP A 51 -11.39 2.17 -9.02
CA ASP A 51 -12.02 3.43 -9.41
C ASP A 51 -11.17 4.62 -8.97
N LYS A 52 -10.43 4.44 -7.88
CA LYS A 52 -9.60 5.51 -7.34
C LYS A 52 -8.13 5.26 -7.63
N THR A 53 -7.85 4.34 -8.55
CA THR A 53 -6.50 4.11 -9.03
C THR A 53 -6.38 4.47 -10.51
N SER A 54 -5.43 5.36 -10.82
CA SER A 54 -5.14 5.69 -12.20
C SER A 54 -3.68 5.39 -12.54
N GLN A 55 -3.40 5.18 -13.82
CA GLN A 55 -2.03 4.94 -14.27
C GLN A 55 -1.12 6.09 -13.89
N GLU A 56 -1.63 7.31 -13.99
CA GLU A 56 -0.85 8.50 -13.69
C GLU A 56 -0.46 8.54 -12.21
N VAL A 57 -1.39 8.14 -11.35
CA VAL A 57 -1.12 8.03 -9.92
C VAL A 57 -0.05 6.97 -9.65
N ILE A 58 -0.19 5.83 -10.33
CA ILE A 58 0.73 4.71 -10.12
C ILE A 58 2.15 5.09 -10.50
N ASP A 59 2.31 5.73 -11.65
CA ASP A 59 3.62 6.14 -12.12
C ASP A 59 4.25 7.15 -11.18
N GLN A 60 3.46 8.12 -10.73
CA GLN A 60 3.92 9.09 -9.75
C GLN A 60 4.22 8.42 -8.42
N LEU A 61 3.33 7.52 -8.00
CA LEU A 61 3.42 6.91 -6.68
C LEU A 61 4.70 6.08 -6.54
N VAL A 62 4.98 5.27 -7.57
CA VAL A 62 6.16 4.42 -7.54
C VAL A 62 7.45 5.24 -7.63
N GLN A 63 7.44 6.24 -8.50
CA GLN A 63 8.64 7.04 -8.74
C GLN A 63 9.02 7.84 -7.49
N ASP A 64 8.03 8.47 -6.87
CA ASP A 64 8.27 9.33 -5.71
C ASP A 64 8.17 8.54 -4.41
N GLY A 65 7.57 7.36 -4.49
CA GLY A 65 7.33 6.57 -3.29
C GLY A 65 6.50 7.32 -2.27
N LEU A 66 6.70 6.99 -1.00
CA LEU A 66 6.00 7.66 0.09
C LEU A 66 6.98 8.31 1.06
N GLN A 67 6.77 9.58 1.36
CA GLN A 67 7.73 10.36 2.13
C GLN A 67 7.36 10.38 3.61
N PHE A 68 8.32 10.07 4.47
CA PHE A 68 8.14 10.18 5.90
C PHE A 68 9.25 11.01 6.53
N GLY A 69 9.09 12.33 6.51
CA GLY A 69 10.12 13.21 7.04
C GLY A 69 11.38 13.20 6.20
N GLU A 70 12.50 12.82 6.81
CA GLU A 70 13.77 12.74 6.10
C GLU A 70 14.04 11.33 5.59
N SER A 71 13.08 10.44 5.81
CA SER A 71 13.19 9.06 5.34
C SER A 71 12.26 8.83 4.15
N LYS A 72 12.65 7.89 3.29
CA LYS A 72 11.87 7.58 2.10
C LYS A 72 11.50 6.09 2.06
N VAL A 73 10.24 5.80 1.76
CA VAL A 73 9.78 4.43 1.65
C VAL A 73 9.39 4.08 0.22
N THR A 74 9.98 3.01 -0.30
CA THR A 74 9.80 2.64 -1.70
C THR A 74 8.49 1.89 -1.90
N ILE A 75 7.94 1.98 -3.10
CA ILE A 75 6.66 1.36 -3.42
C ILE A 75 6.77 0.48 -4.65
N LYS A 76 6.14 -0.70 -4.59
CA LYS A 76 6.12 -1.62 -5.72
C LYS A 76 4.68 -2.03 -6.06
N VAL A 77 4.41 -2.15 -7.36
CA VAL A 77 3.07 -2.49 -7.81
C VAL A 77 2.88 -3.99 -7.95
N SER A 78 1.82 -4.51 -7.34
CA SER A 78 1.48 -5.92 -7.49
C SER A 78 0.57 -6.14 -8.70
N GLU A 79 0.97 -7.06 -9.58
CA GLU A 79 0.24 -7.29 -10.81
C GLU A 79 -0.52 -8.61 -10.76
N GLY A 80 -1.29 -8.88 -11.80
CA GLY A 80 -2.21 -10.01 -11.78
C GLY A 80 -1.62 -11.22 -11.07
N GLU A 81 -0.43 -11.63 -11.50
CA GLU A 81 0.22 -12.81 -10.93
C GLU A 81 0.55 -12.59 -9.46
N ALA A 82 1.10 -11.41 -9.15
CA ALA A 82 1.42 -11.06 -7.77
C ALA A 82 0.17 -10.99 -6.92
N LEU A 83 -0.91 -10.47 -7.50
CA LEU A 83 -2.16 -10.30 -6.77
C LEU A 83 -2.74 -11.64 -6.35
N SER A 84 -2.68 -12.62 -7.25
CA SER A 84 -3.18 -13.96 -6.97
C SER A 84 -2.40 -14.59 -5.82
N LYS A 85 -1.08 -14.41 -5.83
CA LYS A 85 -0.23 -14.89 -4.75
C LYS A 85 -0.54 -14.15 -3.45
N PHE A 86 -0.73 -12.84 -3.54
CA PHE A 86 -1.04 -12.03 -2.38
C PHE A 86 -2.35 -12.45 -1.74
N TRP A 87 -3.36 -12.67 -2.58
CA TRP A 87 -4.70 -13.00 -2.08
C TRP A 87 -4.69 -14.33 -1.35
N GLU A 88 -3.91 -15.28 -1.85
CA GLU A 88 -3.82 -16.59 -1.23
C GLU A 88 -3.12 -16.51 0.13
N LEU A 89 -2.00 -15.79 0.16
CA LEU A 89 -1.16 -15.75 1.35
C LEU A 89 -1.76 -14.82 2.41
N HIS A 90 -2.28 -13.68 1.96
CA HIS A 90 -2.72 -12.62 2.86
C HIS A 90 -4.23 -12.46 2.82
N GLY A 91 -4.92 -13.45 2.25
CA GLY A 91 -6.35 -13.37 2.08
C GLY A 91 -7.07 -13.16 3.40
N ARG A 92 -6.63 -13.88 4.44
CA ARG A 92 -7.27 -13.82 5.74
C ARG A 92 -7.07 -12.44 6.38
N HIS A 93 -5.89 -11.87 6.18
CA HIS A 93 -5.60 -10.53 6.67
C HIS A 93 -6.48 -9.50 5.99
N TYR A 94 -6.60 -9.61 4.67
CA TYR A 94 -7.42 -8.68 3.89
C TYR A 94 -8.88 -8.76 4.31
N ASN A 95 -9.39 -9.97 4.44
CA ASN A 95 -10.78 -10.19 4.81
C ASN A 95 -11.07 -9.62 6.19
N GLY A 96 -10.15 -9.82 7.12
CA GLY A 96 -10.35 -9.38 8.49
C GLY A 96 -10.50 -7.88 8.59
N VAL A 97 -9.70 -7.14 7.83
CA VAL A 97 -9.77 -5.68 7.82
C VAL A 97 -11.08 -5.21 7.21
N MET A 98 -11.48 -5.83 6.10
CA MET A 98 -12.72 -5.47 5.41
C MET A 98 -13.93 -5.80 6.26
N GLU A 99 -13.85 -6.90 7.00
CA GLU A 99 -14.95 -7.33 7.86
C GLU A 99 -15.20 -6.32 8.98
N LEU A 100 -14.11 -5.78 9.53
CA LEU A 100 -14.20 -4.78 10.58
C LEU A 100 -14.88 -3.51 10.07
N THR A 1 -17.30 -8.97 -5.04
CA THR A 1 -16.92 -8.82 -6.43
C THR A 1 -15.80 -7.80 -6.60
N PHE A 2 -15.44 -7.14 -5.50
CA PHE A 2 -14.40 -6.11 -5.52
C PHE A 2 -13.04 -6.71 -5.80
N GLN A 3 -12.33 -6.14 -6.78
CA GLN A 3 -10.96 -6.54 -7.06
C GLN A 3 -10.00 -5.36 -6.86
N PRO A 4 -9.26 -5.39 -5.74
CA PRO A 4 -8.33 -4.31 -5.39
C PRO A 4 -7.01 -4.43 -6.16
N ILE A 5 -6.32 -3.31 -6.28
CA ILE A 5 -4.90 -3.32 -6.64
C ILE A 5 -4.01 -3.22 -5.41
N ILE A 6 -3.03 -4.11 -5.31
CA ILE A 6 -2.22 -4.22 -4.11
C ILE A 6 -0.83 -3.61 -4.32
N PHE A 7 -0.38 -2.83 -3.35
CA PHE A 7 0.95 -2.25 -3.39
C PHE A 7 1.79 -2.70 -2.18
N SER A 8 3.09 -2.85 -2.40
CA SER A 8 4.00 -3.20 -1.33
C SER A 8 4.95 -2.05 -1.02
N THR A 9 5.34 -1.94 0.25
CA THR A 9 6.25 -0.89 0.69
C THR A 9 7.45 -1.47 1.43
N ALA A 10 8.58 -0.77 1.34
CA ALA A 10 9.77 -1.16 2.10
C ALA A 10 10.54 0.07 2.58
N CYS A 11 11.02 0.00 3.82
CA CYS A 11 11.77 1.11 4.40
C CYS A 11 13.26 0.76 4.51
N GLU A 12 14.10 1.79 4.52
CA GLU A 12 15.53 1.59 4.77
C GLU A 12 15.83 1.67 6.26
N GLN A 13 14.87 2.18 7.02
CA GLN A 13 15.05 2.37 8.46
C GLN A 13 13.84 1.88 9.24
N GLU A 14 14.09 1.33 10.43
CA GLU A 14 13.02 0.85 11.29
C GLU A 14 12.46 1.99 12.14
N GLY A 15 11.15 1.95 12.40
CA GLY A 15 10.57 2.84 13.38
C GLY A 15 10.25 4.21 12.82
N VAL A 16 10.50 4.39 11.52
CA VAL A 16 10.27 5.66 10.86
C VAL A 16 8.84 5.76 10.32
N ALA A 17 8.22 4.60 10.12
CA ALA A 17 6.88 4.55 9.52
C ALA A 17 6.05 3.44 10.16
N ASN A 18 4.73 3.64 10.18
CA ASN A 18 3.80 2.58 10.54
C ASN A 18 2.50 2.70 9.76
N TRP A 19 1.64 1.71 9.90
CA TRP A 19 0.45 1.60 9.07
C TRP A 19 -0.46 2.81 9.26
N ARG A 20 -0.47 3.36 10.48
CA ARG A 20 -1.23 4.57 10.76
C ARG A 20 -0.64 5.77 10.01
N ASN A 21 0.67 5.93 10.09
CA ASN A 21 1.35 7.02 9.41
C ASN A 21 1.22 6.88 7.90
N ILE A 22 1.32 5.63 7.43
CA ILE A 22 1.27 5.37 5.99
C ILE A 22 -0.09 5.74 5.41
N THR A 23 -1.15 5.38 6.13
CA THR A 23 -2.51 5.70 5.70
C THR A 23 -2.72 7.21 5.60
N GLU A 24 -2.23 7.94 6.60
CA GLU A 24 -2.33 9.40 6.60
C GLU A 24 -1.42 9.99 5.53
N ALA A 25 -0.20 9.47 5.43
CA ALA A 25 0.76 9.94 4.43
C ALA A 25 0.26 9.67 3.01
N LEU A 26 -0.27 8.48 2.80
CA LEU A 26 -0.72 8.07 1.48
C LEU A 26 -1.91 8.93 1.01
N LEU A 27 -2.83 9.19 1.93
CA LEU A 27 -4.02 9.97 1.62
C LEU A 27 -3.65 11.41 1.29
N LYS A 28 -2.90 12.04 2.18
CA LYS A 28 -2.61 13.47 2.07
C LYS A 28 -1.73 13.74 0.84
N GLN A 29 -0.74 12.90 0.62
CA GLN A 29 0.30 13.16 -0.37
C GLN A 29 -0.22 12.85 -1.77
N HIS A 30 -1.11 11.87 -1.87
CA HIS A 30 -1.53 11.35 -3.16
C HIS A 30 -3.03 11.54 -3.37
N ASN A 31 -3.72 11.94 -2.29
CA ASN A 31 -5.16 12.16 -2.36
C ASN A 31 -5.90 10.88 -2.77
N VAL A 32 -5.48 9.76 -2.20
CA VAL A 32 -6.14 8.48 -2.45
C VAL A 32 -6.57 7.82 -1.14
N HIS A 33 -7.64 7.03 -1.21
CA HIS A 33 -8.16 6.34 -0.04
C HIS A 33 -7.89 4.84 -0.13
N ALA A 34 -7.22 4.29 0.88
CA ALA A 34 -6.90 2.88 0.92
C ALA A 34 -7.86 2.12 1.82
N PRO A 35 -8.46 1.05 1.29
CA PRO A 35 -9.31 0.14 2.07
C PRO A 35 -8.50 -0.76 2.99
N TYR A 36 -7.20 -0.84 2.74
CA TYR A 36 -6.33 -1.75 3.48
C TYR A 36 -4.94 -1.16 3.64
N CYS A 37 -4.46 -1.13 4.88
CA CYS A 37 -3.08 -0.73 5.16
C CYS A 37 -2.54 -1.46 6.38
N ARG A 38 -1.40 -2.14 6.20
CA ARG A 38 -0.72 -2.79 7.31
C ARG A 38 0.79 -2.70 7.14
N PHE A 39 1.49 -2.51 8.26
CA PHE A 39 2.95 -2.38 8.24
C PHE A 39 3.60 -3.31 9.25
N GLY A 40 4.62 -4.03 8.81
CA GLY A 40 5.38 -4.88 9.71
C GLY A 40 6.52 -4.15 10.38
N LYS A 41 7.68 -4.79 10.44
CA LYS A 41 8.83 -4.21 11.14
C LYS A 41 9.56 -3.21 10.24
N LEU A 42 9.83 -3.62 9.00
CA LEU A 42 10.60 -2.79 8.08
C LEU A 42 9.86 -2.63 6.76
N GLU A 43 8.75 -3.35 6.60
CA GLU A 43 8.02 -3.37 5.34
C GLU A 43 6.52 -3.51 5.59
N GLY A 44 5.73 -3.13 4.59
CA GLY A 44 4.28 -3.20 4.72
C GLY A 44 3.58 -3.20 3.39
N ASN A 45 2.25 -3.19 3.41
CA ASN A 45 1.46 -3.22 2.20
C ASN A 45 0.25 -2.28 2.30
N PHE A 46 -0.26 -1.86 1.15
CA PHE A 46 -1.52 -1.14 1.10
C PHE A 46 -2.24 -1.37 -0.23
N ALA A 47 -3.53 -1.06 -0.26
CA ALA A 47 -4.34 -1.29 -1.45
C ALA A 47 -5.06 -0.01 -1.87
N LEU A 48 -5.41 0.06 -3.15
CA LEU A 48 -6.28 1.13 -3.64
C LEU A 48 -7.38 0.58 -4.54
N ASN A 49 -8.51 1.29 -4.61
CA ASN A 49 -9.64 0.85 -5.42
C ASN A 49 -9.35 1.09 -6.90
N LYS A 50 -9.81 0.16 -7.74
CA LYS A 50 -9.66 0.29 -9.18
C LYS A 50 -10.32 1.56 -9.69
N ASP A 51 -11.46 1.91 -9.10
CA ASP A 51 -12.15 3.14 -9.43
C ASP A 51 -11.40 4.35 -8.87
N LYS A 52 -10.69 4.14 -7.77
CA LYS A 52 -9.95 5.22 -7.12
C LYS A 52 -8.45 5.07 -7.37
N THR A 53 -8.10 4.22 -8.33
CA THR A 53 -6.71 4.11 -8.78
C THR A 53 -6.58 4.54 -10.24
N SER A 54 -5.68 5.49 -10.49
CA SER A 54 -5.39 5.91 -11.85
C SER A 54 -3.97 5.50 -12.24
N GLN A 55 -3.74 5.36 -13.54
CA GLN A 55 -2.42 5.04 -14.05
C GLN A 55 -1.39 6.07 -13.60
N GLU A 56 -1.80 7.33 -13.60
CA GLU A 56 -0.92 8.41 -13.17
C GLU A 56 -0.55 8.27 -11.70
N VAL A 57 -1.51 7.83 -10.89
CA VAL A 57 -1.26 7.56 -9.48
C VAL A 57 -0.27 6.43 -9.30
N ILE A 58 -0.44 5.36 -10.07
CA ILE A 58 0.43 4.20 -9.98
C ILE A 58 1.86 4.55 -10.34
N ASP A 59 2.02 5.29 -11.43
CA ASP A 59 3.35 5.77 -11.84
C ASP A 59 3.93 6.70 -10.79
N GLN A 60 3.09 7.55 -10.22
CA GLN A 60 3.53 8.49 -9.19
C GLN A 60 3.99 7.75 -7.95
N LEU A 61 3.24 6.73 -7.56
CA LEU A 61 3.53 5.98 -6.33
C LEU A 61 4.89 5.31 -6.41
N VAL A 62 5.16 4.68 -7.55
CA VAL A 62 6.43 3.97 -7.74
C VAL A 62 7.60 4.95 -7.83
N GLN A 63 7.41 6.01 -8.61
CA GLN A 63 8.48 6.95 -8.88
C GLN A 63 8.85 7.73 -7.62
N ASP A 64 7.85 8.25 -6.93
CA ASP A 64 8.06 9.15 -5.80
C ASP A 64 8.08 8.37 -4.49
N GLY A 65 7.56 7.14 -4.52
CA GLY A 65 7.35 6.38 -3.31
C GLY A 65 6.47 7.13 -2.31
N LEU A 66 6.79 6.99 -1.04
CA LEU A 66 6.06 7.70 0.01
C LEU A 66 7.03 8.34 1.02
N GLN A 67 6.85 9.63 1.26
CA GLN A 67 7.83 10.40 2.01
C GLN A 67 7.44 10.48 3.48
N PHE A 68 8.40 10.20 4.36
CA PHE A 68 8.20 10.36 5.80
C PHE A 68 9.31 11.21 6.41
N GLY A 69 9.14 12.53 6.35
CA GLY A 69 10.16 13.43 6.85
C GLY A 69 11.42 13.41 5.98
N GLU A 70 12.54 13.05 6.59
CA GLU A 70 13.80 12.96 5.86
C GLU A 70 14.05 11.54 5.36
N SER A 71 13.11 10.65 5.63
CA SER A 71 13.22 9.27 5.18
C SER A 71 12.28 9.02 3.99
N LYS A 72 12.66 8.05 3.15
CA LYS A 72 11.88 7.72 1.97
C LYS A 72 11.50 6.24 1.95
N VAL A 73 10.24 5.96 1.67
CA VAL A 73 9.76 4.57 1.62
C VAL A 73 9.35 4.19 0.20
N THR A 74 9.93 3.10 -0.30
CA THR A 74 9.72 2.70 -1.68
C THR A 74 8.39 1.95 -1.84
N ILE A 75 7.83 2.00 -3.05
CA ILE A 75 6.56 1.35 -3.32
C ILE A 75 6.67 0.41 -4.52
N LYS A 76 6.05 -0.76 -4.41
CA LYS A 76 6.03 -1.72 -5.50
C LYS A 76 4.59 -2.12 -5.85
N VAL A 77 4.32 -2.27 -7.14
CA VAL A 77 2.97 -2.58 -7.61
C VAL A 77 2.79 -4.08 -7.78
N SER A 78 1.74 -4.62 -7.18
CA SER A 78 1.39 -6.04 -7.35
C SER A 78 0.47 -6.22 -8.55
N GLU A 79 0.86 -7.11 -9.45
CA GLU A 79 0.11 -7.34 -10.68
C GLU A 79 -0.62 -8.68 -10.63
N GLY A 80 -1.40 -8.97 -11.66
CA GLY A 80 -2.27 -10.12 -11.64
C GLY A 80 -1.64 -11.31 -10.95
N GLU A 81 -0.43 -11.67 -11.37
CA GLU A 81 0.27 -12.83 -10.83
C GLU A 81 0.55 -12.65 -9.35
N ALA A 82 1.07 -11.47 -8.99
CA ALA A 82 1.35 -11.16 -7.59
C ALA A 82 0.07 -11.15 -6.76
N LEU A 83 -1.00 -10.63 -7.35
CA LEU A 83 -2.28 -10.51 -6.66
C LEU A 83 -2.83 -11.89 -6.28
N SER A 84 -2.72 -12.83 -7.22
CA SER A 84 -3.18 -14.20 -6.98
C SER A 84 -2.41 -14.84 -5.84
N LYS A 85 -1.10 -14.62 -5.82
CA LYS A 85 -0.24 -15.12 -4.75
C LYS A 85 -0.59 -14.45 -3.42
N PHE A 86 -0.83 -13.14 -3.47
CA PHE A 86 -1.18 -12.38 -2.28
C PHE A 86 -2.49 -12.90 -1.69
N TRP A 87 -3.49 -13.11 -2.54
CA TRP A 87 -4.81 -13.55 -2.11
C TRP A 87 -4.73 -14.94 -1.49
N GLU A 88 -3.88 -15.79 -2.05
CA GLU A 88 -3.74 -17.16 -1.56
C GLU A 88 -3.13 -17.18 -0.17
N LEU A 89 -2.06 -16.41 0.02
CA LEU A 89 -1.33 -16.43 1.28
C LEU A 89 -1.99 -15.53 2.32
N HIS A 90 -2.47 -14.37 1.87
CA HIS A 90 -2.91 -13.32 2.79
C HIS A 90 -4.39 -13.02 2.59
N GLY A 91 -5.09 -13.92 1.90
CA GLY A 91 -6.49 -13.69 1.58
C GLY A 91 -7.33 -13.45 2.80
N ARG A 92 -7.16 -14.29 3.82
CA ARG A 92 -7.93 -14.17 5.06
C ARG A 92 -7.51 -12.92 5.83
N HIS A 93 -6.23 -12.61 5.80
CA HIS A 93 -5.70 -11.42 6.46
C HIS A 93 -6.28 -10.16 5.83
N TYR A 94 -6.27 -10.09 4.50
CA TYR A 94 -6.73 -8.91 3.78
C TYR A 94 -8.21 -8.66 4.05
N ASN A 95 -9.01 -9.73 3.98
CA ASN A 95 -10.45 -9.62 4.17
C ASN A 95 -10.76 -9.15 5.60
N GLY A 96 -10.04 -9.69 6.57
CA GLY A 96 -10.28 -9.36 7.95
C GLY A 96 -10.02 -7.89 8.25
N VAL A 97 -8.94 -7.37 7.67
CA VAL A 97 -8.55 -5.98 7.91
C VAL A 97 -9.50 -5.01 7.22
N MET A 98 -9.82 -5.30 5.97
CA MET A 98 -10.62 -4.40 5.15
C MET A 98 -12.04 -4.29 5.70
N GLU A 99 -12.51 -5.37 6.31
CA GLU A 99 -13.84 -5.39 6.91
C GLU A 99 -13.98 -4.34 8.00
N LEU A 100 -12.87 -4.06 8.68
CA LEU A 100 -12.88 -3.13 9.81
C LEU A 100 -13.30 -1.74 9.34
N THR A 1 -17.03 -8.82 -3.84
CA THR A 1 -16.48 -8.87 -5.18
C THR A 1 -15.42 -7.81 -5.39
N PHE A 2 -14.97 -7.20 -4.30
CA PHE A 2 -14.02 -6.10 -4.38
C PHE A 2 -12.72 -6.54 -5.05
N GLN A 3 -12.28 -5.77 -6.03
CA GLN A 3 -11.03 -6.05 -6.73
C GLN A 3 -10.01 -4.93 -6.52
N PRO A 4 -9.20 -5.07 -5.46
CA PRO A 4 -8.17 -4.07 -5.13
C PRO A 4 -6.90 -4.26 -5.98
N ILE A 5 -6.15 -3.17 -6.12
CA ILE A 5 -4.75 -3.28 -6.53
C ILE A 5 -3.82 -3.21 -5.33
N ILE A 6 -2.88 -4.16 -5.27
CA ILE A 6 -2.04 -4.32 -4.09
C ILE A 6 -0.65 -3.73 -4.32
N PHE A 7 -0.15 -2.98 -3.35
CA PHE A 7 1.19 -2.42 -3.42
C PHE A 7 2.04 -2.88 -2.25
N SER A 8 3.34 -3.04 -2.49
CA SER A 8 4.28 -3.41 -1.43
C SER A 8 5.21 -2.26 -1.10
N THR A 9 5.59 -2.16 0.17
CA THR A 9 6.41 -1.05 0.64
C THR A 9 7.62 -1.56 1.42
N ALA A 10 8.70 -0.80 1.40
CA ALA A 10 9.84 -1.05 2.28
C ALA A 10 10.45 0.25 2.77
N CYS A 11 10.83 0.28 4.05
CA CYS A 11 11.35 1.49 4.67
C CYS A 11 12.85 1.39 4.89
N GLU A 12 13.49 2.53 5.13
CA GLU A 12 14.93 2.56 5.38
C GLU A 12 15.23 2.36 6.86
N GLN A 13 14.23 2.64 7.70
CA GLN A 13 14.42 2.57 9.15
C GLN A 13 13.26 1.84 9.81
N GLU A 14 13.58 0.96 10.76
CA GLU A 14 12.57 0.18 11.46
C GLU A 14 11.69 1.07 12.32
N GLY A 15 10.38 0.85 12.25
CA GLY A 15 9.46 1.56 13.11
C GLY A 15 9.27 3.01 12.70
N VAL A 16 9.79 3.36 11.53
CA VAL A 16 9.75 4.74 11.07
C VAL A 16 8.31 5.19 10.83
N ALA A 17 7.43 4.25 10.51
CA ALA A 17 6.05 4.57 10.18
C ALA A 17 5.11 3.48 10.69
N ASN A 18 3.86 3.86 10.98
CA ASN A 18 2.81 2.90 11.28
C ASN A 18 1.79 2.85 10.16
N TRP A 19 1.07 1.74 10.07
CA TRP A 19 0.09 1.55 9.01
C TRP A 19 -0.99 2.63 9.06
N ARG A 20 -1.29 3.10 10.26
CA ARG A 20 -2.21 4.22 10.42
C ARG A 20 -1.63 5.50 9.84
N ASN A 21 -0.38 5.78 10.18
CA ASN A 21 0.30 6.96 9.67
C ASN A 21 0.48 6.87 8.16
N ILE A 22 0.78 5.68 7.67
CA ILE A 22 1.04 5.47 6.24
C ILE A 22 -0.21 5.75 5.42
N THR A 23 -1.36 5.29 5.91
CA THR A 23 -2.63 5.53 5.25
C THR A 23 -2.93 7.04 5.16
N GLU A 24 -2.65 7.75 6.26
CA GLU A 24 -2.83 9.19 6.29
C GLU A 24 -1.84 9.88 5.36
N ALA A 25 -0.59 9.42 5.39
CA ALA A 25 0.45 9.98 4.54
C ALA A 25 0.13 9.75 3.05
N LEU A 26 -0.32 8.54 2.74
CA LEU A 26 -0.63 8.18 1.36
C LEU A 26 -1.80 9.01 0.83
N LEU A 27 -2.80 9.20 1.67
CA LEU A 27 -3.97 9.98 1.28
C LEU A 27 -3.61 11.43 1.01
N LYS A 28 -2.93 12.06 1.98
CA LYS A 28 -2.65 13.48 1.92
C LYS A 28 -1.72 13.80 0.75
N GLN A 29 -0.70 12.97 0.56
CA GLN A 29 0.37 13.27 -0.38
C GLN A 29 -0.07 13.00 -1.82
N HIS A 30 -0.95 12.02 -1.98
CA HIS A 30 -1.30 11.52 -3.31
C HIS A 30 -2.79 11.67 -3.57
N ASN A 31 -3.53 12.03 -2.53
CA ASN A 31 -4.98 12.21 -2.66
C ASN A 31 -5.65 10.92 -3.11
N VAL A 32 -5.23 9.80 -2.52
CA VAL A 32 -5.85 8.52 -2.80
C VAL A 32 -6.32 7.83 -1.52
N HIS A 33 -7.41 7.08 -1.62
CA HIS A 33 -7.98 6.40 -0.47
C HIS A 33 -7.65 4.91 -0.49
N ALA A 34 -7.01 4.43 0.55
CA ALA A 34 -6.62 3.02 0.64
C ALA A 34 -7.62 2.24 1.49
N PRO A 35 -8.24 1.21 0.87
CA PRO A 35 -9.16 0.31 1.57
C PRO A 35 -8.43 -0.66 2.50
N TYR A 36 -7.13 -0.81 2.27
CA TYR A 36 -6.33 -1.76 3.05
C TYR A 36 -4.90 -1.24 3.23
N CYS A 37 -4.43 -1.25 4.47
CA CYS A 37 -3.04 -0.92 4.75
C CYS A 37 -2.53 -1.69 5.97
N ARG A 38 -1.41 -2.38 5.82
CA ARG A 38 -0.74 -3.01 6.94
C ARG A 38 0.77 -2.83 6.85
N PHE A 39 1.40 -2.57 7.99
CA PHE A 39 2.84 -2.32 8.03
C PHE A 39 3.51 -3.19 9.10
N GLY A 40 4.60 -3.85 8.71
CA GLY A 40 5.40 -4.59 9.67
C GLY A 40 6.52 -3.74 10.25
N LYS A 41 7.66 -4.38 10.50
CA LYS A 41 8.79 -3.70 11.12
C LYS A 41 9.60 -2.93 10.08
N LEU A 42 9.92 -3.60 8.99
CA LEU A 42 10.79 -3.02 7.96
C LEU A 42 10.06 -2.87 6.64
N GLU A 43 8.89 -3.50 6.54
CA GLU A 43 8.16 -3.56 5.28
C GLU A 43 6.65 -3.67 5.53
N GLY A 44 5.87 -3.35 4.51
CA GLY A 44 4.42 -3.43 4.64
C GLY A 44 3.72 -3.41 3.29
N ASN A 45 2.39 -3.44 3.31
CA ASN A 45 1.61 -3.46 2.09
C ASN A 45 0.40 -2.52 2.20
N PHE A 46 -0.11 -2.09 1.06
CA PHE A 46 -1.36 -1.34 1.02
C PHE A 46 -2.07 -1.53 -0.31
N ALA A 47 -3.34 -1.15 -0.36
CA ALA A 47 -4.15 -1.33 -1.57
C ALA A 47 -4.79 -0.01 -1.99
N LEU A 48 -5.14 0.09 -3.27
CA LEU A 48 -5.96 1.19 -3.75
C LEU A 48 -7.11 0.68 -4.63
N ASN A 49 -8.19 1.45 -4.68
CA ASN A 49 -9.37 1.05 -5.44
C ASN A 49 -9.15 1.26 -6.94
N LYS A 50 -9.52 0.26 -7.74
CA LYS A 50 -9.36 0.34 -9.19
C LYS A 50 -10.08 1.56 -9.75
N ASP A 51 -11.23 1.88 -9.17
CA ASP A 51 -11.98 3.06 -9.57
C ASP A 51 -11.26 4.34 -9.11
N LYS A 52 -10.54 4.23 -8.01
CA LYS A 52 -9.81 5.37 -7.45
C LYS A 52 -8.31 5.24 -7.70
N THR A 53 -7.95 4.33 -8.60
CA THR A 53 -6.56 4.20 -9.03
C THR A 53 -6.41 4.51 -10.51
N SER A 54 -5.53 5.46 -10.84
CA SER A 54 -5.22 5.78 -12.22
C SER A 54 -3.79 5.37 -12.57
N GLN A 55 -3.56 5.09 -13.84
CA GLN A 55 -2.22 4.72 -14.31
C GLN A 55 -1.22 5.83 -14.01
N GLU A 56 -1.65 7.08 -14.18
CA GLU A 56 -0.78 8.22 -13.92
C GLU A 56 -0.42 8.31 -12.43
N VAL A 57 -1.38 7.97 -11.57
CA VAL A 57 -1.14 7.92 -10.14
C VAL A 57 -0.13 6.83 -9.79
N ILE A 58 -0.28 5.67 -10.42
CA ILE A 58 0.60 4.54 -10.15
C ILE A 58 2.04 4.87 -10.52
N ASP A 59 2.22 5.46 -11.70
CA ASP A 59 3.55 5.84 -12.17
C ASP A 59 4.16 6.90 -11.25
N GLN A 60 3.35 7.87 -10.86
CA GLN A 60 3.78 8.90 -9.91
C GLN A 60 4.08 8.28 -8.55
N LEU A 61 3.20 7.39 -8.11
CA LEU A 61 3.29 6.82 -6.77
C LEU A 61 4.58 6.02 -6.61
N VAL A 62 4.88 5.18 -7.61
CA VAL A 62 6.06 4.33 -7.55
C VAL A 62 7.34 5.17 -7.64
N GLN A 63 7.34 6.16 -8.53
CA GLN A 63 8.53 6.96 -8.77
C GLN A 63 8.89 7.78 -7.53
N ASP A 64 7.89 8.41 -6.93
CA ASP A 64 8.12 9.28 -5.79
C ASP A 64 8.01 8.51 -4.48
N GLY A 65 7.47 7.29 -4.56
CA GLY A 65 7.21 6.52 -3.36
C GLY A 65 6.36 7.27 -2.35
N LEU A 66 6.68 7.10 -1.07
CA LEU A 66 5.97 7.81 -0.01
C LEU A 66 6.96 8.36 1.02
N GLN A 67 6.85 9.66 1.29
CA GLN A 67 7.86 10.35 2.09
C GLN A 67 7.43 10.45 3.55
N PHE A 68 8.34 10.09 4.45
CA PHE A 68 8.10 10.27 5.89
C PHE A 68 9.25 11.04 6.53
N GLY A 69 9.16 12.36 6.50
CA GLY A 69 10.23 13.19 7.03
C GLY A 69 11.49 13.12 6.16
N GLU A 70 12.58 12.67 6.77
CA GLU A 70 13.84 12.54 6.04
C GLU A 70 14.02 11.11 5.54
N SER A 71 13.04 10.25 5.83
CA SER A 71 13.06 8.87 5.36
C SER A 71 12.15 8.69 4.15
N LYS A 72 12.55 7.82 3.23
CA LYS A 72 11.77 7.54 2.04
C LYS A 72 11.37 6.07 1.98
N VAL A 73 10.10 5.83 1.69
CA VAL A 73 9.58 4.47 1.59
C VAL A 73 9.28 4.10 0.14
N THR A 74 9.87 3.00 -0.32
CA THR A 74 9.71 2.59 -1.72
C THR A 74 8.41 1.80 -1.91
N ILE A 75 7.83 1.94 -3.10
CA ILE A 75 6.55 1.30 -3.39
C ILE A 75 6.65 0.41 -4.63
N LYS A 76 6.07 -0.78 -4.53
CA LYS A 76 6.06 -1.72 -5.65
C LYS A 76 4.64 -2.15 -5.98
N VAL A 77 4.36 -2.29 -7.28
CA VAL A 77 3.00 -2.62 -7.72
C VAL A 77 2.84 -4.13 -7.90
N SER A 78 1.79 -4.67 -7.29
CA SER A 78 1.43 -6.07 -7.50
C SER A 78 0.45 -6.21 -8.67
N GLU A 79 0.80 -7.09 -9.61
CA GLU A 79 0.00 -7.25 -10.82
C GLU A 79 -0.81 -8.54 -10.77
N GLY A 80 -1.63 -8.76 -11.79
CA GLY A 80 -2.58 -9.87 -11.76
C GLY A 80 -2.00 -11.11 -11.13
N GLU A 81 -0.81 -11.50 -11.57
CA GLU A 81 -0.18 -12.72 -11.08
C GLU A 81 0.13 -12.61 -9.59
N ALA A 82 0.70 -11.47 -9.20
CA ALA A 82 1.01 -11.22 -7.79
C ALA A 82 -0.28 -11.18 -6.96
N LEU A 83 -1.32 -10.60 -7.52
CA LEU A 83 -2.59 -10.43 -6.80
C LEU A 83 -3.19 -11.80 -6.48
N SER A 84 -3.15 -12.71 -7.44
CA SER A 84 -3.66 -14.06 -7.24
C SER A 84 -2.89 -14.78 -6.14
N LYS A 85 -1.58 -14.62 -6.14
CA LYS A 85 -0.73 -15.19 -5.11
C LYS A 85 -1.01 -14.56 -3.75
N PHE A 86 -1.19 -13.24 -3.76
CA PHE A 86 -1.47 -12.51 -2.53
C PHE A 86 -2.77 -12.98 -1.89
N TRP A 87 -3.80 -13.12 -2.71
CA TRP A 87 -5.12 -13.50 -2.22
C TRP A 87 -5.09 -14.92 -1.64
N GLU A 88 -4.32 -15.80 -2.27
CA GLU A 88 -4.23 -17.19 -1.84
C GLU A 88 -3.53 -17.28 -0.47
N LEU A 89 -2.42 -16.58 -0.34
CA LEU A 89 -1.60 -16.66 0.87
C LEU A 89 -2.14 -15.73 1.96
N HIS A 90 -2.57 -14.54 1.54
CA HIS A 90 -2.89 -13.48 2.49
C HIS A 90 -4.36 -13.11 2.42
N GLY A 91 -5.16 -13.98 1.83
CA GLY A 91 -6.58 -13.71 1.66
C GLY A 91 -7.27 -13.44 2.98
N ARG A 92 -7.01 -14.29 3.97
CA ARG A 92 -7.58 -14.11 5.30
C ARG A 92 -7.00 -12.88 5.99
N HIS A 93 -5.72 -12.61 5.74
CA HIS A 93 -5.06 -11.45 6.30
C HIS A 93 -5.69 -10.17 5.79
N TYR A 94 -5.91 -10.11 4.47
CA TYR A 94 -6.45 -8.91 3.85
C TYR A 94 -7.82 -8.55 4.40
N ASN A 95 -8.68 -9.57 4.52
CA ASN A 95 -10.03 -9.37 5.05
C ASN A 95 -9.97 -8.90 6.50
N GLY A 96 -9.09 -9.51 7.28
CA GLY A 96 -9.00 -9.18 8.69
C GLY A 96 -8.57 -7.74 8.92
N VAL A 97 -7.60 -7.28 8.14
CA VAL A 97 -7.10 -5.91 8.26
C VAL A 97 -8.18 -4.90 7.89
N MET A 98 -8.97 -5.23 6.86
CA MET A 98 -10.06 -4.36 6.43
C MET A 98 -11.11 -4.22 7.53
N GLU A 99 -11.34 -5.31 8.26
CA GLU A 99 -12.32 -5.31 9.35
C GLU A 99 -11.88 -4.36 10.46
N LEU A 100 -10.57 -4.26 10.66
CA LEU A 100 -10.03 -3.47 11.78
C LEU A 100 -10.54 -2.04 11.73
N THR A 1 -17.02 -8.61 -2.77
CA THR A 1 -16.49 -8.93 -4.09
C THR A 1 -15.43 -7.94 -4.52
N PHE A 2 -15.14 -6.97 -3.67
CA PHE A 2 -14.19 -5.92 -3.99
C PHE A 2 -12.77 -6.48 -4.09
N GLN A 3 -12.12 -6.22 -5.22
CA GLN A 3 -10.74 -6.65 -5.42
C GLN A 3 -9.87 -5.48 -5.87
N PRO A 4 -9.29 -4.77 -4.90
CA PRO A 4 -8.41 -3.62 -5.17
C PRO A 4 -7.03 -4.05 -5.66
N ILE A 5 -6.36 -3.16 -6.39
CA ILE A 5 -4.98 -3.37 -6.78
C ILE A 5 -4.05 -3.26 -5.58
N ILE A 6 -3.13 -4.20 -5.46
CA ILE A 6 -2.27 -4.28 -4.28
C ILE A 6 -0.90 -3.65 -4.56
N PHE A 7 -0.42 -2.87 -3.60
CA PHE A 7 0.93 -2.30 -3.68
C PHE A 7 1.78 -2.73 -2.50
N SER A 8 3.07 -2.91 -2.74
CA SER A 8 4.00 -3.31 -1.68
C SER A 8 4.94 -2.17 -1.32
N THR A 9 5.29 -2.08 -0.04
CA THR A 9 6.14 -1.01 0.45
C THR A 9 7.32 -1.57 1.25
N ALA A 10 8.43 -0.84 1.25
CA ALA A 10 9.55 -1.16 2.11
C ALA A 10 10.21 0.11 2.66
N CYS A 11 10.55 0.09 3.94
CA CYS A 11 11.11 1.26 4.60
C CYS A 11 12.63 1.17 4.68
N GLU A 12 13.28 2.33 4.84
CA GLU A 12 14.72 2.36 5.05
C GLU A 12 15.07 2.16 6.52
N GLN A 13 14.08 2.38 7.39
CA GLN A 13 14.30 2.29 8.83
C GLN A 13 13.19 1.48 9.50
N GLU A 14 13.58 0.64 10.45
CA GLU A 14 12.61 -0.21 11.15
C GLU A 14 11.80 0.60 12.15
N GLY A 15 10.48 0.36 12.16
CA GLY A 15 9.62 1.03 13.12
C GLY A 15 9.36 2.48 12.77
N VAL A 16 9.83 2.89 11.60
CA VAL A 16 9.73 4.28 11.19
C VAL A 16 8.29 4.66 10.84
N ALA A 17 7.51 3.65 10.44
CA ALA A 17 6.16 3.89 9.93
C ALA A 17 5.17 2.93 10.57
N ASN A 18 3.89 3.31 10.53
CA ASN A 18 2.81 2.39 10.89
C ASN A 18 1.72 2.39 9.82
N TRP A 19 0.93 1.33 9.79
CA TRP A 19 -0.12 1.19 8.79
C TRP A 19 -1.12 2.33 8.87
N ARG A 20 -1.33 2.83 10.08
CA ARG A 20 -2.17 4.01 10.29
C ARG A 20 -1.51 5.25 9.69
N ASN A 21 -0.22 5.42 9.98
CA ASN A 21 0.53 6.57 9.47
C ASN A 21 0.63 6.52 7.95
N ILE A 22 0.82 5.32 7.41
CA ILE A 22 0.97 5.14 5.97
C ILE A 22 -0.30 5.53 5.23
N THR A 23 -1.45 5.13 5.77
CA THR A 23 -2.73 5.48 5.19
C THR A 23 -2.94 6.99 5.17
N GLU A 24 -2.59 7.64 6.28
CA GLU A 24 -2.69 9.09 6.37
C GLU A 24 -1.70 9.77 5.43
N ALA A 25 -0.47 9.25 5.41
CA ALA A 25 0.57 9.82 4.56
C ALA A 25 0.23 9.66 3.09
N LEU A 26 -0.27 8.48 2.72
CA LEU A 26 -0.60 8.19 1.33
C LEU A 26 -1.75 9.06 0.85
N LEU A 27 -2.75 9.24 1.71
CA LEU A 27 -3.92 10.04 1.35
C LEU A 27 -3.54 11.51 1.15
N LYS A 28 -2.86 12.07 2.14
CA LYS A 28 -2.56 13.50 2.13
C LYS A 28 -1.62 13.87 0.99
N GLN A 29 -0.62 13.03 0.78
CA GLN A 29 0.47 13.36 -0.14
C GLN A 29 0.04 13.16 -1.59
N HIS A 30 -0.85 12.19 -1.81
CA HIS A 30 -1.18 11.76 -3.16
C HIS A 30 -2.68 11.95 -3.43
N ASN A 31 -3.43 12.27 -2.38
CA ASN A 31 -4.87 12.48 -2.51
C ASN A 31 -5.56 11.22 -3.02
N VAL A 32 -5.14 10.07 -2.50
CA VAL A 32 -5.77 8.80 -2.85
C VAL A 32 -6.24 8.06 -1.59
N HIS A 33 -7.34 7.33 -1.72
CA HIS A 33 -7.89 6.59 -0.60
C HIS A 33 -7.56 5.10 -0.71
N ALA A 34 -6.95 4.55 0.34
CA ALA A 34 -6.60 3.14 0.36
C ALA A 34 -7.55 2.35 1.23
N PRO A 35 -8.37 1.50 0.60
CA PRO A 35 -9.33 0.63 1.30
C PRO A 35 -8.64 -0.35 2.24
N TYR A 36 -7.36 -0.60 2.00
CA TYR A 36 -6.61 -1.56 2.78
C TYR A 36 -5.17 -1.11 2.98
N CYS A 37 -4.70 -1.19 4.22
CA CYS A 37 -3.30 -0.90 4.53
C CYS A 37 -2.79 -1.78 5.66
N ARG A 38 -1.66 -2.45 5.42
CA ARG A 38 -1.03 -3.25 6.46
C ARG A 38 0.47 -3.01 6.50
N PHE A 39 1.02 -2.96 7.71
CA PHE A 39 2.45 -2.74 7.89
C PHE A 39 3.03 -3.73 8.90
N GLY A 40 4.15 -4.35 8.54
CA GLY A 40 4.89 -5.16 9.50
C GLY A 40 5.96 -4.36 10.23
N LYS A 41 7.16 -4.93 10.32
CA LYS A 41 8.24 -4.29 11.05
C LYS A 41 8.99 -3.30 10.15
N LEU A 42 9.34 -3.76 8.94
CA LEU A 42 10.16 -2.96 8.05
C LEU A 42 9.50 -2.79 6.69
N GLU A 43 8.39 -3.50 6.49
CA GLU A 43 7.71 -3.53 5.20
C GLU A 43 6.21 -3.69 5.37
N GLY A 44 5.45 -3.33 4.34
CA GLY A 44 4.00 -3.41 4.42
C GLY A 44 3.35 -3.33 3.05
N ASN A 45 2.02 -3.39 3.03
CA ASN A 45 1.27 -3.34 1.78
C ASN A 45 0.07 -2.42 1.89
N PHE A 46 -0.42 -1.96 0.75
CA PHE A 46 -1.69 -1.21 0.70
C PHE A 46 -2.39 -1.42 -0.63
N ALA A 47 -3.67 -1.08 -0.68
CA ALA A 47 -4.47 -1.26 -1.88
C ALA A 47 -5.16 0.03 -2.29
N LEU A 48 -5.41 0.19 -3.58
CA LEU A 48 -6.21 1.30 -4.07
C LEU A 48 -7.36 0.80 -4.94
N ASN A 49 -8.44 1.58 -4.99
CA ASN A 49 -9.62 1.19 -5.76
C ASN A 49 -9.37 1.35 -7.25
N LYS A 50 -9.80 0.35 -8.02
CA LYS A 50 -9.62 0.36 -9.47
C LYS A 50 -10.25 1.60 -10.09
N ASP A 51 -11.39 2.01 -9.53
CA ASP A 51 -12.06 3.23 -9.97
C ASP A 51 -11.28 4.47 -9.52
N LYS A 52 -10.58 4.35 -8.40
CA LYS A 52 -9.81 5.45 -7.85
C LYS A 52 -8.32 5.24 -8.07
N THR A 53 -7.98 4.31 -8.95
CA THR A 53 -6.59 4.11 -9.36
C THR A 53 -6.39 4.50 -10.81
N SER A 54 -5.43 5.40 -11.05
CA SER A 54 -5.08 5.81 -12.41
C SER A 54 -3.63 5.44 -12.72
N GLN A 55 -3.35 5.18 -13.99
CA GLN A 55 -2.00 4.84 -14.43
C GLN A 55 -1.04 5.97 -14.09
N GLU A 56 -1.49 7.21 -14.27
CA GLU A 56 -0.66 8.38 -14.00
C GLU A 56 -0.32 8.48 -12.51
N VAL A 57 -1.30 8.13 -11.68
CA VAL A 57 -1.07 8.08 -10.23
C VAL A 57 -0.07 7.01 -9.86
N ILE A 58 -0.19 5.85 -10.50
CA ILE A 58 0.70 4.73 -10.21
C ILE A 58 2.14 5.07 -10.57
N ASP A 59 2.34 5.66 -11.74
CA ASP A 59 3.67 6.06 -12.19
C ASP A 59 4.26 7.11 -11.26
N GLN A 60 3.44 8.09 -10.87
CA GLN A 60 3.86 9.10 -9.91
C GLN A 60 4.13 8.48 -8.54
N LEU A 61 3.25 7.59 -8.12
CA LEU A 61 3.32 7.02 -6.78
C LEU A 61 4.58 6.19 -6.62
N VAL A 62 4.86 5.34 -7.61
CA VAL A 62 6.01 4.45 -7.55
C VAL A 62 7.31 5.23 -7.61
N GLN A 63 7.36 6.22 -8.50
CA GLN A 63 8.58 7.00 -8.72
C GLN A 63 8.94 7.79 -7.47
N ASP A 64 7.95 8.44 -6.87
CA ASP A 64 8.19 9.30 -5.72
C ASP A 64 8.06 8.52 -4.42
N GLY A 65 7.50 7.32 -4.51
CA GLY A 65 7.22 6.53 -3.32
C GLY A 65 6.37 7.29 -2.32
N LEU A 66 6.66 7.10 -1.04
CA LEU A 66 5.95 7.80 0.02
C LEU A 66 6.93 8.35 1.06
N GLN A 67 6.77 9.61 1.41
CA GLN A 67 7.75 10.32 2.21
C GLN A 67 7.36 10.30 3.69
N PHE A 68 8.30 9.91 4.54
CA PHE A 68 8.10 9.98 5.99
C PHE A 68 9.24 10.75 6.66
N GLY A 69 9.11 12.07 6.69
CA GLY A 69 10.15 12.90 7.27
C GLY A 69 11.42 12.89 6.45
N GLU A 70 12.52 12.46 7.06
CA GLU A 70 13.79 12.39 6.35
C GLU A 70 14.03 10.99 5.78
N SER A 71 13.05 10.11 5.98
CA SER A 71 13.13 8.76 5.44
C SER A 71 12.20 8.59 4.24
N LYS A 72 12.55 7.66 3.36
CA LYS A 72 11.77 7.39 2.16
C LYS A 72 11.31 5.94 2.12
N VAL A 73 10.04 5.72 1.78
CA VAL A 73 9.50 4.38 1.65
C VAL A 73 9.16 4.06 0.20
N THR A 74 9.72 2.97 -0.31
CA THR A 74 9.54 2.61 -1.71
C THR A 74 8.22 1.88 -1.94
N ILE A 75 7.70 1.97 -3.16
CA ILE A 75 6.42 1.38 -3.49
C ILE A 75 6.53 0.50 -4.74
N LYS A 76 5.91 -0.68 -4.69
CA LYS A 76 5.91 -1.60 -5.81
C LYS A 76 4.49 -2.03 -6.16
N VAL A 77 4.22 -2.18 -7.45
CA VAL A 77 2.89 -2.54 -7.92
C VAL A 77 2.75 -4.06 -8.07
N SER A 78 1.70 -4.61 -7.46
CA SER A 78 1.38 -6.02 -7.61
C SER A 78 0.44 -6.25 -8.79
N GLU A 79 0.83 -7.13 -9.69
CA GLU A 79 0.04 -7.38 -10.90
C GLU A 79 -0.69 -8.73 -10.81
N GLY A 80 -1.51 -9.02 -11.81
CA GLY A 80 -2.39 -10.16 -11.74
C GLY A 80 -1.76 -11.34 -11.04
N GLU A 81 -0.58 -11.73 -11.48
CA GLU A 81 0.11 -12.89 -10.92
C GLU A 81 0.45 -12.66 -9.45
N ALA A 82 0.98 -11.49 -9.14
CA ALA A 82 1.30 -11.12 -7.77
C ALA A 82 0.04 -11.08 -6.91
N LEU A 83 -1.04 -10.57 -7.49
CA LEU A 83 -2.29 -10.40 -6.75
C LEU A 83 -2.84 -11.75 -6.29
N SER A 84 -2.79 -12.73 -7.17
CA SER A 84 -3.25 -14.09 -6.84
C SER A 84 -2.41 -14.68 -5.71
N LYS A 85 -1.10 -14.49 -5.80
CA LYS A 85 -0.19 -15.01 -4.79
C LYS A 85 -0.40 -14.30 -3.45
N PHE A 86 -0.56 -12.98 -3.50
CA PHE A 86 -0.71 -12.18 -2.30
C PHE A 86 -1.98 -12.57 -1.54
N TRP A 87 -3.08 -12.68 -2.26
CA TRP A 87 -4.37 -12.97 -1.64
C TRP A 87 -4.38 -14.38 -1.04
N GLU A 88 -3.73 -15.31 -1.72
CA GLU A 88 -3.67 -16.69 -1.26
C GLU A 88 -2.88 -16.80 0.03
N LEU A 89 -1.71 -16.16 0.07
CA LEU A 89 -0.82 -16.24 1.22
C LEU A 89 -1.30 -15.35 2.34
N HIS A 90 -1.81 -14.17 1.99
CA HIS A 90 -2.13 -13.13 2.98
C HIS A 90 -3.63 -12.87 3.00
N GLY A 91 -4.41 -13.83 2.51
CA GLY A 91 -5.84 -13.65 2.44
C GLY A 91 -6.46 -13.33 3.79
N ARG A 92 -5.99 -14.02 4.83
CA ARG A 92 -6.51 -13.83 6.17
C ARG A 92 -6.15 -12.43 6.69
N HIS A 93 -4.96 -11.97 6.35
CA HIS A 93 -4.53 -10.62 6.73
C HIS A 93 -5.41 -9.57 6.06
N TYR A 94 -5.67 -9.76 4.77
CA TYR A 94 -6.44 -8.79 4.00
C TYR A 94 -7.84 -8.62 4.57
N ASN A 95 -8.49 -9.75 4.87
CA ASN A 95 -9.83 -9.74 5.43
C ASN A 95 -9.84 -9.07 6.81
N GLY A 96 -8.83 -9.40 7.62
CA GLY A 96 -8.77 -8.88 8.97
C GLY A 96 -8.61 -7.38 9.01
N VAL A 97 -7.76 -6.85 8.12
CA VAL A 97 -7.51 -5.41 8.07
C VAL A 97 -8.74 -4.66 7.58
N MET A 98 -9.43 -5.23 6.60
CA MET A 98 -10.64 -4.62 6.06
C MET A 98 -11.74 -4.55 7.12
N GLU A 99 -11.83 -5.59 7.93
CA GLU A 99 -12.76 -5.60 9.06
C GLU A 99 -12.32 -4.61 10.13
N LEU A 100 -11.01 -4.53 10.36
CA LEU A 100 -10.48 -3.65 11.39
C LEU A 100 -10.84 -2.20 11.13
N THR A 1 -18.57 -5.07 -4.55
CA THR A 1 -17.96 -5.19 -5.87
C THR A 1 -16.56 -4.59 -5.88
N PHE A 2 -16.02 -4.33 -4.70
CA PHE A 2 -14.72 -3.67 -4.58
C PHE A 2 -13.61 -4.54 -5.14
N GLN A 3 -12.79 -3.96 -6.00
CA GLN A 3 -11.61 -4.65 -6.52
C GLN A 3 -10.34 -3.86 -6.24
N PRO A 4 -9.50 -4.39 -5.33
CA PRO A 4 -8.28 -3.71 -4.89
C PRO A 4 -7.12 -3.94 -5.85
N ILE A 5 -6.18 -3.00 -5.87
CA ILE A 5 -4.81 -3.30 -6.29
C ILE A 5 -3.86 -3.27 -5.10
N ILE A 6 -2.99 -4.28 -5.03
CA ILE A 6 -2.14 -4.47 -3.86
C ILE A 6 -0.78 -3.85 -4.07
N PHE A 7 -0.32 -3.08 -3.08
CA PHE A 7 1.01 -2.48 -3.13
C PHE A 7 1.86 -2.94 -1.95
N SER A 8 3.17 -3.03 -2.17
CA SER A 8 4.10 -3.37 -1.10
C SER A 8 5.01 -2.19 -0.78
N THR A 9 5.43 -2.10 0.47
CA THR A 9 6.30 -1.01 0.92
C THR A 9 7.55 -1.53 1.61
N ALA A 10 8.63 -0.79 1.51
CA ALA A 10 9.85 -1.10 2.24
C ALA A 10 10.60 0.16 2.63
N CYS A 11 11.23 0.15 3.80
CA CYS A 11 11.98 1.30 4.29
C CYS A 11 13.41 0.90 4.68
N GLU A 12 14.28 1.90 4.78
CA GLU A 12 15.66 1.66 5.18
C GLU A 12 15.81 1.74 6.70
N GLN A 13 14.79 2.27 7.36
CA GLN A 13 14.85 2.50 8.79
C GLN A 13 13.67 1.85 9.50
N GLU A 14 13.97 0.98 10.46
CA GLU A 14 12.93 0.24 11.18
C GLU A 14 12.13 1.18 12.09
N GLY A 15 10.81 1.01 12.09
CA GLY A 15 9.97 1.77 12.98
C GLY A 15 9.75 3.19 12.51
N VAL A 16 10.29 3.51 11.34
CA VAL A 16 10.21 4.87 10.80
C VAL A 16 8.77 5.24 10.44
N ALA A 17 7.97 4.22 10.13
CA ALA A 17 6.59 4.44 9.74
C ALA A 17 5.67 3.37 10.33
N ASN A 18 4.38 3.66 10.37
CA ASN A 18 3.37 2.66 10.70
C ASN A 18 2.13 2.83 9.84
N TRP A 19 1.22 1.86 9.93
CA TRP A 19 0.08 1.80 9.02
C TRP A 19 -0.80 3.03 9.17
N ARG A 20 -0.84 3.58 10.39
CA ARG A 20 -1.61 4.79 10.65
C ARG A 20 -1.01 5.99 9.91
N ASN A 21 0.30 6.15 10.04
CA ASN A 21 1.01 7.24 9.37
C ASN A 21 0.94 7.08 7.85
N ILE A 22 1.06 5.83 7.39
CA ILE A 22 1.06 5.54 5.96
C ILE A 22 -0.27 5.90 5.32
N THR A 23 -1.36 5.54 6.00
CA THR A 23 -2.70 5.83 5.51
C THR A 23 -2.93 7.32 5.39
N GLU A 24 -2.50 8.07 6.41
CA GLU A 24 -2.63 9.52 6.39
C GLU A 24 -1.70 10.13 5.35
N ALA A 25 -0.47 9.64 5.29
CA ALA A 25 0.53 10.14 4.34
C ALA A 25 0.09 9.86 2.90
N LEU A 26 -0.38 8.64 2.66
CA LEU A 26 -0.77 8.22 1.32
C LEU A 26 -1.97 9.02 0.83
N LEU A 27 -2.95 9.23 1.72
CA LEU A 27 -4.15 9.96 1.36
C LEU A 27 -3.84 11.41 1.02
N LYS A 28 -3.11 12.08 1.90
CA LYS A 28 -2.86 13.52 1.76
C LYS A 28 -1.99 13.79 0.53
N GLN A 29 -0.97 12.96 0.35
CA GLN A 29 0.06 13.24 -0.65
C GLN A 29 -0.43 12.89 -2.05
N HIS A 30 -1.29 11.88 -2.14
CA HIS A 30 -1.68 11.32 -3.43
C HIS A 30 -3.19 11.42 -3.63
N ASN A 31 -3.89 11.83 -2.58
CA ASN A 31 -5.34 12.01 -2.65
C ASN A 31 -6.03 10.70 -3.01
N VAL A 32 -5.56 9.60 -2.41
CA VAL A 32 -6.18 8.30 -2.61
C VAL A 32 -6.57 7.66 -1.28
N HIS A 33 -7.65 6.89 -1.29
CA HIS A 33 -8.16 6.27 -0.07
C HIS A 33 -7.82 4.78 -0.05
N ALA A 34 -7.13 4.36 1.01
CA ALA A 34 -6.76 2.96 1.17
C ALA A 34 -7.70 2.27 2.15
N PRO A 35 -8.38 1.20 1.67
CA PRO A 35 -9.25 0.38 2.50
C PRO A 35 -8.48 -0.58 3.39
N TYR A 36 -7.21 -0.78 3.08
CA TYR A 36 -6.38 -1.72 3.82
C TYR A 36 -4.93 -1.24 3.87
N CYS A 37 -4.38 -1.17 5.09
CA CYS A 37 -2.97 -0.85 5.27
C CYS A 37 -2.40 -1.58 6.48
N ARG A 38 -1.31 -2.30 6.26
CA ARG A 38 -0.57 -2.93 7.35
C ARG A 38 0.93 -2.72 7.19
N PHE A 39 1.61 -2.46 8.31
CA PHE A 39 3.05 -2.22 8.29
C PHE A 39 3.73 -2.99 9.42
N GLY A 40 4.81 -3.69 9.08
CA GLY A 40 5.63 -4.33 10.09
C GLY A 40 6.77 -3.45 10.56
N LYS A 41 7.94 -4.05 10.76
CA LYS A 41 9.10 -3.32 11.26
C LYS A 41 9.83 -2.61 10.13
N LEU A 42 10.07 -3.33 9.03
CA LEU A 42 10.91 -2.84 7.96
C LEU A 42 10.15 -2.78 6.64
N GLU A 43 8.94 -3.33 6.64
CA GLU A 43 8.16 -3.46 5.42
C GLU A 43 6.67 -3.51 5.72
N GLY A 44 5.85 -3.25 4.70
CA GLY A 44 4.41 -3.31 4.87
C GLY A 44 3.68 -3.38 3.55
N ASN A 45 2.35 -3.36 3.61
CA ASN A 45 1.53 -3.43 2.40
C ASN A 45 0.32 -2.52 2.51
N PHE A 46 -0.23 -2.13 1.36
CA PHE A 46 -1.49 -1.40 1.33
C PHE A 46 -2.21 -1.62 0.00
N ALA A 47 -3.49 -1.28 -0.04
CA ALA A 47 -4.30 -1.47 -1.24
C ALA A 47 -5.00 -0.18 -1.64
N LEU A 48 -5.29 -0.05 -2.93
CA LEU A 48 -6.13 1.04 -3.41
C LEU A 48 -7.18 0.53 -4.40
N ASN A 49 -8.29 1.24 -4.50
CA ASN A 49 -9.39 0.83 -5.38
C ASN A 49 -9.01 1.00 -6.84
N LYS A 50 -9.37 0.02 -7.66
CA LYS A 50 -9.19 0.12 -9.11
C LYS A 50 -9.93 1.32 -9.66
N ASP A 51 -11.09 1.62 -9.08
CA ASP A 51 -11.85 2.80 -9.45
C ASP A 51 -11.14 4.08 -9.01
N LYS A 52 -10.43 4.00 -7.89
CA LYS A 52 -9.72 5.15 -7.34
C LYS A 52 -8.22 5.00 -7.56
N THR A 53 -7.83 4.07 -8.43
CA THR A 53 -6.44 3.95 -8.85
C THR A 53 -6.30 4.16 -10.35
N SER A 54 -5.46 5.10 -10.74
CA SER A 54 -5.16 5.33 -12.15
C SER A 54 -3.73 4.90 -12.48
N GLN A 55 -3.50 4.57 -13.75
CA GLN A 55 -2.18 4.18 -14.21
C GLN A 55 -1.15 5.26 -13.91
N GLU A 56 -1.55 6.52 -14.10
CA GLU A 56 -0.67 7.66 -13.84
C GLU A 56 -0.33 7.76 -12.36
N VAL A 57 -1.32 7.46 -11.52
CA VAL A 57 -1.09 7.42 -10.07
C VAL A 57 -0.10 6.33 -9.69
N ILE A 58 -0.26 5.16 -10.30
CA ILE A 58 0.59 4.01 -10.00
C ILE A 58 2.04 4.31 -10.36
N ASP A 59 2.24 4.87 -11.55
CA ASP A 59 3.59 5.20 -12.02
C ASP A 59 4.24 6.25 -11.12
N GLN A 60 3.48 7.27 -10.77
CA GLN A 60 3.95 8.30 -9.86
C GLN A 60 4.19 7.72 -8.46
N LEU A 61 3.25 6.90 -8.01
CA LEU A 61 3.30 6.37 -6.64
C LEU A 61 4.53 5.48 -6.44
N VAL A 62 4.78 4.60 -7.41
CA VAL A 62 5.90 3.67 -7.32
C VAL A 62 7.23 4.42 -7.44
N GLN A 63 7.29 5.35 -8.39
CA GLN A 63 8.52 6.08 -8.66
C GLN A 63 8.91 6.96 -7.48
N ASP A 64 7.94 7.69 -6.95
CA ASP A 64 8.20 8.66 -5.90
C ASP A 64 8.04 8.02 -4.52
N GLY A 65 7.44 6.84 -4.48
CA GLY A 65 7.14 6.20 -3.21
C GLY A 65 6.29 7.07 -2.31
N LEU A 66 6.57 7.01 -1.01
CA LEU A 66 5.84 7.82 -0.04
C LEU A 66 6.81 8.47 0.95
N GLN A 67 6.64 9.77 1.15
CA GLN A 67 7.61 10.56 1.90
C GLN A 67 7.20 10.69 3.36
N PHE A 68 8.14 10.43 4.27
CA PHE A 68 7.90 10.63 5.69
C PHE A 68 9.00 11.52 6.30
N GLY A 69 8.82 12.83 6.17
CA GLY A 69 9.82 13.77 6.65
C GLY A 69 11.09 13.71 5.83
N GLU A 70 12.20 13.38 6.48
CA GLU A 70 13.49 13.28 5.80
C GLU A 70 13.77 11.83 5.40
N SER A 71 12.81 10.94 5.68
CA SER A 71 12.94 9.54 5.30
C SER A 71 12.02 9.22 4.11
N LYS A 72 12.40 8.21 3.34
CA LYS A 72 11.63 7.83 2.16
C LYS A 72 11.28 6.34 2.21
N VAL A 73 10.01 6.03 1.92
CA VAL A 73 9.56 4.65 1.86
C VAL A 73 9.19 4.25 0.44
N THR A 74 9.80 3.16 -0.04
CA THR A 74 9.60 2.72 -1.42
C THR A 74 8.30 1.95 -1.57
N ILE A 75 7.74 1.98 -2.78
CA ILE A 75 6.48 1.31 -3.05
C ILE A 75 6.59 0.40 -4.28
N LYS A 76 5.97 -0.76 -4.19
CA LYS A 76 5.90 -1.67 -5.34
C LYS A 76 4.45 -2.07 -5.62
N VAL A 77 4.10 -2.11 -6.91
CA VAL A 77 2.74 -2.44 -7.32
C VAL A 77 2.60 -3.90 -7.69
N SER A 78 1.59 -4.56 -7.12
CA SER A 78 1.33 -5.96 -7.43
C SER A 78 0.38 -6.07 -8.63
N GLU A 79 0.78 -6.88 -9.62
CA GLU A 79 0.00 -7.04 -10.83
C GLU A 79 -0.71 -8.40 -10.84
N GLY A 80 -1.51 -8.63 -11.87
CA GLY A 80 -2.38 -9.79 -11.89
C GLY A 80 -1.73 -11.01 -11.26
N GLU A 81 -0.52 -11.34 -11.72
CA GLU A 81 0.18 -12.53 -11.24
C GLU A 81 0.49 -12.41 -9.76
N ALA A 82 1.03 -11.26 -9.35
CA ALA A 82 1.33 -11.01 -7.96
C ALA A 82 0.07 -11.05 -7.11
N LEU A 83 -1.01 -10.50 -7.64
CA LEU A 83 -2.27 -10.41 -6.90
C LEU A 83 -2.82 -11.81 -6.60
N SER A 84 -2.74 -12.69 -7.57
CA SER A 84 -3.21 -14.07 -7.40
C SER A 84 -2.41 -14.77 -6.30
N LYS A 85 -1.09 -14.56 -6.29
CA LYS A 85 -0.23 -15.11 -5.25
C LYS A 85 -0.56 -14.51 -3.89
N PHE A 86 -0.81 -13.20 -3.88
CA PHE A 86 -1.16 -12.51 -2.64
C PHE A 86 -2.45 -13.07 -2.06
N TRP A 87 -3.45 -13.26 -2.91
CA TRP A 87 -4.77 -13.72 -2.47
C TRP A 87 -4.68 -15.11 -1.87
N GLU A 88 -3.84 -15.95 -2.45
CA GLU A 88 -3.68 -17.33 -1.98
C GLU A 88 -3.00 -17.36 -0.61
N LEU A 89 -1.92 -16.59 -0.47
CA LEU A 89 -1.09 -16.65 0.73
C LEU A 89 -1.67 -15.77 1.83
N HIS A 90 -2.15 -14.58 1.44
CA HIS A 90 -2.52 -13.56 2.42
C HIS A 90 -4.01 -13.25 2.33
N GLY A 91 -4.75 -14.10 1.63
CA GLY A 91 -6.16 -13.84 1.41
C GLY A 91 -6.93 -13.69 2.70
N ARG A 92 -6.69 -14.58 3.65
CA ARG A 92 -7.39 -14.56 4.93
C ARG A 92 -6.98 -13.35 5.76
N HIS A 93 -5.69 -13.00 5.69
CA HIS A 93 -5.18 -11.83 6.38
C HIS A 93 -5.80 -10.55 5.83
N TYR A 94 -5.84 -10.44 4.50
CA TYR A 94 -6.35 -9.24 3.85
C TYR A 94 -7.82 -9.03 4.18
N ASN A 95 -8.60 -10.10 4.10
CA ASN A 95 -10.04 -10.03 4.36
C ASN A 95 -10.31 -9.63 5.81
N GLY A 96 -9.54 -10.20 6.72
CA GLY A 96 -9.74 -9.94 8.14
C GLY A 96 -9.50 -8.49 8.50
N VAL A 97 -8.45 -7.91 7.94
CA VAL A 97 -8.11 -6.51 8.20
C VAL A 97 -9.09 -5.57 7.52
N MET A 98 -9.43 -5.87 6.28
CA MET A 98 -10.29 -5.00 5.48
C MET A 98 -11.68 -4.92 6.08
N GLU A 99 -12.16 -6.04 6.61
CA GLU A 99 -13.49 -6.11 7.20
C GLU A 99 -13.59 -5.20 8.42
N LEU A 100 -12.51 -5.10 9.17
CA LEU A 100 -12.51 -4.34 10.42
C LEU A 100 -12.28 -2.86 10.14
N THR A 1 -18.19 -6.65 -4.25
CA THR A 1 -17.66 -6.96 -5.58
C THR A 1 -16.32 -6.26 -5.80
N PHE A 2 -15.77 -5.69 -4.73
CA PHE A 2 -14.56 -4.88 -4.84
C PHE A 2 -13.34 -5.76 -5.15
N GLN A 3 -12.58 -5.36 -6.16
CA GLN A 3 -11.29 -6.00 -6.44
C GLN A 3 -10.15 -5.01 -6.27
N PRO A 4 -9.39 -5.15 -5.17
CA PRO A 4 -8.33 -4.21 -4.82
C PRO A 4 -7.08 -4.39 -5.67
N ILE A 5 -6.32 -3.32 -5.83
CA ILE A 5 -4.94 -3.42 -6.29
C ILE A 5 -3.96 -3.33 -5.12
N ILE A 6 -3.01 -4.26 -5.07
CA ILE A 6 -2.14 -4.40 -3.92
C ILE A 6 -0.77 -3.77 -4.17
N PHE A 7 -0.29 -3.01 -3.20
CA PHE A 7 1.04 -2.41 -3.28
C PHE A 7 1.91 -2.86 -2.10
N SER A 8 3.21 -2.97 -2.35
CA SER A 8 4.16 -3.33 -1.30
C SER A 8 5.07 -2.15 -0.98
N THR A 9 5.49 -2.06 0.28
CA THR A 9 6.36 -0.98 0.73
C THR A 9 7.59 -1.53 1.44
N ALA A 10 8.69 -0.80 1.37
CA ALA A 10 9.90 -1.13 2.12
C ALA A 10 10.61 0.14 2.59
N CYS A 11 11.10 0.11 3.83
CA CYS A 11 11.79 1.25 4.40
C CYS A 11 13.29 0.99 4.52
N GLU A 12 14.08 2.06 4.54
CA GLU A 12 15.51 1.95 4.81
C GLU A 12 15.79 2.00 6.31
N GLN A 13 14.79 2.43 7.08
CA GLN A 13 14.95 2.58 8.52
C GLN A 13 13.82 1.89 9.28
N GLU A 14 14.18 1.14 10.30
CA GLU A 14 13.19 0.41 11.09
C GLU A 14 12.42 1.35 12.02
N GLY A 15 11.11 1.17 12.09
CA GLY A 15 10.30 1.96 13.00
C GLY A 15 10.04 3.35 12.49
N VAL A 16 10.51 3.63 11.28
CA VAL A 16 10.41 4.97 10.69
C VAL A 16 8.96 5.29 10.34
N ALA A 17 8.17 4.26 10.06
CA ALA A 17 6.79 4.44 9.63
C ALA A 17 5.90 3.33 10.18
N ASN A 18 4.60 3.58 10.21
CA ASN A 18 3.63 2.54 10.53
C ASN A 18 2.37 2.70 9.67
N TRP A 19 1.48 1.71 9.74
CA TRP A 19 0.34 1.65 8.85
C TRP A 19 -0.56 2.86 9.02
N ARG A 20 -0.62 3.38 10.24
CA ARG A 20 -1.40 4.58 10.52
C ARG A 20 -0.80 5.80 9.80
N ASN A 21 0.51 5.97 9.93
CA ASN A 21 1.20 7.08 9.28
C ASN A 21 1.13 6.93 7.76
N ILE A 22 1.26 5.70 7.28
CA ILE A 22 1.27 5.44 5.85
C ILE A 22 -0.07 5.79 5.22
N THR A 23 -1.16 5.41 5.88
CA THR A 23 -2.49 5.70 5.39
C THR A 23 -2.74 7.21 5.31
N GLU A 24 -2.33 7.92 6.36
CA GLU A 24 -2.48 9.38 6.38
C GLU A 24 -1.56 10.04 5.37
N ALA A 25 -0.31 9.57 5.31
CA ALA A 25 0.67 10.11 4.39
C ALA A 25 0.25 9.88 2.94
N LEU A 26 -0.20 8.67 2.64
CA LEU A 26 -0.57 8.30 1.28
C LEU A 26 -1.79 9.10 0.82
N LEU A 27 -2.76 9.26 1.70
CA LEU A 27 -3.98 9.99 1.38
C LEU A 27 -3.67 11.45 1.07
N LYS A 28 -2.94 12.11 1.97
CA LYS A 28 -2.68 13.53 1.85
C LYS A 28 -1.83 13.84 0.63
N GLN A 29 -0.81 13.02 0.41
CA GLN A 29 0.20 13.32 -0.59
C GLN A 29 -0.30 13.02 -2.00
N HIS A 30 -1.16 12.02 -2.11
CA HIS A 30 -1.57 11.50 -3.41
C HIS A 30 -3.08 11.63 -3.59
N ASN A 31 -3.77 11.99 -2.52
CA ASN A 31 -5.23 12.15 -2.56
C ASN A 31 -5.91 10.85 -2.95
N VAL A 32 -5.43 9.75 -2.37
CA VAL A 32 -6.04 8.44 -2.60
C VAL A 32 -6.43 7.78 -1.28
N HIS A 33 -7.50 7.02 -1.30
CA HIS A 33 -7.99 6.34 -0.10
C HIS A 33 -7.62 4.87 -0.11
N ALA A 34 -6.93 4.41 0.93
CA ALA A 34 -6.56 3.01 1.06
C ALA A 34 -7.51 2.29 2.02
N PRO A 35 -8.23 1.27 1.49
CA PRO A 35 -9.15 0.46 2.28
C PRO A 35 -8.41 -0.52 3.20
N TYR A 36 -7.14 -0.75 2.90
CA TYR A 36 -6.34 -1.70 3.66
C TYR A 36 -4.87 -1.25 3.72
N CYS A 37 -4.34 -1.17 4.92
CA CYS A 37 -2.92 -0.89 5.11
C CYS A 37 -2.38 -1.59 6.36
N ARG A 38 -1.31 -2.35 6.19
CA ARG A 38 -0.62 -2.97 7.32
C ARG A 38 0.90 -2.85 7.16
N PHE A 39 1.58 -2.59 8.26
CA PHE A 39 3.03 -2.40 8.23
C PHE A 39 3.71 -3.23 9.31
N GLY A 40 4.78 -3.92 8.93
CA GLY A 40 5.57 -4.66 9.91
C GLY A 40 6.66 -3.82 10.53
N LYS A 41 7.86 -4.38 10.62
CA LYS A 41 8.97 -3.68 11.25
C LYS A 41 9.69 -2.77 10.26
N LEU A 42 9.99 -3.30 9.08
CA LEU A 42 10.77 -2.57 8.09
C LEU A 42 10.03 -2.51 6.75
N GLU A 43 8.93 -3.24 6.65
CA GLU A 43 8.20 -3.35 5.40
C GLU A 43 6.70 -3.53 5.65
N GLY A 44 5.89 -3.25 4.63
CA GLY A 44 4.46 -3.36 4.78
C GLY A 44 3.74 -3.36 3.44
N ASN A 45 2.41 -3.42 3.48
CA ASN A 45 1.62 -3.45 2.26
C ASN A 45 0.39 -2.55 2.40
N PHE A 46 -0.15 -2.13 1.26
CA PHE A 46 -1.41 -1.39 1.25
C PHE A 46 -2.15 -1.60 -0.08
N ALA A 47 -3.43 -1.25 -0.09
CA ALA A 47 -4.25 -1.39 -1.29
C ALA A 47 -4.92 -0.06 -1.66
N LEU A 48 -5.26 0.09 -2.93
CA LEU A 48 -6.05 1.22 -3.37
C LEU A 48 -7.23 0.77 -4.23
N ASN A 49 -8.26 1.60 -4.30
CA ASN A 49 -9.48 1.24 -5.02
C ASN A 49 -9.30 1.46 -6.52
N LYS A 50 -9.82 0.53 -7.30
CA LYS A 50 -9.72 0.61 -8.76
C LYS A 50 -10.34 1.90 -9.28
N ASP A 51 -11.44 2.31 -8.66
CA ASP A 51 -12.10 3.56 -9.01
C ASP A 51 -11.25 4.76 -8.60
N LYS A 52 -10.51 4.60 -7.51
CA LYS A 52 -9.66 5.66 -6.99
C LYS A 52 -8.18 5.38 -7.27
N THR A 53 -7.93 4.45 -8.18
CA THR A 53 -6.58 4.21 -8.66
C THR A 53 -6.47 4.52 -10.15
N SER A 54 -5.53 5.40 -10.50
CA SER A 54 -5.24 5.71 -11.89
C SER A 54 -3.82 5.31 -12.27
N GLN A 55 -3.62 5.00 -13.54
CA GLN A 55 -2.30 4.64 -14.04
C GLN A 55 -1.29 5.76 -13.80
N GLU A 56 -1.74 6.99 -13.99
CA GLU A 56 -0.87 8.15 -13.80
C GLU A 56 -0.47 8.30 -12.34
N VAL A 57 -1.39 7.99 -11.44
CA VAL A 57 -1.10 7.99 -10.01
C VAL A 57 -0.08 6.90 -9.66
N ILE A 58 -0.25 5.73 -10.24
CA ILE A 58 0.63 4.60 -9.96
C ILE A 58 2.06 4.90 -10.38
N ASP A 59 2.21 5.46 -11.58
CA ASP A 59 3.53 5.80 -12.10
C ASP A 59 4.22 6.83 -11.22
N GLN A 60 3.47 7.85 -10.80
CA GLN A 60 3.98 8.83 -9.86
C GLN A 60 4.26 8.19 -8.50
N LEU A 61 3.36 7.33 -8.06
CA LEU A 61 3.45 6.74 -6.72
C LEU A 61 4.72 5.90 -6.58
N VAL A 62 4.99 5.08 -7.59
CA VAL A 62 6.17 4.21 -7.57
C VAL A 62 7.45 5.03 -7.66
N GLN A 63 7.45 6.02 -8.54
CA GLN A 63 8.65 6.82 -8.79
C GLN A 63 9.02 7.63 -7.55
N ASP A 64 8.03 8.28 -6.95
CA ASP A 64 8.26 9.15 -5.81
C ASP A 64 8.13 8.39 -4.50
N GLY A 65 7.55 7.19 -4.56
CA GLY A 65 7.27 6.44 -3.36
C GLY A 65 6.39 7.20 -2.39
N LEU A 66 6.71 7.10 -1.10
CA LEU A 66 5.98 7.83 -0.07
C LEU A 66 6.94 8.51 0.90
N GLN A 67 6.75 9.81 1.11
CA GLN A 67 7.72 10.61 1.85
C GLN A 67 7.36 10.70 3.32
N PHE A 68 8.33 10.41 4.17
CA PHE A 68 8.17 10.58 5.61
C PHE A 68 9.28 11.45 6.19
N GLY A 69 9.11 12.76 6.11
CA GLY A 69 10.13 13.68 6.56
C GLY A 69 11.37 13.64 5.69
N GLU A 70 12.51 13.30 6.29
CA GLU A 70 13.76 13.20 5.56
C GLU A 70 14.03 11.78 5.11
N SER A 71 13.09 10.89 5.41
CA SER A 71 13.20 9.48 5.00
C SER A 71 12.27 9.17 3.84
N LYS A 72 12.64 8.19 3.04
CA LYS A 72 11.84 7.80 1.88
C LYS A 72 11.46 6.33 1.92
N VAL A 73 10.21 6.02 1.65
CA VAL A 73 9.74 4.65 1.61
C VAL A 73 9.35 4.24 0.19
N THR A 74 9.93 3.13 -0.28
CA THR A 74 9.73 2.70 -1.66
C THR A 74 8.43 1.93 -1.82
N ILE A 75 7.86 1.98 -3.01
CA ILE A 75 6.58 1.33 -3.28
C ILE A 75 6.67 0.42 -4.50
N LYS A 76 6.08 -0.76 -4.39
CA LYS A 76 6.06 -1.72 -5.50
C LYS A 76 4.63 -2.14 -5.82
N VAL A 77 4.32 -2.27 -7.11
CA VAL A 77 2.97 -2.62 -7.55
C VAL A 77 2.83 -4.13 -7.71
N SER A 78 1.80 -4.69 -7.09
CA SER A 78 1.48 -6.11 -7.26
C SER A 78 0.56 -6.32 -8.46
N GLU A 79 0.98 -7.18 -9.38
CA GLU A 79 0.22 -7.42 -10.60
C GLU A 79 -0.46 -8.80 -10.56
N GLY A 80 -1.23 -9.10 -11.60
CA GLY A 80 -2.05 -10.29 -11.58
C GLY A 80 -1.38 -11.45 -10.88
N GLU A 81 -0.15 -11.76 -11.30
CA GLU A 81 0.57 -12.90 -10.74
C GLU A 81 0.86 -12.69 -9.25
N ALA A 82 1.34 -11.50 -8.91
CA ALA A 82 1.61 -11.15 -7.51
C ALA A 82 0.32 -11.17 -6.69
N LEU A 83 -0.77 -10.69 -7.28
CA LEU A 83 -2.04 -10.61 -6.59
C LEU A 83 -2.56 -12.00 -6.23
N SER A 84 -2.41 -12.94 -7.15
CA SER A 84 -2.84 -14.31 -6.92
C SER A 84 -2.07 -14.94 -5.77
N LYS A 85 -0.76 -14.68 -5.73
CA LYS A 85 0.08 -15.18 -4.64
C LYS A 85 -0.28 -14.51 -3.32
N PHE A 86 -0.51 -13.21 -3.36
CA PHE A 86 -0.85 -12.45 -2.17
C PHE A 86 -2.19 -12.92 -1.58
N TRP A 87 -3.17 -13.08 -2.45
CA TRP A 87 -4.51 -13.48 -2.02
C TRP A 87 -4.50 -14.89 -1.44
N GLU A 88 -3.67 -15.76 -2.01
CA GLU A 88 -3.58 -17.14 -1.55
C GLU A 88 -3.00 -17.22 -0.15
N LEU A 89 -1.93 -16.47 0.09
CA LEU A 89 -1.22 -16.53 1.37
C LEU A 89 -1.93 -15.67 2.41
N HIS A 90 -2.42 -14.51 1.99
CA HIS A 90 -2.90 -13.51 2.92
C HIS A 90 -4.38 -13.24 2.71
N GLY A 91 -5.04 -14.09 1.92
CA GLY A 91 -6.43 -13.87 1.58
C GLY A 91 -7.32 -13.77 2.80
N ARG A 92 -7.12 -14.68 3.75
CA ARG A 92 -7.95 -14.71 4.95
C ARG A 92 -7.69 -13.49 5.83
N HIS A 93 -6.42 -13.10 5.90
CA HIS A 93 -6.04 -11.90 6.64
C HIS A 93 -6.66 -10.65 6.01
N TYR A 94 -6.53 -10.55 4.69
CA TYR A 94 -7.04 -9.39 3.97
C TYR A 94 -8.55 -9.28 4.10
N ASN A 95 -9.24 -10.41 3.94
CA ASN A 95 -10.69 -10.43 4.02
C ASN A 95 -11.18 -10.00 5.41
N GLY A 96 -10.48 -10.46 6.43
CA GLY A 96 -10.87 -10.14 7.80
C GLY A 96 -10.80 -8.65 8.07
N VAL A 97 -9.76 -7.99 7.56
CA VAL A 97 -9.60 -6.55 7.72
C VAL A 97 -10.67 -5.79 6.94
N MET A 98 -10.95 -6.27 5.72
CA MET A 98 -11.93 -5.62 4.86
C MET A 98 -13.32 -5.68 5.46
N GLU A 99 -13.62 -6.79 6.15
CA GLU A 99 -14.91 -6.97 6.79
C GLU A 99 -15.11 -5.93 7.90
N LEU A 100 -14.03 -5.62 8.61
CA LEU A 100 -14.08 -4.61 9.65
C LEU A 100 -14.35 -3.23 9.06
N THR A 1 -16.11 -9.09 -2.51
CA THR A 1 -15.89 -9.62 -3.85
C THR A 1 -14.96 -8.72 -4.65
N PHE A 2 -14.63 -7.56 -4.08
CA PHE A 2 -13.81 -6.58 -4.77
C PHE A 2 -12.33 -6.88 -4.60
N GLN A 3 -11.60 -6.88 -5.71
CA GLN A 3 -10.14 -7.06 -5.66
C GLN A 3 -9.43 -5.82 -6.15
N PRO A 4 -9.05 -4.94 -5.22
CA PRO A 4 -8.35 -3.68 -5.54
C PRO A 4 -6.91 -3.92 -5.98
N ILE A 5 -6.38 -2.99 -6.74
CA ILE A 5 -4.98 -3.06 -7.18
C ILE A 5 -4.03 -3.00 -5.99
N ILE A 6 -3.06 -3.90 -5.96
CA ILE A 6 -2.21 -4.08 -4.80
C ILE A 6 -0.86 -3.39 -5.00
N PHE A 7 -0.40 -2.69 -3.96
CA PHE A 7 0.93 -2.09 -3.97
C PHE A 7 1.75 -2.58 -2.78
N SER A 8 3.06 -2.71 -2.99
CA SER A 8 3.96 -3.14 -1.92
C SER A 8 4.89 -2.00 -1.51
N THR A 9 5.25 -1.97 -0.22
CA THR A 9 6.14 -0.94 0.29
C THR A 9 7.30 -1.57 1.07
N ALA A 10 8.43 -0.88 1.09
CA ALA A 10 9.58 -1.30 1.90
C ALA A 10 10.30 -0.09 2.48
N CYS A 11 10.72 -0.22 3.74
CA CYS A 11 11.45 0.86 4.40
C CYS A 11 12.93 0.49 4.58
N GLU A 12 13.77 1.50 4.67
CA GLU A 12 15.19 1.29 4.95
C GLU A 12 15.44 1.23 6.45
N GLN A 13 14.50 1.77 7.23
CA GLN A 13 14.65 1.83 8.67
C GLN A 13 13.37 1.42 9.38
N GLU A 14 13.50 0.76 10.52
CA GLU A 14 12.35 0.31 11.29
C GLU A 14 11.73 1.47 12.08
N GLY A 15 10.42 1.46 12.23
CA GLY A 15 9.76 2.38 13.13
C GLY A 15 9.46 3.71 12.47
N VAL A 16 9.79 3.83 11.19
CA VAL A 16 9.57 5.07 10.46
C VAL A 16 8.13 5.20 10.00
N ALA A 17 7.45 4.06 9.85
CA ALA A 17 6.10 4.04 9.31
C ALA A 17 5.29 2.90 9.91
N ASN A 18 3.97 3.08 9.94
CA ASN A 18 3.06 1.98 10.23
C ASN A 18 1.76 2.12 9.44
N TRP A 19 0.90 1.12 9.56
CA TRP A 19 -0.29 1.04 8.71
C TRP A 19 -1.14 2.29 8.86
N ARG A 20 -1.24 2.81 10.08
CA ARG A 20 -2.02 4.01 10.34
C ARG A 20 -1.36 5.24 9.71
N ASN A 21 -0.05 5.37 9.91
CA ASN A 21 0.70 6.49 9.36
C ASN A 21 0.69 6.45 7.83
N ILE A 22 0.81 5.25 7.29
CA ILE A 22 0.88 5.08 5.84
C ILE A 22 -0.43 5.51 5.17
N THR A 23 -1.55 5.15 5.78
CA THR A 23 -2.86 5.52 5.27
C THR A 23 -3.03 7.03 5.26
N GLU A 24 -2.62 7.68 6.35
CA GLU A 24 -2.69 9.13 6.45
C GLU A 24 -1.71 9.80 5.49
N ALA A 25 -0.48 9.28 5.45
CA ALA A 25 0.55 9.81 4.58
C ALA A 25 0.17 9.64 3.11
N LEU A 26 -0.33 8.46 2.76
CA LEU A 26 -0.67 8.15 1.39
C LEU A 26 -1.82 9.03 0.91
N LEU A 27 -2.83 9.22 1.76
CA LEU A 27 -3.99 10.03 1.42
C LEU A 27 -3.60 11.48 1.20
N LYS A 28 -2.89 12.05 2.17
CA LYS A 28 -2.57 13.47 2.15
C LYS A 28 -1.65 13.81 0.99
N GLN A 29 -0.65 12.96 0.77
CA GLN A 29 0.43 13.27 -0.17
C GLN A 29 -0.03 13.05 -1.61
N HIS A 30 -0.92 12.08 -1.81
CA HIS A 30 -1.29 11.63 -3.15
C HIS A 30 -2.78 11.84 -3.40
N ASN A 31 -3.51 12.17 -2.34
CA ASN A 31 -4.95 12.40 -2.44
C ASN A 31 -5.66 11.15 -2.94
N VAL A 32 -5.24 9.99 -2.42
CA VAL A 32 -5.88 8.72 -2.77
C VAL A 32 -6.34 7.99 -1.51
N HIS A 33 -7.42 7.23 -1.63
CA HIS A 33 -7.95 6.47 -0.51
C HIS A 33 -7.64 4.98 -0.67
N ALA A 34 -7.02 4.39 0.35
CA ALA A 34 -6.64 2.99 0.32
C ALA A 34 -7.60 2.16 1.17
N PRO A 35 -8.41 1.32 0.51
CA PRO A 35 -9.35 0.42 1.20
C PRO A 35 -8.63 -0.58 2.11
N TYR A 36 -7.34 -0.79 1.85
CA TYR A 36 -6.56 -1.75 2.61
C TYR A 36 -5.13 -1.27 2.80
N CYS A 37 -4.64 -1.36 4.04
CA CYS A 37 -3.25 -1.06 4.32
C CYS A 37 -2.74 -1.90 5.48
N ARG A 38 -1.62 -2.58 5.28
CA ARG A 38 -0.99 -3.37 6.34
C ARG A 38 0.53 -3.13 6.36
N PHE A 39 1.08 -3.05 7.56
CA PHE A 39 2.53 -2.88 7.72
C PHE A 39 3.08 -3.89 8.72
N GLY A 40 4.19 -4.54 8.34
CA GLY A 40 4.88 -5.42 9.25
C GLY A 40 5.97 -4.70 10.03
N LYS A 41 7.15 -5.30 10.06
CA LYS A 41 8.27 -4.76 10.84
C LYS A 41 9.01 -3.69 10.03
N LEU A 42 9.34 -4.02 8.79
CA LEU A 42 10.14 -3.13 7.95
C LEU A 42 9.48 -2.90 6.60
N GLU A 43 8.40 -3.63 6.36
CA GLU A 43 7.74 -3.59 5.05
C GLU A 43 6.22 -3.74 5.20
N GLY A 44 5.48 -3.34 4.18
CA GLY A 44 4.04 -3.41 4.23
C GLY A 44 3.40 -3.31 2.86
N ASN A 45 2.07 -3.36 2.82
CA ASN A 45 1.34 -3.30 1.56
C ASN A 45 0.12 -2.39 1.68
N PHE A 46 -0.37 -1.91 0.55
CA PHE A 46 -1.64 -1.18 0.50
C PHE A 46 -2.32 -1.37 -0.86
N ALA A 47 -3.62 -1.09 -0.90
CA ALA A 47 -4.39 -1.24 -2.12
C ALA A 47 -5.16 0.03 -2.45
N LEU A 48 -5.43 0.25 -3.73
CA LEU A 48 -6.27 1.35 -4.16
C LEU A 48 -7.39 0.87 -5.07
N ASN A 49 -8.51 1.60 -5.07
CA ASN A 49 -9.68 1.21 -5.86
C ASN A 49 -9.41 1.43 -7.35
N LYS A 50 -9.92 0.52 -8.16
CA LYS A 50 -9.76 0.61 -9.61
C LYS A 50 -10.33 1.92 -10.14
N ASP A 51 -11.44 2.35 -9.55
CA ASP A 51 -12.05 3.63 -9.91
C ASP A 51 -11.23 4.79 -9.35
N LYS A 52 -10.54 4.54 -8.24
CA LYS A 52 -9.76 5.58 -7.58
C LYS A 52 -8.27 5.38 -7.83
N THR A 53 -7.94 4.53 -8.79
CA THR A 53 -6.56 4.37 -9.25
C THR A 53 -6.40 4.86 -10.68
N SER A 54 -5.46 5.78 -10.87
CA SER A 54 -5.16 6.30 -12.20
C SER A 54 -3.75 5.90 -12.63
N GLN A 55 -3.52 5.86 -13.94
CA GLN A 55 -2.20 5.56 -14.47
C GLN A 55 -1.16 6.54 -13.94
N GLU A 56 -1.54 7.81 -13.87
CA GLU A 56 -0.64 8.86 -13.39
C GLU A 56 -0.30 8.64 -11.91
N VAL A 57 -1.28 8.18 -11.14
CA VAL A 57 -1.07 7.88 -9.74
C VAL A 57 -0.08 6.73 -9.55
N ILE A 58 -0.25 5.69 -10.35
CA ILE A 58 0.60 4.51 -10.25
C ILE A 58 2.06 4.85 -10.52
N ASP A 59 2.29 5.59 -11.60
CA ASP A 59 3.64 6.03 -11.95
C ASP A 59 4.18 6.98 -10.87
N GLN A 60 3.32 7.84 -10.35
CA GLN A 60 3.70 8.79 -9.32
C GLN A 60 4.13 8.06 -8.04
N LEU A 61 3.35 7.04 -7.67
CA LEU A 61 3.59 6.31 -6.43
C LEU A 61 4.95 5.64 -6.44
N VAL A 62 5.28 4.99 -7.55
CA VAL A 62 6.54 4.27 -7.69
C VAL A 62 7.72 5.23 -7.72
N GLN A 63 7.57 6.31 -8.48
CA GLN A 63 8.67 7.26 -8.67
C GLN A 63 8.97 8.01 -7.38
N ASP A 64 7.93 8.50 -6.73
CA ASP A 64 8.09 9.36 -5.56
C ASP A 64 8.07 8.54 -4.28
N GLY A 65 7.57 7.31 -4.37
CA GLY A 65 7.34 6.50 -3.18
C GLY A 65 6.44 7.19 -2.18
N LEU A 66 6.74 6.99 -0.90
CA LEU A 66 5.98 7.64 0.16
C LEU A 66 6.91 8.19 1.24
N GLN A 67 6.75 9.47 1.56
CA GLN A 67 7.72 10.17 2.40
C GLN A 67 7.25 10.19 3.85
N PHE A 68 8.15 9.83 4.76
CA PHE A 68 7.89 9.95 6.18
C PHE A 68 9.01 10.74 6.88
N GLY A 69 8.87 12.06 6.90
CA GLY A 69 9.92 12.91 7.43
C GLY A 69 11.17 12.90 6.57
N GLU A 70 12.28 12.47 7.15
CA GLU A 70 13.54 12.39 6.43
C GLU A 70 13.75 10.98 5.86
N SER A 71 12.79 10.10 6.12
CA SER A 71 12.85 8.74 5.60
C SER A 71 11.97 8.60 4.36
N LYS A 72 12.42 7.79 3.41
CA LYS A 72 11.67 7.55 2.17
C LYS A 72 11.33 6.08 2.01
N VAL A 73 10.07 5.80 1.71
CA VAL A 73 9.60 4.43 1.57
C VAL A 73 9.25 4.11 0.12
N THR A 74 9.85 3.05 -0.40
CA THR A 74 9.70 2.69 -1.81
C THR A 74 8.37 1.99 -2.04
N ILE A 75 7.78 2.21 -3.22
CA ILE A 75 6.51 1.58 -3.58
C ILE A 75 6.66 0.71 -4.83
N LYS A 76 6.06 -0.47 -4.79
CA LYS A 76 6.09 -1.38 -5.93
C LYS A 76 4.68 -1.80 -6.33
N VAL A 77 4.43 -1.92 -7.62
CA VAL A 77 3.11 -2.27 -8.14
C VAL A 77 2.96 -3.79 -8.24
N SER A 78 1.97 -4.33 -7.54
CA SER A 78 1.67 -5.76 -7.61
C SER A 78 0.59 -6.04 -8.66
N GLU A 79 0.86 -7.00 -9.54
CA GLU A 79 -0.03 -7.29 -10.66
C GLU A 79 -0.96 -8.46 -10.32
N GLY A 80 -1.89 -8.74 -11.23
CA GLY A 80 -2.89 -9.75 -10.97
C GLY A 80 -2.29 -11.03 -10.43
N GLU A 81 -1.16 -11.44 -11.00
CA GLU A 81 -0.48 -12.66 -10.56
C GLU A 81 0.01 -12.51 -9.13
N ALA A 82 0.63 -11.37 -8.83
CA ALA A 82 1.06 -11.07 -7.47
C ALA A 82 -0.13 -10.99 -6.51
N LEU A 83 -1.23 -10.43 -7.00
CA LEU A 83 -2.42 -10.25 -6.17
C LEU A 83 -2.99 -11.60 -5.75
N SER A 84 -3.03 -12.54 -6.69
CA SER A 84 -3.55 -13.88 -6.42
C SER A 84 -2.69 -14.58 -5.37
N LYS A 85 -1.38 -14.47 -5.53
CA LYS A 85 -0.44 -15.09 -4.60
C LYS A 85 -0.54 -14.44 -3.21
N PHE A 86 -0.63 -13.12 -3.19
CA PHE A 86 -0.69 -12.38 -1.94
C PHE A 86 -1.93 -12.75 -1.13
N TRP A 87 -3.07 -12.79 -1.81
CA TRP A 87 -4.35 -13.05 -1.15
C TRP A 87 -4.40 -14.48 -0.61
N GLU A 88 -3.80 -15.41 -1.33
CA GLU A 88 -3.78 -16.80 -0.92
C GLU A 88 -2.95 -16.98 0.35
N LEU A 89 -1.79 -16.35 0.39
CA LEU A 89 -0.89 -16.47 1.54
C LEU A 89 -1.37 -15.59 2.69
N HIS A 90 -1.87 -14.41 2.36
CA HIS A 90 -2.17 -13.40 3.37
C HIS A 90 -3.66 -13.06 3.36
N GLY A 91 -4.48 -14.01 2.91
CA GLY A 91 -5.90 -13.77 2.78
C GLY A 91 -6.53 -13.35 4.10
N ARG A 92 -6.12 -14.02 5.18
CA ARG A 92 -6.69 -13.73 6.50
C ARG A 92 -6.30 -12.34 6.97
N HIS A 93 -5.08 -11.93 6.64
CA HIS A 93 -4.62 -10.58 6.98
C HIS A 93 -5.43 -9.52 6.24
N TYR A 94 -5.66 -9.75 4.95
CA TYR A 94 -6.40 -8.80 4.13
C TYR A 94 -7.83 -8.63 4.66
N ASN A 95 -8.48 -9.73 4.97
CA ASN A 95 -9.85 -9.70 5.47
C ASN A 95 -9.93 -8.97 6.80
N GLY A 96 -8.96 -9.23 7.67
CA GLY A 96 -8.96 -8.61 8.98
C GLY A 96 -8.80 -7.10 8.92
N VAL A 97 -7.90 -6.64 8.05
CA VAL A 97 -7.65 -5.21 7.90
C VAL A 97 -8.85 -4.50 7.30
N MET A 98 -9.48 -5.15 6.32
CA MET A 98 -10.66 -4.58 5.67
C MET A 98 -11.81 -4.47 6.65
N GLU A 99 -11.93 -5.44 7.55
CA GLU A 99 -12.98 -5.43 8.56
C GLU A 99 -12.79 -4.27 9.53
N LEU A 100 -11.54 -4.02 9.91
CA LEU A 100 -11.22 -2.99 10.87
C LEU A 100 -11.61 -1.61 10.34
N THR A 1 -17.80 -7.84 -3.96
CA THR A 1 -17.33 -8.02 -5.33
C THR A 1 -16.15 -7.10 -5.63
N PHE A 2 -15.67 -6.41 -4.60
CA PHE A 2 -14.61 -5.42 -4.78
C PHE A 2 -13.28 -6.10 -5.12
N GLN A 3 -12.64 -5.62 -6.19
CA GLN A 3 -11.31 -6.10 -6.55
C GLN A 3 -10.30 -4.96 -6.50
N PRO A 4 -9.48 -4.94 -5.44
CA PRO A 4 -8.48 -3.89 -5.22
C PRO A 4 -7.24 -4.08 -6.08
N ILE A 5 -6.52 -2.98 -6.33
CA ILE A 5 -5.15 -3.06 -6.79
C ILE A 5 -4.16 -2.98 -5.63
N ILE A 6 -3.20 -3.91 -5.60
CA ILE A 6 -2.34 -4.07 -4.44
C ILE A 6 -0.97 -3.44 -4.69
N PHE A 7 -0.48 -2.71 -3.69
CA PHE A 7 0.87 -2.14 -3.77
C PHE A 7 1.72 -2.62 -2.59
N SER A 8 3.02 -2.76 -2.83
CA SER A 8 3.95 -3.17 -1.78
C SER A 8 4.89 -2.02 -1.42
N THR A 9 5.29 -1.97 -0.16
CA THR A 9 6.19 -0.93 0.32
C THR A 9 7.38 -1.53 1.08
N ALA A 10 8.50 -0.83 1.05
CA ALA A 10 9.66 -1.22 1.83
C ALA A 10 10.40 0.01 2.37
N CYS A 11 10.85 -0.08 3.62
CA CYS A 11 11.56 1.03 4.25
C CYS A 11 13.04 0.73 4.38
N GLU A 12 13.85 1.77 4.48
CA GLU A 12 15.28 1.62 4.72
C GLU A 12 15.58 1.57 6.22
N GLN A 13 14.61 1.99 7.02
CA GLN A 13 14.79 2.07 8.46
C GLN A 13 13.66 1.36 9.20
N GLU A 14 14.02 0.55 10.19
CA GLU A 14 13.03 -0.21 10.94
C GLU A 14 12.23 0.70 11.88
N GLY A 15 10.92 0.50 11.91
CA GLY A 15 10.08 1.24 12.83
C GLY A 15 9.85 2.67 12.39
N VAL A 16 10.34 3.01 11.20
CA VAL A 16 10.26 4.38 10.71
C VAL A 16 8.81 4.76 10.39
N ALA A 17 8.01 3.75 10.06
CA ALA A 17 6.63 3.99 9.66
C ALA A 17 5.72 2.87 10.15
N ASN A 18 4.41 3.15 10.19
CA ASN A 18 3.42 2.12 10.46
C ASN A 18 2.17 2.34 9.60
N TRP A 19 1.27 1.37 9.64
CA TRP A 19 0.12 1.37 8.73
C TRP A 19 -0.75 2.59 8.95
N ARG A 20 -0.80 3.07 10.18
CA ARG A 20 -1.55 4.28 10.50
C ARG A 20 -0.92 5.51 9.83
N ASN A 21 0.40 5.64 9.98
CA ASN A 21 1.12 6.76 9.38
C ASN A 21 1.07 6.68 7.85
N ILE A 22 1.16 5.47 7.33
CA ILE A 22 1.19 5.26 5.89
C ILE A 22 -0.15 5.67 5.26
N THR A 23 -1.24 5.32 5.90
CA THR A 23 -2.57 5.67 5.42
C THR A 23 -2.74 7.19 5.38
N GLU A 24 -2.29 7.86 6.43
CA GLU A 24 -2.37 9.32 6.49
C GLU A 24 -1.43 9.95 5.46
N ALA A 25 -0.21 9.43 5.38
CA ALA A 25 0.78 9.93 4.43
C ALA A 25 0.31 9.72 2.99
N LEU A 26 -0.22 8.53 2.70
CA LEU A 26 -0.64 8.17 1.36
C LEU A 26 -1.80 9.05 0.90
N LEU A 27 -2.75 9.28 1.80
CA LEU A 27 -3.93 10.07 1.49
C LEU A 27 -3.55 11.53 1.20
N LYS A 28 -2.81 12.12 2.14
CA LYS A 28 -2.50 13.54 2.08
C LYS A 28 -1.60 13.85 0.88
N GLN A 29 -0.61 13.00 0.65
CA GLN A 29 0.45 13.28 -0.31
C GLN A 29 -0.04 13.03 -1.74
N HIS A 30 -0.93 12.05 -1.89
CA HIS A 30 -1.33 11.58 -3.21
C HIS A 30 -2.83 11.78 -3.42
N ASN A 31 -3.53 12.15 -2.37
CA ASN A 31 -4.97 12.39 -2.44
C ASN A 31 -5.70 11.12 -2.89
N VAL A 32 -5.29 9.98 -2.36
CA VAL A 32 -5.95 8.72 -2.65
C VAL A 32 -6.38 8.02 -1.37
N HIS A 33 -7.48 7.27 -1.45
CA HIS A 33 -8.03 6.58 -0.29
C HIS A 33 -7.75 5.08 -0.36
N ALA A 34 -7.09 4.55 0.66
CA ALA A 34 -6.80 3.12 0.72
C ALA A 34 -7.80 2.39 1.60
N PRO A 35 -8.46 1.37 1.02
CA PRO A 35 -9.40 0.52 1.76
C PRO A 35 -8.69 -0.45 2.69
N TYR A 36 -7.41 -0.69 2.43
CA TYR A 36 -6.63 -1.63 3.22
C TYR A 36 -5.17 -1.19 3.33
N CYS A 37 -4.65 -1.19 4.54
CA CYS A 37 -3.23 -0.90 4.77
C CYS A 37 -2.68 -1.73 5.92
N ARG A 38 -1.56 -2.41 5.67
CA ARG A 38 -0.88 -3.17 6.72
C ARG A 38 0.64 -2.98 6.61
N PHE A 39 1.29 -2.85 7.76
CA PHE A 39 2.73 -2.68 7.81
C PHE A 39 3.36 -3.62 8.84
N GLY A 40 4.43 -4.30 8.44
CA GLY A 40 5.18 -5.11 9.38
C GLY A 40 6.26 -4.33 10.10
N LYS A 41 7.46 -4.91 10.17
CA LYS A 41 8.57 -4.27 10.88
C LYS A 41 9.30 -3.29 9.98
N LEU A 42 9.63 -3.72 8.77
CA LEU A 42 10.44 -2.92 7.86
C LEU A 42 9.73 -2.76 6.51
N GLU A 43 8.64 -3.48 6.34
CA GLU A 43 7.94 -3.51 5.05
C GLU A 43 6.44 -3.68 5.26
N GLY A 44 5.66 -3.32 4.24
CA GLY A 44 4.22 -3.41 4.34
C GLY A 44 3.54 -3.29 2.99
N ASN A 45 2.20 -3.32 3.00
CA ASN A 45 1.43 -3.26 1.76
C ASN A 45 0.23 -2.32 1.91
N PHE A 46 -0.28 -1.84 0.80
CA PHE A 46 -1.53 -1.09 0.78
C PHE A 46 -2.27 -1.28 -0.54
N ALA A 47 -3.56 -0.96 -0.54
CA ALA A 47 -4.39 -1.12 -1.72
C ALA A 47 -5.07 0.18 -2.11
N LEU A 48 -5.45 0.30 -3.37
CA LEU A 48 -6.31 1.39 -3.81
C LEU A 48 -7.45 0.88 -4.70
N ASN A 49 -8.56 1.60 -4.70
CA ASN A 49 -9.73 1.20 -5.49
C ASN A 49 -9.47 1.40 -6.99
N LYS A 50 -9.99 0.48 -7.79
CA LYS A 50 -9.83 0.56 -9.23
C LYS A 50 -10.42 1.87 -9.77
N ASP A 51 -11.53 2.30 -9.20
CA ASP A 51 -12.15 3.56 -9.56
C ASP A 51 -11.32 4.74 -9.05
N LYS A 52 -10.62 4.52 -7.93
CA LYS A 52 -9.82 5.57 -7.31
C LYS A 52 -8.33 5.35 -7.58
N THR A 53 -8.03 4.47 -8.52
CA THR A 53 -6.65 4.32 -8.99
C THR A 53 -6.52 4.76 -10.44
N SER A 54 -5.60 5.69 -10.69
CA SER A 54 -5.33 6.16 -12.04
C SER A 54 -3.93 5.75 -12.49
N GLN A 55 -3.73 5.68 -13.80
CA GLN A 55 -2.42 5.37 -14.36
C GLN A 55 -1.36 6.35 -13.87
N GLU A 56 -1.74 7.62 -13.80
CA GLU A 56 -0.83 8.67 -13.36
C GLU A 56 -0.46 8.47 -11.88
N VAL A 57 -1.43 8.04 -11.09
CA VAL A 57 -1.21 7.76 -9.68
C VAL A 57 -0.22 6.60 -9.49
N ILE A 58 -0.40 5.55 -10.28
CA ILE A 58 0.42 4.36 -10.17
C ILE A 58 1.88 4.68 -10.48
N ASP A 59 2.10 5.40 -11.57
CA ASP A 59 3.45 5.83 -11.94
C ASP A 59 4.02 6.79 -10.89
N GLN A 60 3.17 7.66 -10.37
CA GLN A 60 3.59 8.61 -9.35
C GLN A 60 4.02 7.90 -8.08
N LEU A 61 3.24 6.91 -7.68
CA LEU A 61 3.50 6.18 -6.43
C LEU A 61 4.85 5.49 -6.46
N VAL A 62 5.13 4.81 -7.57
CA VAL A 62 6.38 4.06 -7.72
C VAL A 62 7.58 5.00 -7.79
N GLN A 63 7.44 6.06 -8.59
CA GLN A 63 8.55 6.98 -8.83
C GLN A 63 8.89 7.76 -7.56
N ASP A 64 7.87 8.30 -6.90
CA ASP A 64 8.07 9.19 -5.76
C ASP A 64 8.06 8.41 -4.45
N GLY A 65 7.55 7.18 -4.51
CA GLY A 65 7.33 6.41 -3.30
C GLY A 65 6.45 7.15 -2.30
N LEU A 66 6.77 7.01 -1.02
CA LEU A 66 6.05 7.72 0.03
C LEU A 66 7.01 8.35 1.03
N GLN A 67 6.78 9.61 1.34
CA GLN A 67 7.75 10.41 2.11
C GLN A 67 7.39 10.41 3.59
N PHE A 68 8.37 10.08 4.43
CA PHE A 68 8.21 10.23 5.88
C PHE A 68 9.36 11.03 6.48
N GLY A 69 9.22 12.35 6.45
CA GLY A 69 10.30 13.21 6.92
C GLY A 69 11.51 13.16 6.02
N GLU A 70 12.65 12.75 6.59
CA GLU A 70 13.89 12.64 5.82
C GLU A 70 14.08 11.22 5.30
N SER A 71 13.12 10.35 5.61
CA SER A 71 13.15 8.97 5.13
C SER A 71 12.22 8.78 3.95
N LYS A 72 12.62 7.92 3.01
CA LYS A 72 11.82 7.64 1.83
C LYS A 72 11.45 6.17 1.76
N VAL A 73 10.18 5.89 1.50
CA VAL A 73 9.69 4.52 1.41
C VAL A 73 9.30 4.17 -0.02
N THR A 74 9.87 3.08 -0.55
CA THR A 74 9.66 2.70 -1.94
C THR A 74 8.33 1.99 -2.11
N ILE A 75 7.71 2.19 -3.27
CA ILE A 75 6.43 1.55 -3.58
C ILE A 75 6.54 0.67 -4.81
N LYS A 76 5.94 -0.52 -4.75
CA LYS A 76 5.95 -1.44 -5.88
C LYS A 76 4.53 -1.90 -6.23
N VAL A 77 4.25 -2.02 -7.52
CA VAL A 77 2.94 -2.46 -7.97
C VAL A 77 2.85 -3.98 -8.02
N SER A 78 1.83 -4.52 -7.36
CA SER A 78 1.59 -5.96 -7.39
C SER A 78 0.69 -6.34 -8.55
N GLU A 79 1.16 -7.25 -9.38
CA GLU A 79 0.43 -7.65 -10.59
C GLU A 79 -0.10 -9.08 -10.46
N GLY A 80 -0.82 -9.53 -11.48
CA GLY A 80 -1.52 -10.80 -11.38
C GLY A 80 -0.76 -11.83 -10.56
N GLU A 81 0.50 -12.05 -10.92
CA GLU A 81 1.32 -13.05 -10.25
C GLU A 81 1.53 -12.70 -8.78
N ALA A 82 1.89 -11.44 -8.53
CA ALA A 82 2.06 -10.95 -7.17
C ALA A 82 0.75 -11.02 -6.39
N LEU A 83 -0.35 -10.71 -7.06
CA LEU A 83 -1.66 -10.69 -6.41
C LEU A 83 -2.04 -12.08 -5.90
N SER A 84 -1.78 -13.09 -6.72
CA SER A 84 -2.07 -14.47 -6.34
C SER A 84 -1.27 -14.89 -5.10
N LYS A 85 -0.01 -14.49 -5.06
CA LYS A 85 0.84 -14.74 -3.91
C LYS A 85 0.35 -13.95 -2.69
N PHE A 86 -0.04 -12.69 -2.93
CA PHE A 86 -0.53 -11.83 -1.86
C PHE A 86 -1.80 -12.40 -1.24
N TRP A 87 -2.73 -12.82 -2.10
CA TRP A 87 -4.02 -13.30 -1.64
C TRP A 87 -3.87 -14.58 -0.83
N GLU A 88 -2.94 -15.43 -1.24
CA GLU A 88 -2.70 -16.70 -0.55
C GLU A 88 -2.11 -16.45 0.84
N LEU A 89 -1.12 -15.57 0.91
CA LEU A 89 -0.37 -15.35 2.14
C LEU A 89 -1.14 -14.42 3.08
N HIS A 90 -1.75 -13.38 2.50
CA HIS A 90 -2.32 -12.29 3.29
C HIS A 90 -3.84 -12.26 3.14
N GLY A 91 -4.39 -13.29 2.51
CA GLY A 91 -5.81 -13.32 2.25
C GLY A 91 -6.65 -13.20 3.51
N ARG A 92 -6.23 -13.92 4.56
CA ARG A 92 -6.98 -13.93 5.81
C ARG A 92 -6.90 -12.56 6.50
N HIS A 93 -5.74 -11.92 6.39
CA HIS A 93 -5.54 -10.59 6.97
C HIS A 93 -6.46 -9.57 6.28
N TYR A 94 -6.49 -9.61 4.95
CA TYR A 94 -7.32 -8.69 4.18
C TYR A 94 -8.79 -8.87 4.50
N ASN A 95 -9.24 -10.12 4.54
CA ASN A 95 -10.63 -10.42 4.80
C ASN A 95 -11.05 -9.96 6.20
N GLY A 96 -10.17 -10.17 7.17
CA GLY A 96 -10.47 -9.81 8.54
C GLY A 96 -10.69 -8.31 8.71
N VAL A 97 -9.84 -7.52 8.06
CA VAL A 97 -9.95 -6.07 8.12
C VAL A 97 -11.20 -5.58 7.40
N MET A 98 -11.47 -6.16 6.24
CA MET A 98 -12.62 -5.74 5.43
C MET A 98 -13.93 -6.08 6.14
N GLU A 99 -13.95 -7.21 6.83
CA GLU A 99 -15.15 -7.65 7.54
C GLU A 99 -15.48 -6.69 8.68
N LEU A 100 -14.45 -6.21 9.37
CA LEU A 100 -14.62 -5.26 10.47
C LEU A 100 -15.25 -3.96 9.97
#